data_9P6I
#
_entry.id   9P6I
#
_cell.length_a   86.211
_cell.length_b   86.211
_cell.length_c   212.636
_cell.angle_alpha   90.00
_cell.angle_beta   90.00
_cell.angle_gamma   120.00
#
_symmetry.space_group_name_H-M   'P 31'
#
loop_
_entity.id
_entity.type
_entity.pdbx_description
1 polymer 'histidine kinase'
2 non-polymer 'SULFATE ION'
3 non-polymer 'CHLORIDE ION'
4 water water
#
_entity_poly.entity_id   1
_entity_poly.type   'polypeptide(L)'
_entity_poly.pdbx_seq_one_letter_code
;SNA(MSE)(MSE)SSAVQEQHSHLDSLEDQVERYKQVLDV(MSE)PAGVILLDTQGIVREANPEAQRLLDVPLVGEKWYS
VIQIAFAPRDDDGHEISLRNGRKVRLAISASTTGQLILITDLTETRLLQSRISDLQRLSSLGR(MSE)VASLAHQVRTPL
SSA(MSE)LYAANLAAPNLPPATRERFQSKLVDRLHDLEKQVND(MSE)LLFAKGGDNKVV(MSE)PFSIGDLAAEF
(MSE)P(MSE)VETALKNNQIDYGQEVESEET(MSE)LLGNANALASALSNLV(MSE)NALQIAGKGSQIDVFFRPVNGE
LKISVQDNGPGVPESLQHKI(MSE)EPFFTTRSQGTGLGLAVVQ(MSE)VCRAHGGRLELISKEGEGACFT(MSE)CIPL
ERQADSSNSETGE
;
_entity_poly.pdbx_strand_id   A,B,C,D,E,F,G,H
#
loop_
_chem_comp.id
_chem_comp.type
_chem_comp.name
_chem_comp.formula
CL non-polymer 'CHLORIDE ION' 'Cl -1'
SO4 non-polymer 'SULFATE ION' 'O4 S -2'
#
# COMPACT_ATOMS: atom_id res chain seq x y z
N LEU A 16 41.91 39.50 -40.86
CA LEU A 16 41.83 40.97 -40.69
C LEU A 16 40.67 41.32 -39.75
N ASP A 17 39.47 40.83 -40.08
CA ASP A 17 38.29 41.07 -39.28
C ASP A 17 37.54 39.74 -39.11
N SER A 18 38.19 38.65 -39.51
CA SER A 18 37.59 37.32 -39.43
C SER A 18 37.70 36.76 -38.01
N LEU A 19 38.09 37.61 -37.05
CA LEU A 19 38.22 37.21 -35.66
C LEU A 19 37.01 37.69 -34.87
N GLU A 20 36.80 39.02 -34.85
CA GLU A 20 35.69 39.62 -34.13
C GLU A 20 34.38 38.90 -34.41
N ASP A 21 34.11 38.62 -35.70
CA ASP A 21 32.89 37.94 -36.09
C ASP A 21 32.91 36.49 -35.63
N GLN A 22 34.11 35.90 -35.55
CA GLN A 22 34.27 34.52 -35.14
C GLN A 22 34.26 34.42 -33.62
N VAL A 23 34.57 35.55 -32.94
CA VAL A 23 34.60 35.59 -31.50
C VAL A 23 33.15 35.62 -30.98
N GLU A 24 32.38 36.60 -31.45
CA GLU A 24 30.99 36.75 -31.04
C GLU A 24 30.22 35.46 -31.33
N ARG A 25 30.64 34.74 -32.37
CA ARG A 25 29.99 33.49 -32.76
C ARG A 25 30.23 32.45 -31.66
N TYR A 26 31.50 32.28 -31.27
CA TYR A 26 31.86 31.32 -30.23
C TYR A 26 31.47 31.87 -28.86
N LYS A 27 31.30 33.19 -28.75
CA LYS A 27 30.93 33.82 -27.50
C LYS A 27 29.53 33.36 -27.09
N GLN A 28 28.67 33.13 -28.09
CA GLN A 28 27.30 32.70 -27.86
C GLN A 28 27.25 31.20 -27.54
N VAL A 29 28.15 30.43 -28.16
CA VAL A 29 28.18 28.98 -27.96
C VAL A 29 28.22 28.66 -26.47
N LEU A 30 29.12 29.32 -25.72
CA LEU A 30 29.25 29.08 -24.29
C LEU A 30 28.08 29.69 -23.52
N ASP A 31 27.42 30.71 -24.10
CA ASP A 31 26.31 31.36 -23.43
C ASP A 31 25.12 30.42 -23.30
N VAL A 32 24.71 29.80 -24.41
CA VAL A 32 23.57 28.89 -24.41
C VAL A 32 24.04 27.44 -24.40
N MSE A 33 25.18 27.18 -23.76
CA MSE A 33 25.74 25.84 -23.69
C MSE A 33 25.06 25.04 -22.58
O MSE A 33 24.81 25.58 -21.50
CB MSE A 33 27.24 25.92 -23.43
CG MSE A 33 28.04 24.77 -24.01
SE MSE A 33 29.94 24.98 -23.60
CE MSE A 33 30.50 25.83 -25.26
N PRO A 34 24.76 23.74 -22.80
CA PRO A 34 24.12 22.90 -21.77
C PRO A 34 25.13 22.31 -20.77
N ALA A 35 26.41 22.69 -20.91
CA ALA A 35 27.47 22.21 -20.04
C ALA A 35 28.30 23.40 -19.54
N GLY A 36 28.75 23.30 -18.29
CA GLY A 36 29.56 24.35 -17.68
C GLY A 36 30.98 24.38 -18.22
N VAL A 37 31.59 25.57 -18.22
CA VAL A 37 32.95 25.76 -18.71
C VAL A 37 33.69 26.67 -17.72
N ILE A 38 34.74 26.11 -17.11
CA ILE A 38 35.58 26.82 -16.15
C ILE A 38 37.02 26.82 -16.67
N LEU A 39 37.64 28.01 -16.69
CA LEU A 39 39.01 28.15 -17.16
C LEU A 39 39.85 28.75 -16.03
N LEU A 40 40.76 27.93 -15.50
CA LEU A 40 41.65 28.31 -14.41
C LEU A 40 43.00 28.75 -14.96
N ASP A 41 43.91 29.13 -14.05
CA ASP A 41 45.26 29.54 -14.40
C ASP A 41 46.23 28.64 -13.65
N THR A 42 47.53 28.98 -13.68
CA THR A 42 48.55 28.19 -13.02
C THR A 42 48.32 28.15 -11.50
N GLN A 43 48.05 29.32 -10.90
CA GLN A 43 47.82 29.40 -9.47
C GLN A 43 46.52 28.67 -9.11
N GLY A 44 45.54 28.71 -10.02
CA GLY A 44 44.26 28.05 -9.80
C GLY A 44 43.15 29.03 -9.45
N ILE A 45 43.15 30.19 -10.11
CA ILE A 45 42.15 31.22 -9.88
C ILE A 45 41.14 31.17 -11.02
N VAL A 46 39.85 31.29 -10.68
CA VAL A 46 38.79 31.26 -11.68
C VAL A 46 38.88 32.56 -12.48
N ARG A 47 38.88 32.43 -13.81
CA ARG A 47 38.96 33.57 -14.71
C ARG A 47 37.72 33.66 -15.59
N GLU A 48 37.18 32.50 -16.00
CA GLU A 48 35.99 32.48 -16.85
C GLU A 48 34.96 31.50 -16.29
N ALA A 49 33.68 31.81 -16.54
CA ALA A 49 32.57 30.98 -16.08
C ALA A 49 31.32 31.34 -16.88
N ASN A 50 30.78 30.35 -17.60
CA ASN A 50 29.59 30.55 -18.41
C ASN A 50 28.34 30.39 -17.55
N PRO A 51 27.15 30.85 -18.02
CA PRO A 51 25.91 30.76 -17.25
C PRO A 51 25.55 29.38 -16.69
N GLU A 52 25.80 28.32 -17.48
CA GLU A 52 25.50 26.97 -17.07
C GLU A 52 26.26 26.62 -15.80
N ALA A 53 27.59 26.84 -15.82
CA ALA A 53 28.45 26.55 -14.69
C ALA A 53 27.93 27.26 -13.43
N GLN A 54 27.53 28.53 -13.60
CA GLN A 54 27.03 29.33 -12.50
C GLN A 54 25.76 28.70 -11.92
N ARG A 55 24.86 28.24 -12.80
CA ARG A 55 23.61 27.64 -12.38
C ARG A 55 23.88 26.37 -11.58
N LEU A 56 24.81 25.54 -12.06
CA LEU A 56 25.15 24.28 -11.42
C LEU A 56 25.82 24.49 -10.06
N LEU A 57 26.86 25.34 -10.02
CA LEU A 57 27.60 25.59 -8.79
C LEU A 57 26.84 26.54 -7.85
N ASP A 58 26.01 27.43 -8.40
CA ASP A 58 25.20 28.38 -7.64
C ASP A 58 26.04 29.50 -7.04
N VAL A 59 26.98 29.14 -6.15
CA VAL A 59 27.84 30.10 -5.46
C VAL A 59 28.64 30.94 -6.47
N PRO A 60 29.12 32.15 -6.06
CA PRO A 60 29.90 33.01 -6.94
C PRO A 60 31.16 32.31 -7.45
N LEU A 61 31.49 32.53 -8.72
CA LEU A 61 32.65 31.91 -9.34
C LEU A 61 33.66 32.98 -9.79
N VAL A 62 33.19 33.93 -10.62
CA VAL A 62 34.03 35.00 -11.15
C VAL A 62 34.83 35.66 -10.04
N GLY A 63 36.16 35.51 -10.11
CA GLY A 63 37.09 36.10 -9.15
C GLY A 63 37.10 35.36 -7.81
N GLU A 64 37.41 34.06 -7.86
CA GLU A 64 37.46 33.22 -6.67
C GLU A 64 38.47 32.08 -6.88
N LYS A 65 39.16 31.71 -5.81
CA LYS A 65 40.12 30.61 -5.88
C LYS A 65 39.33 29.34 -6.12
N TRP A 66 39.76 28.54 -7.10
CA TRP A 66 39.07 27.31 -7.43
C TRP A 66 38.99 26.40 -6.21
N TYR A 67 40.09 26.31 -5.45
CA TYR A 67 40.14 25.48 -4.25
C TYR A 67 39.14 25.96 -3.21
N SER A 68 38.90 27.28 -3.15
CA SER A 68 37.93 27.78 -2.19
C SER A 68 36.53 27.32 -2.60
N VAL A 69 36.24 27.42 -3.90
CA VAL A 69 34.95 27.02 -4.45
C VAL A 69 34.72 25.53 -4.18
N ILE A 70 35.73 24.70 -4.46
CA ILE A 70 35.63 23.26 -4.27
C ILE A 70 35.09 22.94 -2.87
N GLN A 71 35.49 23.73 -1.87
CA GLN A 71 35.05 23.50 -0.50
C GLN A 71 33.59 23.89 -0.31
N ILE A 72 33.22 25.06 -0.83
CA ILE A 72 31.87 25.58 -0.69
C ILE A 72 30.92 24.92 -1.68
N ALA A 73 31.28 24.94 -2.97
CA ALA A 73 30.46 24.40 -4.04
C ALA A 73 30.35 22.87 -3.99
N PHE A 74 31.47 22.17 -4.18
CA PHE A 74 31.43 20.71 -4.18
C PHE A 74 31.30 20.15 -2.78
N ALA A 75 30.84 18.89 -2.71
CA ALA A 75 30.64 18.16 -1.46
C ALA A 75 30.75 16.66 -1.76
N PRO A 76 31.99 16.14 -2.00
CA PRO A 76 32.19 14.73 -2.32
C PRO A 76 31.64 13.70 -1.32
N ARG A 77 31.40 12.49 -1.85
CA ARG A 77 30.88 11.38 -1.07
C ARG A 77 31.60 10.10 -1.51
N ASP A 78 31.36 9.02 -0.77
CA ASP A 78 31.96 7.72 -1.06
C ASP A 78 31.23 7.07 -2.23
N ASP A 79 29.90 7.20 -2.23
CA ASP A 79 29.06 6.62 -3.26
C ASP A 79 29.41 7.21 -4.63
N ASP A 80 30.05 8.39 -4.64
CA ASP A 80 30.45 9.04 -5.87
C ASP A 80 31.51 8.20 -6.57
N GLY A 81 31.17 7.66 -7.74
CA GLY A 81 32.10 6.84 -8.51
C GLY A 81 32.95 7.69 -9.45
N HIS A 82 32.33 8.15 -10.54
CA HIS A 82 33.01 8.97 -11.52
C HIS A 82 32.64 10.44 -11.31
N GLU A 83 31.36 10.68 -11.00
CA GLU A 83 30.85 12.03 -10.77
C GLU A 83 31.29 12.52 -9.38
N ILE A 84 30.98 13.79 -9.10
CA ILE A 84 31.29 14.41 -7.82
C ILE A 84 30.06 15.21 -7.38
N SER A 85 29.49 14.80 -6.24
CA SER A 85 28.29 15.42 -5.70
C SER A 85 28.55 16.87 -5.30
N LEU A 86 27.56 17.73 -5.58
CA LEU A 86 27.63 19.15 -5.25
C LEU A 86 26.85 19.41 -3.97
N ARG A 87 26.97 20.64 -3.45
CA ARG A 87 26.31 21.04 -2.22
C ARG A 87 24.79 20.92 -2.35
N ASN A 88 24.28 21.19 -3.56
CA ASN A 88 22.85 21.12 -3.84
C ASN A 88 22.37 19.68 -3.96
N GLY A 89 23.31 18.72 -4.09
CA GLY A 89 22.96 17.32 -4.20
C GLY A 89 23.18 16.75 -5.59
N ARG A 90 23.11 17.60 -6.61
CA ARG A 90 23.30 17.18 -8.00
C ARG A 90 24.69 16.58 -8.16
N LYS A 91 24.77 15.54 -9.01
CA LYS A 91 26.03 14.85 -9.29
C LYS A 91 26.52 15.22 -10.68
N VAL A 92 27.67 15.89 -10.73
CA VAL A 92 28.26 16.33 -11.98
C VAL A 92 29.59 15.62 -12.19
N ARG A 93 29.99 15.49 -13.47
CA ARG A 93 31.25 14.85 -13.83
C ARG A 93 32.23 15.93 -14.30
N LEU A 94 33.45 15.86 -13.78
CA LEU A 94 34.49 16.82 -14.13
C LEU A 94 35.41 16.23 -15.19
N ALA A 95 35.65 17.01 -16.25
CA ALA A 95 36.53 16.61 -17.34
C ALA A 95 37.69 17.60 -17.38
N ILE A 96 38.82 17.20 -16.78
CA ILE A 96 40.02 18.02 -16.73
C ILE A 96 40.77 17.90 -18.06
N SER A 97 41.12 19.06 -18.64
CA SER A 97 41.84 19.09 -19.90
C SER A 97 42.99 20.11 -19.81
N ALA A 98 44.10 19.79 -20.48
CA ALA A 98 45.27 20.64 -20.50
C ALA A 98 44.91 21.97 -21.17
N SER A 99 45.63 23.03 -20.79
CA SER A 99 45.41 24.35 -21.34
C SER A 99 46.65 25.22 -21.13
N THR A 100 46.93 26.08 -22.12
CA THR A 100 48.08 26.98 -22.08
C THR A 100 47.98 27.87 -20.85
N THR A 101 46.75 28.28 -20.52
CA THR A 101 46.50 29.14 -19.37
C THR A 101 45.75 28.34 -18.31
N GLY A 102 46.51 27.59 -17.50
CA GLY A 102 45.96 26.78 -16.43
C GLY A 102 45.26 25.53 -16.96
N GLN A 103 44.04 25.28 -16.45
CA GLN A 103 43.24 24.13 -16.86
C GLN A 103 41.91 24.59 -17.46
N LEU A 104 41.26 23.64 -18.13
CA LEU A 104 39.96 23.84 -18.76
C LEU A 104 39.02 22.77 -18.21
N ILE A 105 38.27 23.14 -17.17
CA ILE A 105 37.35 22.22 -16.52
C ILE A 105 35.95 22.40 -17.08
N LEU A 106 35.36 21.29 -17.55
CA LEU A 106 34.01 21.26 -18.08
C LEU A 106 33.13 20.57 -17.06
N ILE A 107 31.86 20.98 -16.99
CA ILE A 107 30.93 20.40 -16.04
C ILE A 107 29.68 19.92 -16.77
N THR A 108 29.32 18.66 -16.53
CA THR A 108 28.15 18.03 -17.11
C THR A 108 27.30 17.49 -15.97
N ASP A 109 25.97 17.59 -16.10
CA ASP A 109 25.07 17.11 -15.07
C ASP A 109 24.62 15.69 -15.40
N LEU A 110 24.81 14.78 -14.44
CA LEU A 110 24.41 13.39 -14.60
C LEU A 110 23.43 13.01 -13.49
N THR A 111 22.83 14.02 -12.86
CA THR A 111 21.87 13.81 -11.79
C THR A 111 20.68 13.01 -12.32
N GLU A 112 20.29 13.30 -13.57
CA GLU A 112 19.16 12.63 -14.20
C GLU A 112 19.53 11.16 -14.42
N THR A 113 20.71 10.90 -15.00
CA THR A 113 21.15 9.54 -15.26
C THR A 113 21.22 8.80 -13.92
N ARG A 114 22.13 9.22 -13.04
CA ARG A 114 22.27 8.62 -11.73
C ARG A 114 20.92 8.21 -11.15
N LEU A 115 19.97 9.17 -11.14
CA LEU A 115 18.64 8.92 -10.62
C LEU A 115 18.09 7.64 -11.24
N LEU A 116 18.17 7.54 -12.58
CA LEU A 116 17.69 6.37 -13.30
C LEU A 116 18.46 5.13 -12.88
N GLN A 117 19.80 5.23 -12.84
CA GLN A 117 20.65 4.11 -12.46
C GLN A 117 20.28 3.61 -11.07
N SER A 118 19.85 4.54 -10.20
CA SER A 118 19.46 4.20 -8.85
C SER A 118 18.11 3.48 -8.83
N ARG A 119 17.20 3.92 -9.70
CA ARG A 119 15.87 3.33 -9.78
C ARG A 119 15.97 1.86 -10.22
N ILE A 120 16.66 1.62 -11.34
CA ILE A 120 16.82 0.26 -11.86
C ILE A 120 17.21 -0.67 -10.73
N SER A 121 18.27 -0.31 -9.99
CA SER A 121 18.76 -1.13 -8.90
C SER A 121 17.64 -1.42 -7.90
N ASP A 122 16.89 -0.38 -7.50
CA ASP A 122 15.80 -0.54 -6.56
C ASP A 122 14.72 -1.46 -7.12
N LEU A 123 14.49 -1.42 -8.44
CA LEU A 123 13.49 -2.26 -9.06
C LEU A 123 13.98 -3.71 -9.04
N GLN A 124 15.24 -3.92 -9.46
CA GLN A 124 15.83 -5.25 -9.48
C GLN A 124 15.95 -5.75 -8.04
N ARG A 125 15.98 -4.79 -7.10
CA ARG A 125 16.09 -5.06 -5.68
C ARG A 125 14.81 -5.73 -5.19
N LEU A 126 13.66 -5.10 -5.52
CA LEU A 126 12.35 -5.59 -5.15
C LEU A 126 12.10 -6.96 -5.79
N SER A 127 12.58 -7.14 -7.04
CA SER A 127 12.41 -8.41 -7.73
C SER A 127 13.10 -9.53 -6.95
N SER A 128 14.30 -9.23 -6.43
CA SER A 128 15.06 -10.20 -5.67
C SER A 128 14.27 -10.65 -4.45
N LEU A 129 13.64 -9.69 -3.77
CA LEU A 129 12.85 -9.97 -2.59
C LEU A 129 11.61 -10.78 -2.98
N GLY A 130 11.14 -10.57 -4.21
CA GLY A 130 9.98 -11.28 -4.72
C GLY A 130 10.27 -12.75 -5.02
N ARG A 131 11.55 -13.06 -5.25
CA ARG A 131 11.98 -14.42 -5.57
C ARG A 131 12.36 -15.16 -4.28
N MSE A 132 12.70 -14.40 -3.24
CA MSE A 132 13.11 -14.97 -1.96
C MSE A 132 11.92 -15.14 -1.02
O MSE A 132 12.07 -15.72 0.06
CB MSE A 132 14.16 -14.07 -1.30
CG MSE A 132 15.55 -14.31 -1.81
SE MSE A 132 16.81 -13.35 -0.67
CE MSE A 132 16.27 -11.51 -1.10
N VAL A 133 10.75 -14.61 -1.40
CA VAL A 133 9.57 -14.70 -0.57
C VAL A 133 9.38 -16.15 -0.11
N ALA A 134 9.72 -17.11 -0.99
CA ALA A 134 9.58 -18.52 -0.67
C ALA A 134 10.49 -18.91 0.49
N SER A 135 11.79 -18.58 0.36
CA SER A 135 12.77 -18.89 1.39
C SER A 135 12.55 -18.05 2.65
N LEU A 136 12.03 -16.82 2.48
CA LEU A 136 11.76 -15.92 3.60
C LEU A 136 10.41 -16.27 4.22
N ALA A 137 10.06 -17.57 4.22
CA ALA A 137 8.79 -18.03 4.77
C ALA A 137 9.04 -18.73 6.10
N HIS A 138 9.86 -19.79 6.06
CA HIS A 138 10.18 -20.58 7.24
C HIS A 138 10.80 -19.70 8.32
N GLN A 139 11.51 -18.65 7.90
CA GLN A 139 12.16 -17.72 8.82
C GLN A 139 11.16 -16.78 9.49
N VAL A 140 9.98 -16.61 8.87
CA VAL A 140 8.96 -15.70 9.39
C VAL A 140 7.87 -16.43 10.16
N ARG A 141 7.46 -17.63 9.70
CA ARG A 141 6.39 -18.35 10.38
C ARG A 141 6.90 -18.99 11.68
N THR A 142 8.13 -19.49 11.66
CA THR A 142 8.72 -20.15 12.83
C THR A 142 8.48 -19.32 14.10
N PRO A 143 8.95 -18.06 14.18
CA PRO A 143 8.76 -17.25 15.39
C PRO A 143 7.29 -16.91 15.69
N LEU A 144 6.52 -16.59 14.65
CA LEU A 144 5.12 -16.24 14.81
C LEU A 144 4.33 -17.43 15.33
N SER A 145 4.61 -18.62 14.78
CA SER A 145 3.92 -19.83 15.19
C SER A 145 4.15 -20.08 16.68
N SER A 146 5.38 -19.83 17.13
CA SER A 146 5.75 -20.03 18.52
C SER A 146 5.00 -19.03 19.42
N ALA A 147 4.92 -17.77 18.97
CA ALA A 147 4.25 -16.72 19.72
C ALA A 147 2.81 -17.13 20.00
N MSE A 148 2.14 -17.71 18.99
CA MSE A 148 0.75 -18.14 19.12
C MSE A 148 0.68 -19.45 19.90
O MSE A 148 -0.31 -19.72 20.57
CB MSE A 148 0.12 -18.30 17.73
CG MSE A 148 -0.31 -17.00 17.09
SE MSE A 148 -0.73 -17.21 15.18
CE MSE A 148 -2.02 -18.69 15.32
N LEU A 149 1.74 -20.27 19.80
CA LEU A 149 1.78 -21.54 20.49
C LEU A 149 1.82 -21.31 22.01
N TYR A 150 2.54 -20.27 22.44
CA TYR A 150 2.65 -19.95 23.85
C TYR A 150 1.49 -19.07 24.30
N ALA A 151 1.10 -18.11 23.45
CA ALA A 151 0.00 -17.20 23.76
C ALA A 151 -1.29 -17.97 24.03
N ALA A 152 -1.49 -19.09 23.31
CA ALA A 152 -2.67 -19.91 23.47
C ALA A 152 -2.62 -20.69 24.78
N ASN A 153 -1.40 -21.03 25.22
CA ASN A 153 -1.20 -21.77 26.46
C ASN A 153 -1.42 -20.88 27.68
N LEU A 154 -1.28 -19.56 27.51
CA LEU A 154 -1.47 -18.62 28.60
C LEU A 154 -2.94 -18.24 28.72
N ALA A 155 -3.82 -19.25 28.78
CA ALA A 155 -5.25 -19.02 28.90
C ALA A 155 -5.92 -20.24 29.54
N ALA A 156 -5.40 -20.62 30.71
CA ALA A 156 -5.93 -21.76 31.47
C ALA A 156 -6.44 -21.28 32.82
N PRO A 157 -7.32 -22.05 33.50
CA PRO A 157 -7.85 -21.66 34.80
C PRO A 157 -6.76 -21.25 35.79
N ASN A 158 -5.74 -22.12 35.92
CA ASN A 158 -4.63 -21.88 36.82
C ASN A 158 -3.52 -22.89 36.52
N LEU A 159 -2.28 -22.41 36.45
CA LEU A 159 -1.13 -23.24 36.18
C LEU A 159 0.10 -22.68 36.89
N PRO A 160 1.20 -23.47 37.04
CA PRO A 160 2.41 -23.00 37.73
C PRO A 160 2.88 -21.61 37.33
N PRO A 161 2.99 -20.66 38.29
CA PRO A 161 3.44 -19.29 38.00
C PRO A 161 4.81 -19.19 37.36
N ALA A 162 5.75 -20.03 37.83
CA ALA A 162 7.10 -20.03 37.30
C ALA A 162 7.09 -20.44 35.83
N THR A 163 6.30 -21.47 35.51
CA THR A 163 6.18 -21.98 34.16
C THR A 163 5.43 -20.95 33.30
N ARG A 164 4.57 -20.16 33.95
CA ARG A 164 3.78 -19.15 33.25
C ARG A 164 4.73 -18.03 32.80
N GLU A 165 5.59 -17.58 33.71
CA GLU A 165 6.55 -16.53 33.42
C GLU A 165 7.64 -17.06 32.47
N ARG A 166 7.74 -18.39 32.38
CA ARG A 166 8.73 -19.01 31.50
C ARG A 166 8.25 -18.82 30.07
N PHE A 167 6.95 -19.04 29.83
CA PHE A 167 6.38 -18.87 28.51
C PHE A 167 6.33 -17.38 28.16
N GLN A 168 6.10 -16.55 29.19
CA GLN A 168 6.01 -15.11 29.05
C GLN A 168 7.27 -14.55 28.39
N SER A 169 8.44 -15.03 28.84
CA SER A 169 9.72 -14.58 28.29
C SER A 169 9.86 -15.00 26.84
N LYS A 170 9.35 -16.18 26.49
CA LYS A 170 9.42 -16.71 25.14
C LYS A 170 8.79 -15.71 24.16
N LEU A 171 7.50 -15.43 24.35
CA LEU A 171 6.75 -14.51 23.50
C LEU A 171 7.60 -13.33 23.06
N VAL A 172 7.98 -12.48 24.01
CA VAL A 172 8.77 -11.29 23.74
C VAL A 172 9.93 -11.61 22.79
N ASP A 173 10.64 -12.72 23.06
CA ASP A 173 11.77 -13.12 22.24
C ASP A 173 11.30 -13.57 20.86
N ARG A 174 10.14 -14.26 20.81
CA ARG A 174 9.62 -14.74 19.54
C ARG A 174 9.26 -13.55 18.66
N LEU A 175 8.60 -12.55 19.27
CA LEU A 175 8.18 -11.35 18.58
C LEU A 175 9.38 -10.59 18.03
N HIS A 176 10.43 -10.44 18.85
CA HIS A 176 11.62 -9.73 18.43
C HIS A 176 12.29 -10.46 17.28
N ASP A 177 12.37 -11.80 17.36
CA ASP A 177 12.97 -12.57 16.29
C ASP A 177 12.25 -12.23 14.99
N LEU A 178 10.91 -12.18 15.07
CA LEU A 178 10.07 -11.86 13.93
C LEU A 178 10.36 -10.41 13.51
N GLU A 179 10.26 -9.50 14.49
CA GLU A 179 10.50 -8.08 14.27
C GLU A 179 11.79 -7.90 13.47
N LYS A 180 12.85 -8.53 13.96
CA LYS A 180 14.17 -8.48 13.34
C LYS A 180 14.13 -9.09 11.95
N GLN A 181 13.36 -10.18 11.80
CA GLN A 181 13.25 -10.86 10.52
C GLN A 181 12.47 -10.00 9.52
N VAL A 182 11.51 -9.22 10.01
CA VAL A 182 10.70 -8.34 9.16
C VAL A 182 11.48 -7.08 8.81
N ASN A 183 12.30 -6.57 9.74
CA ASN A 183 13.09 -5.37 9.50
C ASN A 183 14.20 -5.68 8.49
N ASP A 184 14.59 -6.95 8.39
CA ASP A 184 15.61 -7.37 7.44
C ASP A 184 15.07 -7.24 6.03
N MSE A 185 13.78 -7.51 5.86
CA MSE A 185 13.13 -7.43 4.56
C MSE A 185 13.04 -5.96 4.13
O MSE A 185 13.52 -5.60 3.06
CB MSE A 185 11.74 -8.07 4.60
CG MSE A 185 11.73 -9.58 4.47
SE MSE A 185 9.99 -10.36 4.93
CE MSE A 185 9.20 -10.40 3.14
N LEU A 186 12.40 -5.14 4.98
CA LEU A 186 12.23 -3.72 4.71
C LEU A 186 13.55 -3.05 4.39
N LEU A 187 14.57 -3.30 5.20
CA LEU A 187 15.87 -2.68 4.98
C LEU A 187 16.42 -3.11 3.63
N PHE A 188 16.19 -4.38 3.26
CA PHE A 188 16.67 -4.88 1.98
C PHE A 188 15.83 -4.30 0.85
N ALA A 189 14.51 -4.25 1.08
CA ALA A 189 13.55 -3.74 0.11
C ALA A 189 13.75 -2.24 -0.14
N LYS A 190 14.10 -1.51 0.93
CA LYS A 190 14.30 -0.07 0.84
C LYS A 190 15.32 0.27 -0.23
N GLY A 191 16.27 -0.64 -0.49
CA GLY A 191 17.30 -0.42 -1.49
C GLY A 191 18.27 0.67 -1.05
N GLY A 192 18.10 1.87 -1.63
CA GLY A 192 18.92 3.02 -1.32
C GLY A 192 20.41 2.79 -1.59
N ASP A 193 20.71 2.23 -2.76
CA ASP A 193 22.09 1.98 -3.13
C ASP A 193 22.29 2.27 -4.62
N ASN A 194 23.57 2.43 -5.01
CA ASN A 194 23.96 2.72 -6.37
C ASN A 194 23.39 4.07 -6.81
N LYS A 195 23.30 5.01 -5.86
CA LYS A 195 22.77 6.34 -6.14
C LYS A 195 23.87 7.16 -6.84
N HIS B 15 46.64 43.73 -27.42
CA HIS B 15 47.25 43.08 -28.61
C HIS B 15 46.16 42.58 -29.55
N LEU B 16 46.48 42.53 -30.85
CA LEU B 16 45.55 42.06 -31.86
C LEU B 16 45.69 40.54 -31.97
N ASP B 17 46.88 40.04 -31.62
CA ASP B 17 47.17 38.61 -31.67
C ASP B 17 46.48 37.90 -30.52
N SER B 18 46.23 38.61 -29.42
CA SER B 18 45.57 38.05 -28.25
C SER B 18 44.21 37.45 -28.63
N LEU B 19 43.59 38.02 -29.66
CA LEU B 19 42.29 37.54 -30.13
C LEU B 19 42.45 36.15 -30.76
N GLU B 20 43.61 35.92 -31.40
CA GLU B 20 43.89 34.64 -32.03
C GLU B 20 44.07 33.58 -30.94
N ASP B 21 44.67 33.98 -29.82
CA ASP B 21 44.89 33.09 -28.70
C ASP B 21 43.56 32.91 -27.95
N GLN B 22 42.71 33.93 -28.01
CA GLN B 22 41.42 33.89 -27.36
C GLN B 22 40.51 32.88 -28.09
N VAL B 23 40.46 32.98 -29.41
CA VAL B 23 39.64 32.07 -30.21
C VAL B 23 40.27 30.68 -30.15
N GLU B 24 41.58 30.62 -29.88
CA GLU B 24 42.28 29.35 -29.79
C GLU B 24 41.76 28.59 -28.56
N ARG B 25 41.59 29.31 -27.44
CA ARG B 25 41.08 28.67 -26.24
C ARG B 25 39.61 28.27 -26.46
N TYR B 26 38.92 29.01 -27.34
CA TYR B 26 37.53 28.72 -27.63
C TYR B 26 37.47 27.42 -28.43
N LYS B 27 38.25 27.32 -29.50
CA LYS B 27 38.25 26.09 -30.29
C LYS B 27 38.57 24.91 -29.36
N GLN B 28 39.48 25.16 -28.41
CA GLN B 28 39.90 24.15 -27.45
C GLN B 28 38.66 23.58 -26.73
N VAL B 29 37.69 24.47 -26.45
CA VAL B 29 36.47 24.07 -25.77
C VAL B 29 35.70 23.07 -26.64
N LEU B 30 35.35 23.51 -27.86
CA LEU B 30 34.60 22.69 -28.80
C LEU B 30 35.24 21.32 -29.00
N ASP B 31 36.57 21.24 -28.93
CA ASP B 31 37.26 19.98 -29.14
C ASP B 31 36.90 18.98 -28.04
N VAL B 32 36.99 19.40 -26.77
CA VAL B 32 36.71 18.53 -25.64
C VAL B 32 35.30 18.76 -25.09
N MSE B 33 34.50 19.61 -25.75
CA MSE B 33 33.15 19.88 -25.29
C MSE B 33 32.28 18.64 -25.48
O MSE B 33 32.20 18.11 -26.59
CB MSE B 33 32.55 21.07 -26.04
CG MSE B 33 31.33 21.68 -25.37
SE MSE B 33 30.19 22.59 -26.67
CE MSE B 33 31.54 23.76 -27.47
N PRO B 34 31.61 18.13 -24.42
CA PRO B 34 30.75 16.96 -24.53
C PRO B 34 29.35 17.29 -25.04
N ALA B 35 29.30 18.02 -26.15
CA ALA B 35 28.04 18.43 -26.77
C ALA B 35 28.32 18.86 -28.21
N GLY B 36 27.49 18.39 -29.14
CA GLY B 36 27.64 18.71 -30.55
C GLY B 36 27.42 20.20 -30.82
N VAL B 37 28.23 20.75 -31.73
CA VAL B 37 28.14 22.16 -32.10
C VAL B 37 28.18 22.26 -33.62
N ILE B 38 27.03 22.55 -34.23
CA ILE B 38 26.92 22.68 -35.68
C ILE B 38 26.83 24.17 -36.02
N LEU B 39 27.78 24.65 -36.84
CA LEU B 39 27.82 26.03 -37.25
C LEU B 39 27.36 26.13 -38.71
N LEU B 40 26.12 26.59 -38.91
CA LEU B 40 25.55 26.74 -40.24
C LEU B 40 25.95 28.11 -40.80
N ASP B 41 25.40 28.43 -41.98
CA ASP B 41 25.67 29.69 -42.65
C ASP B 41 24.35 30.18 -43.23
N THR B 42 24.28 31.49 -43.57
CA THR B 42 23.08 32.09 -44.12
C THR B 42 22.44 31.15 -45.15
N GLN B 43 23.27 30.56 -46.02
CA GLN B 43 22.79 29.64 -47.04
C GLN B 43 22.18 28.41 -46.37
N GLY B 44 22.96 27.77 -45.48
CA GLY B 44 22.53 26.59 -44.76
C GLY B 44 23.49 25.43 -44.98
N ILE B 45 24.80 25.71 -44.87
CA ILE B 45 25.83 24.71 -45.05
C ILE B 45 26.62 24.56 -43.76
N VAL B 46 26.97 23.32 -43.43
CA VAL B 46 27.74 23.02 -42.23
C VAL B 46 29.19 23.43 -42.49
N ARG B 47 29.63 24.51 -41.82
CA ARG B 47 30.97 25.02 -42.01
C ARG B 47 31.88 24.53 -40.88
N GLU B 48 31.29 24.07 -39.78
CA GLU B 48 32.11 23.60 -38.66
C GLU B 48 31.31 22.61 -37.80
N ALA B 49 32.02 21.59 -37.30
CA ALA B 49 31.45 20.56 -36.45
C ALA B 49 32.56 19.99 -35.57
N ASN B 50 32.31 19.96 -34.25
CA ASN B 50 33.27 19.46 -33.29
C ASN B 50 33.26 17.94 -33.30
N PRO B 51 34.23 17.28 -32.63
CA PRO B 51 34.29 15.82 -32.58
C PRO B 51 33.07 15.13 -31.98
N GLU B 52 32.38 15.82 -31.06
CA GLU B 52 31.20 15.27 -30.41
C GLU B 52 30.03 15.21 -31.39
N ALA B 53 29.99 16.17 -32.32
CA ALA B 53 28.93 16.22 -33.32
C ALA B 53 29.14 15.10 -34.34
N GLN B 54 30.40 14.91 -34.77
CA GLN B 54 30.75 13.88 -35.73
C GLN B 54 30.55 12.49 -35.12
N ARG B 55 30.64 12.39 -33.79
CA ARG B 55 30.47 11.12 -33.10
C ARG B 55 29.02 10.67 -33.16
N LEU B 56 28.11 11.52 -32.66
CA LEU B 56 26.69 11.22 -32.61
C LEU B 56 26.11 11.01 -34.02
N LEU B 57 26.36 11.97 -34.92
CA LEU B 57 25.84 11.89 -36.29
C LEU B 57 26.50 10.73 -37.03
N ASP B 58 27.83 10.62 -36.93
CA ASP B 58 28.61 9.56 -37.56
C ASP B 58 28.38 9.56 -39.07
N VAL B 59 28.48 10.74 -39.69
CA VAL B 59 28.30 10.91 -41.13
C VAL B 59 29.03 12.19 -41.54
N PRO B 60 29.34 12.39 -42.84
CA PRO B 60 30.01 13.62 -43.29
C PRO B 60 29.17 14.82 -42.87
N LEU B 61 29.79 15.77 -42.16
CA LEU B 61 29.08 16.95 -41.68
C LEU B 61 29.53 18.19 -42.45
N VAL B 62 30.78 18.62 -42.23
CA VAL B 62 31.32 19.80 -42.89
C VAL B 62 31.29 19.61 -44.40
N GLY B 63 30.79 20.64 -45.11
CA GLY B 63 30.71 20.63 -46.56
C GLY B 63 29.42 19.99 -47.08
N GLU B 64 28.44 19.81 -46.19
CA GLU B 64 27.17 19.19 -46.56
C GLU B 64 26.03 20.18 -46.28
N LYS B 65 24.82 19.82 -46.73
CA LYS B 65 23.64 20.63 -46.54
C LYS B 65 22.95 20.11 -45.27
N TRP B 66 22.61 21.03 -44.36
CA TRP B 66 21.97 20.64 -43.10
C TRP B 66 20.79 19.72 -43.36
N TYR B 67 19.86 20.15 -44.23
CA TYR B 67 18.69 19.36 -44.56
C TYR B 67 19.08 18.01 -45.18
N SER B 68 20.21 17.98 -45.89
CA SER B 68 20.65 16.74 -46.50
C SER B 68 21.12 15.76 -45.42
N VAL B 69 21.76 16.30 -44.37
CA VAL B 69 22.26 15.49 -43.27
C VAL B 69 21.08 14.89 -42.51
N ILE B 70 19.96 15.61 -42.50
CA ILE B 70 18.74 15.18 -41.81
C ILE B 70 18.15 13.96 -42.52
N GLN B 71 18.36 13.86 -43.85
CA GLN B 71 17.84 12.73 -44.61
C GLN B 71 18.86 11.60 -44.67
N ILE B 72 19.73 11.51 -43.66
CA ILE B 72 20.76 10.47 -43.63
C ILE B 72 20.95 9.95 -42.20
N ALA B 73 21.33 10.85 -41.29
CA ALA B 73 21.60 10.48 -39.91
C ALA B 73 20.38 10.65 -39.00
N PHE B 74 19.24 11.08 -39.55
CA PHE B 74 18.05 11.27 -38.73
C PHE B 74 16.96 10.32 -39.19
N ALA B 75 16.27 9.72 -38.20
CA ALA B 75 15.19 8.78 -38.45
C ALA B 75 14.04 9.06 -37.48
N PRO B 76 13.25 10.14 -37.73
CA PRO B 76 12.13 10.50 -36.86
C PRO B 76 11.18 9.35 -36.49
N ARG B 77 10.70 9.38 -35.26
CA ARG B 77 9.78 8.37 -34.75
C ARG B 77 8.66 9.08 -33.98
N ASP B 78 7.61 8.33 -33.63
CA ASP B 78 6.46 8.87 -32.91
C ASP B 78 6.82 9.03 -31.43
N ASP B 79 7.55 8.07 -30.87
CA ASP B 79 7.96 8.09 -29.47
C ASP B 79 8.79 9.34 -29.18
N ASP B 80 9.45 9.87 -30.22
CA ASP B 80 10.27 11.06 -30.09
C ASP B 80 9.43 12.24 -29.63
N GLY B 81 9.93 12.92 -28.59
CA GLY B 81 9.25 14.09 -28.03
C GLY B 81 10.14 15.32 -28.15
N HIS B 82 11.01 15.51 -27.16
CA HIS B 82 11.95 16.63 -27.13
C HIS B 82 13.19 16.23 -27.92
N GLU B 83 13.50 14.93 -27.94
CA GLU B 83 14.65 14.40 -28.64
C GLU B 83 14.22 13.94 -30.04
N ILE B 84 15.21 13.53 -30.84
CA ILE B 84 14.99 13.04 -32.19
C ILE B 84 15.88 11.82 -32.38
N SER B 85 15.28 10.73 -32.87
CA SER B 85 15.99 9.48 -33.08
C SER B 85 16.88 9.53 -34.32
N LEU B 86 18.17 9.25 -34.13
CA LEU B 86 19.14 9.22 -35.22
C LEU B 86 18.99 7.86 -35.90
N ARG B 87 19.46 7.75 -37.14
CA ARG B 87 19.33 6.50 -37.88
C ARG B 87 20.39 5.50 -37.37
N ASN B 88 21.38 5.99 -36.62
CA ASN B 88 22.42 5.12 -36.09
C ASN B 88 21.97 4.52 -34.75
N GLY B 89 20.77 4.88 -34.31
CA GLY B 89 20.22 4.35 -33.06
C GLY B 89 20.16 5.36 -31.92
N ARG B 90 21.11 6.30 -31.88
CA ARG B 90 21.16 7.30 -30.83
C ARG B 90 19.91 8.17 -30.81
N LYS B 91 19.62 8.71 -29.63
CA LYS B 91 18.49 9.60 -29.37
C LYS B 91 19.09 10.89 -28.84
N VAL B 92 18.98 11.99 -29.61
CA VAL B 92 19.57 13.24 -29.18
C VAL B 92 18.55 14.37 -29.18
N ARG B 93 18.82 15.40 -28.36
CA ARG B 93 17.98 16.57 -28.26
C ARG B 93 18.68 17.71 -29.02
N LEU B 94 17.90 18.47 -29.78
CA LEU B 94 18.42 19.58 -30.56
C LEU B 94 18.15 20.89 -29.83
N ALA B 95 18.96 21.91 -30.12
CA ALA B 95 18.82 23.21 -29.50
C ALA B 95 19.14 24.28 -30.55
N ILE B 96 18.08 24.90 -31.08
CA ILE B 96 18.22 25.94 -32.09
C ILE B 96 18.15 27.31 -31.41
N SER B 97 19.09 28.19 -31.77
CA SER B 97 19.16 29.53 -31.21
C SER B 97 19.29 30.55 -32.33
N ALA B 98 18.87 31.79 -32.02
CA ALA B 98 18.91 32.88 -32.98
C ALA B 98 20.35 33.40 -33.08
N SER B 99 20.87 33.45 -34.32
CA SER B 99 22.22 33.93 -34.57
C SER B 99 22.36 34.34 -36.03
N THR B 100 22.88 35.56 -36.26
CA THR B 100 23.08 36.07 -37.61
C THR B 100 24.30 35.39 -38.22
N THR B 101 24.33 35.34 -39.55
CA THR B 101 25.42 34.71 -40.29
C THR B 101 25.49 33.24 -39.90
N GLY B 102 24.39 32.52 -40.17
CA GLY B 102 24.29 31.10 -39.87
C GLY B 102 23.67 30.84 -38.50
N GLN B 103 22.94 29.73 -38.39
CA GLN B 103 22.29 29.35 -37.16
C GLN B 103 23.17 28.37 -36.37
N LEU B 104 22.98 28.34 -35.05
CA LEU B 104 23.73 27.47 -34.18
C LEU B 104 22.81 26.33 -33.70
N ILE B 105 23.36 25.12 -33.65
CA ILE B 105 22.59 23.95 -33.23
C ILE B 105 23.44 23.12 -32.27
N LEU B 106 23.07 23.14 -30.97
CA LEU B 106 23.75 22.38 -29.95
C LEU B 106 23.03 21.05 -29.80
N ILE B 107 23.79 19.95 -29.77
CA ILE B 107 23.22 18.62 -29.64
C ILE B 107 23.71 17.97 -28.35
N THR B 108 22.80 17.25 -27.68
CA THR B 108 23.09 16.55 -26.44
C THR B 108 22.81 15.06 -26.65
N ASP B 109 23.58 14.20 -25.96
CA ASP B 109 23.42 12.77 -26.08
C ASP B 109 22.52 12.25 -24.96
N LEU B 110 21.30 11.81 -25.34
CA LEU B 110 20.34 11.27 -24.38
C LEU B 110 20.03 9.82 -24.74
N THR B 111 20.99 9.16 -25.41
CA THR B 111 20.84 7.78 -25.81
C THR B 111 20.72 6.91 -24.56
N GLU B 112 21.59 7.17 -23.59
CA GLU B 112 21.62 6.44 -22.33
C GLU B 112 20.35 6.74 -21.53
N THR B 113 19.94 8.02 -21.54
CA THR B 113 18.77 8.45 -20.80
C THR B 113 17.55 7.59 -21.15
N ARG B 114 17.13 7.62 -22.42
CA ARG B 114 15.98 6.83 -22.85
C ARG B 114 16.24 5.33 -22.76
N LEU B 115 17.51 4.92 -22.80
CA LEU B 115 17.83 3.51 -22.71
C LEU B 115 17.53 3.02 -21.29
N LEU B 116 17.83 3.87 -20.30
CA LEU B 116 17.59 3.54 -18.90
C LEU B 116 16.09 3.58 -18.62
N GLN B 117 15.38 4.54 -19.25
CA GLN B 117 13.95 4.70 -19.07
C GLN B 117 13.19 3.51 -19.66
N SER B 118 13.72 2.93 -20.74
CA SER B 118 13.09 1.79 -21.40
C SER B 118 13.33 0.50 -20.61
N ARG B 119 14.04 0.61 -19.48
CA ARG B 119 14.33 -0.57 -18.67
C ARG B 119 13.62 -0.49 -17.31
N ILE B 120 13.16 0.71 -16.93
CA ILE B 120 12.47 0.87 -15.66
C ILE B 120 11.03 0.38 -15.79
N SER B 121 10.42 0.65 -16.94
CA SER B 121 9.04 0.25 -17.20
C SER B 121 8.89 -1.27 -17.14
N ASP B 122 9.86 -1.99 -17.72
CA ASP B 122 9.84 -3.44 -17.75
C ASP B 122 10.03 -3.99 -16.33
N LEU B 123 11.00 -3.42 -15.61
CA LEU B 123 11.31 -3.83 -14.25
C LEU B 123 10.27 -3.32 -13.26
N GLN B 124 9.43 -2.37 -13.69
CA GLN B 124 8.42 -1.83 -12.81
C GLN B 124 7.35 -2.90 -12.58
N ARG B 125 7.06 -3.69 -13.62
CA ARG B 125 6.07 -4.75 -13.54
C ARG B 125 6.67 -5.97 -12.84
N LEU B 126 7.95 -6.22 -13.05
CA LEU B 126 8.63 -7.35 -12.42
C LEU B 126 8.78 -7.10 -10.92
N SER B 127 8.79 -5.83 -10.51
CA SER B 127 8.93 -5.46 -9.11
C SER B 127 7.58 -5.45 -8.41
N SER B 128 6.48 -5.59 -9.18
CA SER B 128 5.13 -5.59 -8.66
C SER B 128 5.00 -6.51 -7.44
N LEU B 129 5.21 -7.81 -7.68
CA LEU B 129 5.10 -8.82 -6.64
C LEU B 129 6.06 -8.48 -5.49
N GLY B 130 7.31 -8.16 -5.83
CA GLY B 130 8.30 -7.82 -4.82
C GLY B 130 7.90 -6.58 -4.02
N ARG B 131 7.40 -5.57 -4.74
CA ARG B 131 6.96 -4.31 -4.14
C ARG B 131 5.74 -4.55 -3.25
N MSE B 132 4.94 -5.58 -3.60
CA MSE B 132 3.75 -5.88 -2.81
C MSE B 132 4.20 -6.48 -1.48
O MSE B 132 3.67 -6.12 -0.43
CB MSE B 132 2.83 -6.84 -3.57
CG MSE B 132 1.88 -6.16 -4.55
SE MSE B 132 0.95 -4.59 -3.80
CE MSE B 132 0.45 -5.34 -2.06
N VAL B 133 5.19 -7.38 -1.53
CA VAL B 133 5.73 -8.02 -0.34
C VAL B 133 6.35 -6.96 0.57
N ALA B 134 7.09 -6.02 -0.04
CA ALA B 134 7.73 -4.94 0.70
C ALA B 134 6.67 -4.12 1.42
N SER B 135 5.52 -3.93 0.75
CA SER B 135 4.42 -3.18 1.32
C SER B 135 3.84 -3.94 2.51
N LEU B 136 3.42 -5.18 2.27
CA LEU B 136 2.85 -6.03 3.31
C LEU B 136 3.81 -6.17 4.49
N ALA B 137 5.11 -5.95 4.24
CA ALA B 137 6.09 -6.06 5.31
C ALA B 137 6.03 -4.82 6.21
N HIS B 138 5.79 -3.65 5.59
CA HIS B 138 5.71 -2.39 6.31
C HIS B 138 4.43 -2.35 7.15
N GLN B 139 3.38 -3.02 6.68
CA GLN B 139 2.10 -3.07 7.37
C GLN B 139 2.24 -3.87 8.66
N VAL B 140 3.06 -4.91 8.64
CA VAL B 140 3.29 -5.80 9.78
C VAL B 140 3.80 -5.01 10.99
N ARG B 141 4.50 -3.91 10.76
CA ARG B 141 5.05 -3.10 11.84
C ARG B 141 3.95 -2.57 12.77
N THR B 142 2.75 -2.33 12.23
CA THR B 142 1.66 -1.80 13.02
C THR B 142 1.13 -2.86 13.99
N PRO B 143 0.49 -3.97 13.52
CA PRO B 143 -0.02 -5.00 14.42
C PRO B 143 1.01 -5.53 15.41
N LEU B 144 2.26 -5.64 14.94
CA LEU B 144 3.35 -6.14 15.77
C LEU B 144 3.62 -5.16 16.92
N SER B 145 3.58 -3.86 16.62
CA SER B 145 3.83 -2.83 17.62
C SER B 145 2.83 -2.95 18.75
N SER B 146 1.55 -3.16 18.39
CA SER B 146 0.48 -3.28 19.37
C SER B 146 0.53 -4.65 20.05
N ALA B 147 1.05 -5.66 19.34
CA ALA B 147 1.15 -7.01 19.88
C ALA B 147 2.17 -7.06 21.01
N MSE B 148 3.24 -6.27 20.89
CA MSE B 148 4.30 -6.24 21.89
C MSE B 148 3.83 -5.47 23.13
O MSE B 148 4.30 -5.74 24.23
CB MSE B 148 5.58 -5.63 21.30
CG MSE B 148 6.53 -6.66 20.71
SE MSE B 148 7.45 -6.03 19.10
CE MSE B 148 8.02 -4.28 19.76
N LEU B 149 2.91 -4.51 22.95
CA LEU B 149 2.40 -3.72 24.06
C LEU B 149 1.51 -4.60 24.93
N TYR B 150 0.60 -5.35 24.30
CA TYR B 150 -0.31 -6.24 25.00
C TYR B 150 0.46 -7.41 25.58
N ALA B 151 1.61 -7.73 24.99
CA ALA B 151 2.44 -8.83 25.47
C ALA B 151 3.16 -8.41 26.74
N ALA B 152 3.42 -7.10 26.86
CA ALA B 152 4.11 -6.55 28.03
C ALA B 152 3.13 -6.40 29.19
N ASN B 153 1.84 -6.29 28.88
CA ASN B 153 0.80 -6.15 29.89
C ASN B 153 0.59 -7.49 30.60
N LEU B 154 1.09 -8.57 29.99
CA LEU B 154 0.96 -9.89 30.59
C LEU B 154 2.01 -10.03 31.69
N ALA B 155 2.99 -9.11 31.69
CA ALA B 155 4.06 -9.10 32.68
C ALA B 155 3.84 -7.99 33.70
N ALA B 156 2.69 -7.30 33.61
CA ALA B 156 2.38 -6.22 34.53
C ALA B 156 2.08 -6.80 35.91
N PRO B 157 2.30 -6.03 37.01
CA PRO B 157 2.05 -6.52 38.37
C PRO B 157 0.63 -6.37 38.91
N ASN B 158 0.27 -7.27 39.83
CA ASN B 158 -1.01 -7.30 40.50
C ASN B 158 -2.16 -7.20 39.50
N LEU B 159 -2.41 -8.29 38.77
CA LEU B 159 -3.49 -8.35 37.79
C LEU B 159 -4.40 -9.52 38.15
N PRO B 160 -5.73 -9.30 38.31
CA PRO B 160 -6.66 -10.39 38.63
C PRO B 160 -6.64 -11.50 37.57
N PRO B 161 -7.23 -12.68 37.85
CA PRO B 161 -7.25 -13.79 36.89
C PRO B 161 -7.97 -13.43 35.60
N ALA B 162 -9.06 -12.67 35.72
CA ALA B 162 -9.87 -12.26 34.59
C ALA B 162 -9.21 -11.10 33.83
N THR B 163 -8.15 -10.53 34.40
CA THR B 163 -7.46 -9.41 33.76
C THR B 163 -6.39 -9.96 32.83
N ARG B 164 -5.76 -11.08 33.20
CA ARG B 164 -4.72 -11.69 32.38
C ARG B 164 -5.33 -12.20 31.07
N GLU B 165 -6.55 -12.75 31.16
CA GLU B 165 -7.21 -13.29 29.98
C GLU B 165 -7.72 -12.16 29.08
N ARG B 166 -7.87 -10.94 29.62
CA ARG B 166 -8.34 -9.83 28.80
C ARG B 166 -7.29 -9.50 27.76
N PHE B 167 -6.06 -9.24 28.24
CA PHE B 167 -4.94 -8.92 27.37
C PHE B 167 -4.63 -10.08 26.44
N GLN B 168 -4.82 -11.31 26.95
CA GLN B 168 -4.56 -12.52 26.18
C GLN B 168 -5.54 -12.54 25.01
N SER B 169 -6.80 -12.17 25.28
CA SER B 169 -7.84 -12.15 24.27
C SER B 169 -7.53 -11.06 23.24
N LYS B 170 -6.91 -9.97 23.69
CA LYS B 170 -6.56 -8.86 22.80
C LYS B 170 -5.27 -9.19 22.05
N LEU B 171 -4.45 -10.07 22.64
CA LEU B 171 -3.19 -10.47 22.02
C LEU B 171 -3.47 -11.34 20.80
N VAL B 172 -4.29 -12.39 20.99
CA VAL B 172 -4.62 -13.31 19.91
C VAL B 172 -5.17 -12.52 18.73
N ASP B 173 -5.94 -11.45 19.00
CA ASP B 173 -6.51 -10.63 17.95
C ASP B 173 -5.37 -10.06 17.10
N ARG B 174 -4.31 -9.58 17.76
CA ARG B 174 -3.16 -9.04 17.07
C ARG B 174 -2.40 -10.16 16.37
N LEU B 175 -2.34 -11.33 16.99
CA LEU B 175 -1.64 -12.47 16.40
C LEU B 175 -2.38 -12.92 15.15
N HIS B 176 -3.72 -12.88 15.19
CA HIS B 176 -4.55 -13.27 14.06
C HIS B 176 -4.40 -12.23 12.95
N ASP B 177 -4.62 -10.95 13.29
CA ASP B 177 -4.51 -9.86 12.34
C ASP B 177 -3.09 -9.81 11.75
N LEU B 178 -2.13 -10.39 12.49
CA LEU B 178 -0.75 -10.42 12.06
C LEU B 178 -0.49 -11.67 11.21
N GLU B 179 -1.17 -12.77 11.55
CA GLU B 179 -1.00 -14.02 10.84
C GLU B 179 -1.64 -13.94 9.46
N LYS B 180 -2.69 -13.12 9.31
CA LYS B 180 -3.36 -12.98 8.03
C LYS B 180 -2.51 -12.16 7.07
N GLN B 181 -1.73 -11.21 7.62
CA GLN B 181 -0.87 -10.36 6.80
C GLN B 181 0.36 -11.14 6.33
N VAL B 182 0.94 -11.97 7.20
CA VAL B 182 2.11 -12.74 6.83
C VAL B 182 1.70 -13.78 5.79
N ASN B 183 0.55 -14.45 6.01
CA ASN B 183 0.08 -15.44 5.08
C ASN B 183 -0.17 -14.77 3.72
N ASP B 184 -0.76 -13.57 3.77
CA ASP B 184 -1.03 -12.81 2.55
C ASP B 184 0.31 -12.61 1.84
N MSE B 185 1.35 -12.27 2.63
CA MSE B 185 2.68 -12.04 2.13
C MSE B 185 3.33 -13.38 1.71
O MSE B 185 3.87 -13.49 0.62
CB MSE B 185 3.52 -11.34 3.19
CG MSE B 185 5.00 -11.69 3.19
SE MSE B 185 5.84 -11.28 4.92
CE MSE B 185 6.09 -9.34 4.65
N LEU B 186 3.25 -14.37 2.60
CA LEU B 186 3.82 -15.69 2.35
C LEU B 186 2.90 -16.53 1.46
N LEU B 187 2.11 -15.87 0.62
CA LEU B 187 1.23 -16.58 -0.31
C LEU B 187 1.83 -16.46 -1.70
N PHE B 188 2.40 -15.29 -1.96
CA PHE B 188 3.11 -15.11 -3.24
C PHE B 188 4.31 -16.03 -3.10
N ALA B 189 4.39 -17.13 -3.84
CA ALA B 189 5.52 -18.03 -3.54
C ALA B 189 5.82 -18.99 -4.69
N LYS B 190 7.11 -19.28 -4.91
CA LYS B 190 7.52 -20.24 -5.96
C LYS B 190 7.13 -19.68 -7.33
N SER C 18 32.69 40.76 43.66
CA SER C 18 32.20 42.03 43.07
C SER C 18 31.61 41.77 41.68
N LEU C 19 31.00 42.81 41.11
CA LEU C 19 30.39 42.73 39.78
C LEU C 19 31.49 42.68 38.72
N GLU C 20 32.65 43.24 39.05
CA GLU C 20 33.79 43.26 38.14
C GLU C 20 34.47 41.90 38.18
N ASP C 21 34.64 41.37 39.40
CA ASP C 21 35.27 40.08 39.60
C ASP C 21 34.36 38.97 39.07
N GLN C 22 33.07 39.28 38.93
CA GLN C 22 32.08 38.33 38.44
C GLN C 22 32.31 38.06 36.95
N VAL C 23 32.98 38.99 36.27
CA VAL C 23 33.26 38.85 34.84
C VAL C 23 34.27 37.72 34.63
N GLU C 24 35.45 37.86 35.24
CA GLU C 24 36.52 36.87 35.12
C GLU C 24 35.98 35.46 35.37
N ARG C 25 35.13 35.32 36.39
CA ARG C 25 34.54 34.04 36.73
C ARG C 25 33.88 33.43 35.49
N TYR C 26 33.05 34.23 34.83
CA TYR C 26 32.34 33.82 33.63
C TYR C 26 33.28 33.73 32.43
N LYS C 27 34.06 34.80 32.22
CA LYS C 27 35.00 34.84 31.11
C LYS C 27 35.84 33.56 31.06
N GLN C 28 36.20 33.05 32.24
CA GLN C 28 36.99 31.84 32.35
C GLN C 28 36.22 30.62 31.84
N VAL C 29 34.89 30.65 32.01
CA VAL C 29 34.04 29.55 31.56
C VAL C 29 34.13 29.42 30.04
N LEU C 30 34.13 30.55 29.34
CA LEU C 30 34.21 30.55 27.88
C LEU C 30 35.57 30.03 27.40
N ASP C 31 36.65 30.39 28.10
CA ASP C 31 37.98 29.97 27.71
C ASP C 31 38.10 28.45 27.66
N VAL C 32 37.56 27.76 28.68
CA VAL C 32 37.65 26.31 28.74
C VAL C 32 36.31 25.66 28.45
N MSE C 33 35.44 26.34 27.70
CA MSE C 33 34.13 25.81 27.38
C MSE C 33 34.23 24.82 26.22
O MSE C 33 34.79 25.16 25.18
CB MSE C 33 33.17 26.94 27.01
CG MSE C 33 31.85 26.92 27.74
SE MSE C 33 30.58 28.19 26.96
CE MSE C 33 30.59 29.55 28.36
N PRO C 34 33.71 23.58 26.36
CA PRO C 34 33.76 22.59 25.28
C PRO C 34 32.63 22.78 24.26
N ALA C 35 32.41 24.05 23.88
CA ALA C 35 31.38 24.43 22.91
C ALA C 35 31.66 25.85 22.46
N GLY C 36 31.58 26.08 21.15
CA GLY C 36 31.84 27.40 20.57
C GLY C 36 30.75 28.40 20.91
N VAL C 37 31.15 29.65 21.15
CA VAL C 37 30.24 30.74 21.48
C VAL C 37 30.61 31.96 20.64
N ILE C 38 29.59 32.54 19.99
CA ILE C 38 29.75 33.72 19.17
C ILE C 38 28.78 34.78 19.67
N LEU C 39 29.33 35.94 20.07
CA LEU C 39 28.53 37.05 20.57
C LEU C 39 28.41 38.11 19.47
N LEU C 40 27.19 38.27 18.94
CA LEU C 40 26.92 39.23 17.90
C LEU C 40 26.19 40.43 18.50
N ASP C 41 26.34 41.60 17.84
CA ASP C 41 25.70 42.82 18.27
C ASP C 41 24.48 43.04 17.37
N THR C 42 23.83 44.20 17.51
CA THR C 42 22.67 44.53 16.72
C THR C 42 23.09 44.76 15.26
N GLN C 43 24.34 45.19 15.07
CA GLN C 43 24.88 45.46 13.75
C GLN C 43 25.20 44.16 13.01
N GLY C 44 25.30 43.06 13.76
CA GLY C 44 25.59 41.75 13.18
C GLY C 44 27.09 41.48 13.10
N ILE C 45 27.88 42.29 13.83
CA ILE C 45 29.32 42.14 13.87
C ILE C 45 29.68 41.22 15.04
N VAL C 46 30.77 40.47 14.89
CA VAL C 46 31.22 39.56 15.94
C VAL C 46 32.04 40.36 16.94
N ARG C 47 31.49 40.58 18.14
CA ARG C 47 32.19 41.31 19.19
C ARG C 47 33.08 40.37 20.00
N GLU C 48 32.66 39.10 20.14
CA GLU C 48 33.44 38.14 20.90
C GLU C 48 33.21 36.73 20.37
N ALA C 49 34.22 35.88 20.54
CA ALA C 49 34.19 34.50 20.11
C ALA C 49 35.18 33.70 20.97
N ASN C 50 34.66 32.79 21.78
CA ASN C 50 35.50 31.98 22.66
C ASN C 50 36.50 31.18 21.82
N PRO C 51 37.59 30.66 22.43
CA PRO C 51 38.59 29.88 21.69
C PRO C 51 38.05 28.64 20.98
N GLU C 52 37.01 28.02 21.54
CA GLU C 52 36.44 26.82 20.96
C GLU C 52 35.82 27.12 19.60
N ALA C 53 35.12 28.26 19.50
CA ALA C 53 34.50 28.66 18.24
C ALA C 53 35.56 29.04 17.23
N GLN C 54 36.75 29.42 17.72
CA GLN C 54 37.82 29.82 16.83
C GLN C 54 38.49 28.57 16.24
N ARG C 55 38.30 27.41 16.89
CA ARG C 55 38.88 26.17 16.40
C ARG C 55 37.97 25.58 15.33
N LEU C 56 36.66 25.57 15.61
CA LEU C 56 35.67 25.05 14.67
C LEU C 56 35.69 25.89 13.40
N LEU C 57 35.47 27.21 13.56
CA LEU C 57 35.50 28.14 12.44
C LEU C 57 36.95 28.57 12.23
N ASP C 58 37.63 27.94 11.26
CA ASP C 58 39.03 28.23 10.98
C ASP C 58 39.15 29.50 10.13
N VAL C 59 38.55 30.60 10.61
CA VAL C 59 38.60 31.87 9.89
C VAL C 59 38.46 33.02 10.88
N PRO C 60 38.96 34.24 10.54
CA PRO C 60 38.84 35.40 11.42
C PRO C 60 37.37 35.64 11.76
N LEU C 61 37.08 35.93 13.03
CA LEU C 61 35.71 36.16 13.47
C LEU C 61 35.51 37.59 14.00
N VAL C 62 36.22 37.94 15.07
CA VAL C 62 36.11 39.24 15.69
C VAL C 62 36.34 40.35 14.67
N GLY C 63 35.36 41.26 14.55
CA GLY C 63 35.43 42.38 13.64
C GLY C 63 34.67 42.16 12.33
N GLU C 64 34.70 40.92 11.82
CA GLU C 64 34.03 40.58 10.57
C GLU C 64 32.52 40.55 10.75
N LYS C 65 31.80 40.77 9.64
CA LYS C 65 30.34 40.74 9.64
C LYS C 65 29.95 39.26 9.62
N TRP C 66 29.13 38.85 10.60
CA TRP C 66 28.72 37.46 10.72
C TRP C 66 28.30 36.88 9.37
N TYR C 67 27.62 37.68 8.55
CA TYR C 67 27.16 37.23 7.23
C TYR C 67 28.34 36.87 6.33
N SER C 68 29.44 37.63 6.43
CA SER C 68 30.62 37.38 5.62
C SER C 68 31.32 36.10 6.05
N VAL C 69 31.28 35.82 7.35
CA VAL C 69 31.90 34.62 7.91
C VAL C 69 31.19 33.37 7.37
N ILE C 70 29.88 33.47 7.18
CA ILE C 70 29.07 32.37 6.70
C ILE C 70 29.42 32.01 5.25
N GLN C 71 29.83 33.00 4.45
CA GLN C 71 30.13 32.74 3.04
C GLN C 71 31.48 32.05 2.86
N ILE C 72 32.28 31.92 3.92
CA ILE C 72 33.58 31.28 3.77
C ILE C 72 33.76 30.17 4.80
N ALA C 73 33.18 30.35 6.00
CA ALA C 73 33.34 29.36 7.06
C ALA C 73 32.50 28.11 6.82
N PHE C 74 31.24 28.30 6.40
CA PHE C 74 30.35 27.17 6.20
C PHE C 74 30.32 26.70 4.75
N ALA C 75 29.79 25.48 4.58
CA ALA C 75 29.65 24.81 3.28
C ALA C 75 28.49 23.83 3.37
N PRO C 76 27.23 24.33 3.48
CA PRO C 76 26.06 23.47 3.60
C PRO C 76 25.92 22.37 2.55
N ARG C 77 25.88 21.11 3.03
CA ARG C 77 25.72 19.95 2.18
C ARG C 77 24.24 19.58 2.17
N ASP C 78 23.83 18.78 1.18
CA ASP C 78 22.45 18.34 1.04
C ASP C 78 22.12 17.31 2.11
N ASP C 79 23.13 16.53 2.52
CA ASP C 79 22.95 15.48 3.52
C ASP C 79 22.94 16.06 4.94
N ASP C 80 23.06 17.38 5.07
CA ASP C 80 23.05 18.02 6.38
C ASP C 80 21.61 18.09 6.88
N GLY C 81 21.24 17.16 7.76
CA GLY C 81 19.89 17.12 8.32
C GLY C 81 19.71 18.18 9.40
N HIS C 82 19.84 17.76 10.67
CA HIS C 82 19.68 18.63 11.82
C HIS C 82 20.97 19.44 12.05
N GLU C 83 22.03 19.11 11.31
CA GLU C 83 23.31 19.79 11.43
C GLU C 83 23.59 20.59 10.17
N ILE C 84 24.69 21.34 10.19
CA ILE C 84 25.15 22.15 9.08
C ILE C 84 26.66 21.90 8.96
N SER C 85 27.11 21.52 7.75
CA SER C 85 28.51 21.22 7.52
C SER C 85 29.34 22.47 7.33
N LEU C 86 30.59 22.40 7.80
CA LEU C 86 31.55 23.49 7.68
C LEU C 86 32.32 23.25 6.39
N ARG C 87 33.37 24.04 6.14
CA ARG C 87 34.12 23.87 4.91
C ARG C 87 35.11 22.71 5.01
N ASN C 88 35.28 22.12 6.20
CA ASN C 88 36.22 21.02 6.37
C ASN C 88 35.53 19.77 6.90
N GLY C 89 34.39 19.43 6.28
CA GLY C 89 33.62 18.23 6.62
C GLY C 89 33.04 18.17 8.03
N ARG C 90 33.38 19.13 8.91
CA ARG C 90 32.81 19.06 10.25
C ARG C 90 31.30 19.28 10.19
N LYS C 91 30.57 18.41 10.90
CA LYS C 91 29.12 18.49 11.00
C LYS C 91 28.80 19.12 12.34
N VAL C 92 28.37 20.38 12.31
CA VAL C 92 28.08 21.14 13.51
C VAL C 92 26.60 21.52 13.57
N ARG C 93 26.11 21.78 14.79
CA ARG C 93 24.73 22.17 15.03
C ARG C 93 24.76 23.55 15.69
N LEU C 94 23.95 24.48 15.17
CA LEU C 94 23.88 25.84 15.70
C LEU C 94 22.64 26.03 16.57
N ALA C 95 22.82 26.78 17.66
CA ALA C 95 21.76 27.09 18.59
C ALA C 95 21.76 28.59 18.81
N ILE C 96 20.88 29.30 18.08
CA ILE C 96 20.81 30.75 18.15
C ILE C 96 19.76 31.15 19.19
N SER C 97 20.09 32.18 19.97
CA SER C 97 19.22 32.70 21.01
C SER C 97 19.09 34.21 20.87
N ALA C 98 18.14 34.80 21.61
CA ALA C 98 17.89 36.23 21.58
C ALA C 98 18.57 36.89 22.77
N SER C 99 19.67 37.61 22.50
CA SER C 99 20.42 38.30 23.52
C SER C 99 19.92 39.73 23.65
N THR C 100 19.98 40.27 24.87
CA THR C 100 19.55 41.62 25.15
C THR C 100 20.39 42.60 24.33
N THR C 101 21.65 42.24 24.10
CA THR C 101 22.57 43.06 23.33
C THR C 101 22.30 42.87 21.85
N GLY C 102 22.56 41.65 21.35
CA GLY C 102 22.34 41.33 19.95
C GLY C 102 21.88 39.89 19.74
N GLN C 103 22.78 39.05 19.20
CA GLN C 103 22.47 37.66 18.94
C GLN C 103 23.54 36.75 19.54
N LEU C 104 23.10 35.59 20.03
CA LEU C 104 23.97 34.59 20.63
C LEU C 104 23.95 33.34 19.76
N ILE C 105 25.12 32.74 19.54
CA ILE C 105 25.23 31.56 18.70
C ILE C 105 26.12 30.53 19.38
N LEU C 106 25.55 29.35 19.70
CA LEU C 106 26.29 28.26 20.30
C LEU C 106 26.60 27.26 19.19
N ILE C 107 27.89 26.89 19.09
CA ILE C 107 28.34 25.98 18.06
C ILE C 107 28.73 24.64 18.69
N THR C 108 27.90 23.62 18.44
CA THR C 108 28.11 22.28 18.97
C THR C 108 28.55 21.36 17.82
N ASP C 109 29.64 20.60 18.06
CA ASP C 109 30.17 19.68 17.06
C ASP C 109 29.60 18.28 17.29
N LEU C 110 28.97 17.71 16.26
CA LEU C 110 28.39 16.38 16.33
C LEU C 110 28.98 15.47 15.26
N THR C 111 30.21 15.77 14.82
CA THR C 111 30.86 14.96 13.80
C THR C 111 30.95 13.52 14.27
N GLU C 112 31.41 13.33 15.51
CA GLU C 112 31.54 12.01 16.09
C GLU C 112 30.16 11.35 16.16
N THR C 113 29.22 12.04 16.82
CA THR C 113 27.87 11.54 16.98
C THR C 113 27.34 10.99 15.67
N ARG C 114 27.45 11.76 14.58
CA ARG C 114 26.94 11.31 13.30
C ARG C 114 27.82 10.18 12.73
N LEU C 115 29.14 10.26 12.95
CA LEU C 115 30.02 9.23 12.45
C LEU C 115 29.67 7.90 13.12
N LEU C 116 29.24 7.97 14.38
CA LEU C 116 28.84 6.78 15.14
C LEU C 116 27.53 6.25 14.58
N GLN C 117 26.51 7.11 14.51
CA GLN C 117 25.20 6.74 14.00
C GLN C 117 25.33 6.11 12.61
N SER C 118 26.30 6.61 11.83
CA SER C 118 26.54 6.11 10.49
C SER C 118 27.02 4.66 10.54
N ARG C 119 27.96 4.39 11.45
CA ARG C 119 28.51 3.05 11.62
C ARG C 119 27.39 2.06 11.96
N ILE C 120 26.52 2.46 12.89
CA ILE C 120 25.41 1.63 13.31
C ILE C 120 24.64 1.14 12.08
N SER C 121 24.42 2.03 11.11
CA SER C 121 23.69 1.67 9.90
C SER C 121 24.41 0.55 9.15
N ASP C 122 25.73 0.69 8.98
CA ASP C 122 26.53 -0.30 8.29
C ASP C 122 26.42 -1.65 8.99
N LEU C 123 26.45 -1.64 10.32
CA LEU C 123 26.36 -2.85 11.11
C LEU C 123 24.96 -3.45 10.99
N GLN C 124 23.93 -2.59 10.99
CA GLN C 124 22.56 -3.03 10.86
C GLN C 124 22.38 -3.74 9.52
N ARG C 125 23.09 -3.25 8.50
CA ARG C 125 23.02 -3.81 7.16
C ARG C 125 23.67 -5.19 7.14
N LEU C 126 24.89 -5.30 7.69
CA LEU C 126 25.61 -6.56 7.72
C LEU C 126 24.86 -7.57 8.60
N SER C 127 24.33 -7.10 9.74
CA SER C 127 23.60 -7.96 10.65
C SER C 127 22.45 -8.66 9.93
N SER C 128 21.68 -7.89 9.16
CA SER C 128 20.54 -8.41 8.42
C SER C 128 21.00 -9.38 7.33
N LEU C 129 22.14 -9.06 6.70
CA LEU C 129 22.68 -9.89 5.63
C LEU C 129 23.01 -11.29 6.15
N GLY C 130 23.35 -11.38 7.44
CA GLY C 130 23.70 -12.65 8.05
C GLY C 130 22.50 -13.55 8.30
N ARG C 131 21.33 -12.95 8.55
CA ARG C 131 20.11 -13.70 8.80
C ARG C 131 19.32 -13.92 7.51
N MSE C 132 19.84 -13.42 6.38
CA MSE C 132 19.17 -13.57 5.10
C MSE C 132 19.93 -14.52 4.20
O MSE C 132 19.41 -14.97 3.18
CB MSE C 132 19.04 -12.20 4.42
CG MSE C 132 17.94 -11.32 4.97
SE MSE C 132 17.79 -9.65 3.94
CE MSE C 132 17.19 -10.42 2.24
N VAL C 133 21.18 -14.85 4.59
CA VAL C 133 22.05 -15.72 3.83
C VAL C 133 21.27 -16.92 3.27
N ALA C 134 20.55 -17.63 4.13
CA ALA C 134 19.78 -18.80 3.73
C ALA C 134 18.99 -18.53 2.45
N SER C 135 18.29 -17.39 2.41
CA SER C 135 17.48 -17.01 1.27
C SER C 135 18.36 -16.53 0.11
N LEU C 136 19.35 -15.68 0.42
CA LEU C 136 20.26 -15.16 -0.58
C LEU C 136 20.90 -16.32 -1.34
N ALA C 137 21.28 -17.36 -0.60
CA ALA C 137 21.93 -18.55 -1.15
C ALA C 137 20.94 -19.41 -1.93
N HIS C 138 19.66 -19.36 -1.56
CA HIS C 138 18.65 -20.16 -2.24
C HIS C 138 18.37 -19.57 -3.62
N GLN C 139 18.24 -18.23 -3.70
CA GLN C 139 17.94 -17.57 -4.96
C GLN C 139 19.06 -17.77 -5.98
N VAL C 140 20.26 -18.14 -5.52
CA VAL C 140 21.36 -18.35 -6.44
C VAL C 140 21.44 -19.82 -6.85
N ARG C 141 20.62 -20.67 -6.20
CA ARG C 141 20.62 -22.09 -6.51
C ARG C 141 19.77 -22.37 -7.75
N THR C 142 18.51 -21.92 -7.72
CA THR C 142 17.59 -22.14 -8.83
C THR C 142 18.26 -21.76 -10.16
N PRO C 143 18.88 -20.57 -10.30
CA PRO C 143 19.54 -20.18 -11.55
C PRO C 143 20.80 -21.00 -11.83
N LEU C 144 21.52 -21.38 -10.77
CA LEU C 144 22.75 -22.16 -10.90
C LEU C 144 22.40 -23.60 -11.24
N SER C 145 21.37 -24.14 -10.60
CA SER C 145 20.92 -25.50 -10.82
C SER C 145 20.70 -25.72 -12.32
N SER C 146 19.99 -24.79 -12.96
CA SER C 146 19.71 -24.88 -14.38
C SER C 146 20.98 -24.65 -15.19
N ALA C 147 21.84 -23.75 -14.69
CA ALA C 147 23.10 -23.44 -15.35
C ALA C 147 23.99 -24.69 -15.40
N MSE C 148 23.80 -25.59 -14.42
CA MSE C 148 24.57 -26.82 -14.35
C MSE C 148 24.01 -27.84 -15.34
O MSE C 148 24.74 -28.69 -15.83
CB MSE C 148 24.54 -27.39 -12.92
CG MSE C 148 25.53 -26.73 -11.97
SE MSE C 148 25.79 -27.79 -10.34
CE MSE C 148 24.58 -26.80 -9.15
N LEU C 149 22.70 -27.74 -15.62
CA LEU C 149 22.04 -28.65 -16.55
C LEU C 149 22.37 -28.26 -17.98
N TYR C 150 22.28 -26.96 -18.29
CA TYR C 150 22.56 -26.46 -19.63
C TYR C 150 24.06 -26.48 -19.91
N ALA C 151 24.86 -26.72 -18.87
CA ALA C 151 26.31 -26.77 -19.03
C ALA C 151 26.72 -28.09 -19.68
N ALA C 152 25.82 -29.09 -19.64
CA ALA C 152 26.07 -30.40 -20.22
C ALA C 152 25.98 -30.34 -21.75
N ASN C 153 25.23 -29.36 -22.25
CA ASN C 153 25.05 -29.19 -23.69
C ASN C 153 26.34 -28.67 -24.32
N LEU C 154 26.49 -28.91 -25.63
CA LEU C 154 27.66 -28.47 -26.37
C LEU C 154 27.65 -26.94 -26.49
N PRO C 160 22.69 -28.35 -33.31
CA PRO C 160 22.82 -27.98 -34.73
C PRO C 160 23.31 -26.54 -34.92
N PRO C 161 23.60 -26.12 -36.17
CA PRO C 161 24.08 -24.76 -36.44
C PRO C 161 23.12 -23.63 -36.12
N ALA C 162 21.81 -23.90 -36.17
CA ALA C 162 20.79 -22.89 -35.90
C ALA C 162 20.09 -23.14 -34.58
N THR C 163 20.49 -24.20 -33.85
CA THR C 163 19.88 -24.53 -32.58
C THR C 163 20.81 -24.16 -31.43
N ARG C 164 22.00 -23.64 -31.75
CA ARG C 164 22.97 -23.26 -30.74
C ARG C 164 22.59 -21.89 -30.16
N GLU C 165 22.13 -20.98 -31.03
CA GLU C 165 21.74 -19.63 -30.64
C GLU C 165 20.71 -19.64 -29.52
N ARG C 166 19.94 -20.73 -29.41
CA ARG C 166 18.91 -20.83 -28.38
C ARG C 166 19.55 -21.02 -27.01
N PHE C 167 20.33 -22.09 -26.85
CA PHE C 167 20.99 -22.38 -25.58
C PHE C 167 22.22 -21.51 -25.39
N GLN C 168 22.80 -21.00 -26.49
CA GLN C 168 23.98 -20.16 -26.41
C GLN C 168 23.63 -18.85 -25.72
N SER C 169 22.57 -18.18 -26.20
CA SER C 169 22.12 -16.93 -25.64
C SER C 169 21.65 -17.15 -24.19
N LYS C 170 20.99 -18.30 -23.97
CA LYS C 170 20.48 -18.64 -22.65
C LYS C 170 21.60 -18.64 -21.62
N LEU C 171 22.78 -19.16 -22.01
CA LEU C 171 23.92 -19.23 -21.11
C LEU C 171 24.18 -17.84 -20.53
N VAL C 172 24.36 -16.85 -21.41
CA VAL C 172 24.63 -15.47 -21.03
C VAL C 172 23.42 -14.88 -20.30
N ASP C 173 22.21 -15.31 -20.68
CA ASP C 173 20.99 -14.81 -20.07
C ASP C 173 20.79 -15.40 -18.68
N ARG C 174 21.74 -16.22 -18.20
CA ARG C 174 21.62 -16.79 -16.87
C ARG C 174 22.86 -16.49 -16.05
N LEU C 175 23.87 -15.87 -16.68
CA LEU C 175 25.09 -15.49 -16.00
C LEU C 175 24.84 -14.23 -15.19
N HIS C 176 24.13 -13.28 -15.81
CA HIS C 176 23.78 -12.02 -15.17
C HIS C 176 22.92 -12.31 -13.94
N ASP C 177 21.97 -13.24 -14.10
CA ASP C 177 21.07 -13.63 -13.02
C ASP C 177 21.90 -13.93 -11.77
N LEU C 178 23.10 -14.49 -11.97
CA LEU C 178 23.99 -14.82 -10.86
C LEU C 178 24.82 -13.59 -10.49
N GLU C 179 25.25 -12.82 -11.50
CA GLU C 179 26.07 -11.64 -11.28
C GLU C 179 25.26 -10.57 -10.54
N LYS C 180 24.06 -10.28 -11.04
CA LYS C 180 23.17 -9.29 -10.46
C LYS C 180 23.00 -9.51 -8.96
N GLN C 181 22.77 -10.75 -8.56
CA GLN C 181 22.56 -11.10 -7.15
C GLN C 181 23.82 -10.88 -6.31
N VAL C 182 24.96 -11.40 -6.78
CA VAL C 182 26.21 -11.26 -6.03
C VAL C 182 26.60 -9.78 -5.95
N ASN C 183 26.32 -9.01 -7.01
CA ASN C 183 26.63 -7.59 -7.02
C ASN C 183 25.69 -6.87 -6.04
N ASP C 184 24.43 -7.29 -6.02
CA ASP C 184 23.42 -6.70 -5.16
C ASP C 184 23.71 -7.07 -3.70
N MSE C 185 24.33 -8.24 -3.49
CA MSE C 185 24.67 -8.69 -2.15
C MSE C 185 25.72 -7.74 -1.55
O MSE C 185 25.50 -7.18 -0.48
CB MSE C 185 25.19 -10.13 -2.18
CG MSE C 185 24.11 -11.18 -2.01
SE MSE C 185 24.85 -13.01 -2.02
CE MSE C 185 25.52 -13.05 -0.18
N LEU C 186 26.83 -7.57 -2.27
CA LEU C 186 27.92 -6.70 -1.85
C LEU C 186 27.43 -5.25 -1.78
N LEU C 187 26.54 -4.87 -2.71
CA LEU C 187 26.02 -3.52 -2.72
C LEU C 187 25.29 -3.27 -1.40
N PHE C 188 24.62 -4.33 -0.90
CA PHE C 188 23.89 -4.28 0.35
C PHE C 188 24.82 -4.70 1.49
N ALA C 189 26.01 -4.07 1.54
CA ALA C 189 27.00 -4.36 2.56
C ALA C 189 27.72 -3.08 2.96
N LYS C 190 28.19 -2.32 1.97
CA LYS C 190 28.89 -1.07 2.21
C LYS C 190 28.03 -0.16 3.10
N SER D 18 30.00 46.19 28.09
CA SER D 18 30.50 47.48 28.66
C SER D 18 31.01 47.24 30.08
N LEU D 19 30.17 47.55 31.09
CA LEU D 19 30.54 47.38 32.48
C LEU D 19 29.68 46.28 33.09
N GLU D 20 28.36 46.48 33.08
CA GLU D 20 27.40 45.53 33.62
C GLU D 20 26.77 44.71 32.51
N ASP D 21 26.79 45.26 31.28
CA ASP D 21 26.21 44.58 30.13
C ASP D 21 27.01 43.33 29.79
N GLN D 22 28.34 43.39 30.01
CA GLN D 22 29.21 42.26 29.72
C GLN D 22 28.90 41.11 30.68
N VAL D 23 28.44 41.45 31.88
CA VAL D 23 28.11 40.45 32.89
C VAL D 23 26.78 39.79 32.54
N GLU D 24 25.93 40.50 31.77
CA GLU D 24 24.62 39.96 31.40
C GLU D 24 24.74 39.00 30.22
N ARG D 25 25.49 39.39 29.18
CA ARG D 25 25.64 38.52 28.02
C ARG D 25 26.16 37.16 28.45
N TYR D 26 27.19 37.16 29.31
CA TYR D 26 27.78 35.92 29.80
C TYR D 26 26.74 35.13 30.59
N LYS D 27 26.04 35.81 31.51
CA LYS D 27 25.03 35.17 32.34
C LYS D 27 24.03 34.43 31.46
N GLN D 28 23.81 34.93 30.25
CA GLN D 28 22.88 34.32 29.30
C GLN D 28 23.47 33.01 28.75
N VAL D 29 24.76 33.04 28.41
CA VAL D 29 25.45 31.89 27.84
C VAL D 29 25.37 30.69 28.78
N LEU D 30 25.58 30.91 30.08
CA LEU D 30 25.54 29.80 31.03
C LEU D 30 24.13 29.22 31.13
N ASP D 31 23.11 30.07 31.03
CA ASP D 31 21.73 29.61 31.15
C ASP D 31 21.22 28.92 29.89
N VAL D 32 21.95 28.97 28.77
CA VAL D 32 21.45 28.33 27.56
C VAL D 32 22.47 27.35 26.97
N MSE D 33 23.69 27.29 27.51
CA MSE D 33 24.69 26.38 26.97
C MSE D 33 24.32 24.94 27.30
O MSE D 33 23.73 24.67 28.35
CB MSE D 33 26.09 26.73 27.51
CG MSE D 33 26.28 26.43 28.98
SE MSE D 33 27.91 27.30 29.60
CE MSE D 33 29.14 25.77 29.45
N PRO D 34 24.65 23.98 26.42
CA PRO D 34 24.34 22.56 26.65
C PRO D 34 25.41 21.84 27.46
N ALA D 35 25.73 22.40 28.64
CA ALA D 35 26.72 21.82 29.51
C ALA D 35 26.60 22.43 30.90
N GLY D 36 26.55 21.57 31.93
CA GLY D 36 26.43 22.00 33.30
C GLY D 36 27.69 22.74 33.77
N VAL D 37 27.49 23.83 34.52
CA VAL D 37 28.59 24.62 35.04
C VAL D 37 28.38 24.80 36.54
N ILE D 38 29.43 24.51 37.31
CA ILE D 38 29.40 24.64 38.76
C ILE D 38 30.54 25.58 39.16
N LEU D 39 30.18 26.67 39.84
CA LEU D 39 31.15 27.67 40.30
C LEU D 39 31.29 27.56 41.81
N LEU D 40 32.49 27.22 42.28
CA LEU D 40 32.76 27.07 43.70
C LEU D 40 33.50 28.31 44.22
N ASP D 41 33.71 28.35 45.54
CA ASP D 41 34.42 29.43 46.20
C ASP D 41 35.65 28.82 46.86
N THR D 42 36.39 29.65 47.62
CA THR D 42 37.59 29.15 48.28
C THR D 42 37.21 28.06 49.30
N GLN D 43 36.04 28.19 49.94
CA GLN D 43 35.58 27.20 50.90
C GLN D 43 35.09 25.94 50.17
N GLY D 44 35.01 26.02 48.83
CA GLY D 44 34.56 24.88 48.03
C GLY D 44 33.04 24.72 48.08
N ILE D 45 32.34 25.85 48.15
CA ILE D 45 30.90 25.89 48.21
C ILE D 45 30.35 26.38 46.87
N VAL D 46 29.32 25.70 46.37
CA VAL D 46 28.69 26.04 45.11
C VAL D 46 27.88 27.32 45.31
N ARG D 47 28.22 28.38 44.57
CA ARG D 47 27.50 29.64 44.69
C ARG D 47 26.73 29.95 43.41
N GLU D 48 26.83 29.06 42.41
CA GLU D 48 26.12 29.28 41.16
C GLU D 48 26.12 28.00 40.34
N ALA D 49 24.95 27.68 39.76
CA ALA D 49 24.76 26.50 38.94
C ALA D 49 23.68 26.80 37.90
N ASN D 50 24.04 26.63 36.61
CA ASN D 50 23.12 26.91 35.52
C ASN D 50 22.03 25.82 35.46
N PRO D 51 20.99 26.00 34.61
CA PRO D 51 19.91 25.02 34.49
C PRO D 51 20.36 23.60 34.14
N GLU D 52 21.34 23.48 33.24
CA GLU D 52 21.85 22.18 32.83
C GLU D 52 22.51 21.49 34.02
N ALA D 53 23.19 22.27 34.87
CA ALA D 53 23.86 21.72 36.04
C ALA D 53 22.86 20.94 36.89
N GLN D 54 21.73 21.59 37.22
CA GLN D 54 20.69 20.99 38.03
C GLN D 54 20.07 19.80 37.29
N ARG D 55 19.74 20.04 36.01
CA ARG D 55 19.12 19.04 35.14
C ARG D 55 19.92 17.74 35.20
N LEU D 56 21.24 17.83 35.46
CA LEU D 56 22.08 16.65 35.53
C LEU D 56 22.17 16.13 36.97
N LEU D 57 22.61 17.01 37.89
CA LEU D 57 22.78 16.65 39.30
C LEU D 57 21.43 16.31 39.93
N ASP D 58 20.46 17.23 39.81
CA ASP D 58 19.11 17.04 40.32
C ASP D 58 19.11 17.05 41.85
N VAL D 59 19.87 17.97 42.45
CA VAL D 59 19.94 18.11 43.90
C VAL D 59 20.29 19.55 44.25
N PRO D 60 19.98 20.05 45.47
CA PRO D 60 20.31 21.42 45.84
C PRO D 60 21.80 21.69 45.60
N LEU D 61 22.10 22.77 44.88
CA LEU D 61 23.47 23.12 44.54
C LEU D 61 23.91 24.40 45.25
N VAL D 62 23.33 25.54 44.86
CA VAL D 62 23.70 26.83 45.44
C VAL D 62 23.47 26.80 46.95
N GLY D 63 24.51 27.19 47.71
CA GLY D 63 24.46 27.23 49.15
C GLY D 63 24.99 25.95 49.81
N GLU D 64 25.16 24.89 49.03
CA GLU D 64 25.64 23.61 49.52
C GLU D 64 27.13 23.45 49.23
N LYS D 65 27.77 22.53 49.96
CA LYS D 65 29.18 22.21 49.80
C LYS D 65 29.30 21.31 48.57
N TRP D 66 30.36 21.50 47.78
CA TRP D 66 30.55 20.69 46.58
C TRP D 66 30.80 19.23 46.94
N TYR D 67 31.82 18.97 47.77
CA TYR D 67 32.13 17.61 48.19
C TYR D 67 30.92 16.93 48.84
N SER D 68 29.97 17.73 49.36
CA SER D 68 28.78 17.18 49.98
C SER D 68 27.79 16.73 48.90
N VAL D 69 27.73 17.47 47.79
CA VAL D 69 26.83 17.13 46.70
C VAL D 69 27.33 15.85 46.01
N ILE D 70 28.66 15.69 45.97
CA ILE D 70 29.28 14.52 45.35
C ILE D 70 28.85 13.26 46.11
N GLN D 71 28.50 13.42 47.40
CA GLN D 71 28.08 12.31 48.24
C GLN D 71 26.77 11.71 47.73
N ILE D 72 25.87 12.55 47.22
CA ILE D 72 24.57 12.10 46.75
C ILE D 72 24.50 12.10 45.22
N ALA D 73 24.61 13.30 44.63
CA ALA D 73 24.53 13.50 43.19
C ALA D 73 25.26 12.41 42.39
N PHE D 74 26.50 12.10 42.77
CA PHE D 74 27.28 11.12 42.04
C PHE D 74 27.08 9.70 42.59
N ALA D 75 27.37 8.73 41.71
CA ALA D 75 27.27 7.30 42.00
C ALA D 75 28.28 6.57 41.15
N PRO D 76 29.59 6.73 41.44
CA PRO D 76 30.67 6.08 40.68
C PRO D 76 30.55 4.58 40.47
N ARG D 77 31.02 4.14 39.30
CA ARG D 77 31.02 2.74 38.90
C ARG D 77 32.42 2.40 38.40
N ASP D 78 32.57 1.19 37.83
CA ASP D 78 33.87 0.77 37.32
C ASP D 78 33.81 0.68 35.78
N ASP D 79 32.60 0.67 35.23
CA ASP D 79 32.41 0.58 33.79
C ASP D 79 32.17 1.98 33.20
N ASP D 80 32.42 3.03 33.98
CA ASP D 80 32.23 4.40 33.54
C ASP D 80 33.32 4.80 32.55
N GLY D 81 34.27 3.89 32.28
CA GLY D 81 35.35 4.18 31.35
C GLY D 81 36.07 5.48 31.72
N HIS D 82 35.79 6.55 30.96
CA HIS D 82 36.39 7.85 31.19
C HIS D 82 35.30 8.85 31.53
N GLU D 83 34.16 8.34 32.04
CA GLU D 83 33.02 9.15 32.40
C GLU D 83 32.70 8.98 33.89
N ILE D 84 31.60 9.60 34.33
CA ILE D 84 31.16 9.51 35.71
C ILE D 84 29.65 9.25 35.71
N SER D 85 29.19 8.34 36.59
CA SER D 85 27.77 8.01 36.68
C SER D 85 27.13 8.79 37.83
N LEU D 86 25.92 9.33 37.57
CA LEU D 86 25.19 10.09 38.55
C LEU D 86 24.11 9.21 39.20
N ARG D 87 23.40 9.80 40.17
CA ARG D 87 22.34 9.10 40.88
C ARG D 87 21.23 8.72 39.90
N ASN D 88 21.07 9.51 38.84
CA ASN D 88 20.07 9.24 37.82
C ASN D 88 20.48 8.00 37.04
N GLY D 89 21.68 8.06 36.45
CA GLY D 89 22.22 6.96 35.67
C GLY D 89 23.04 7.46 34.48
N ARG D 90 22.94 8.76 34.19
CA ARG D 90 23.65 9.38 33.08
C ARG D 90 25.16 9.29 33.31
N LYS D 91 25.91 9.37 32.21
CA LYS D 91 27.37 9.32 32.25
C LYS D 91 27.91 10.65 31.73
N VAL D 92 28.43 11.47 32.65
CA VAL D 92 28.96 12.79 32.31
C VAL D 92 30.48 12.76 32.34
N ARG D 93 31.08 13.74 31.65
CA ARG D 93 32.53 13.90 31.58
C ARG D 93 32.86 15.15 32.37
N LEU D 94 34.02 15.15 33.05
CA LEU D 94 34.42 16.27 33.87
C LEU D 94 35.58 17.04 33.24
N ALA D 95 35.59 18.35 33.51
CA ALA D 95 36.62 19.27 33.07
C ALA D 95 36.96 20.15 34.26
N ILE D 96 37.65 19.52 35.22
CA ILE D 96 38.05 20.13 36.49
C ILE D 96 39.09 21.24 36.25
N SER D 97 39.02 22.26 37.10
CA SER D 97 39.91 23.41 37.07
C SER D 97 39.65 24.28 38.30
N ALA D 98 40.74 24.74 38.95
CA ALA D 98 40.63 25.56 40.14
C ALA D 98 41.08 27.00 39.85
N SER D 99 40.88 27.88 40.85
CA SER D 99 41.25 29.28 40.76
C SER D 99 41.34 29.89 42.16
N THR D 100 41.71 31.18 42.22
CA THR D 100 41.83 31.88 43.48
C THR D 100 40.45 32.25 44.02
N THR D 101 39.51 32.51 43.10
CA THR D 101 38.15 32.87 43.47
C THR D 101 37.36 31.62 43.85
N GLY D 102 37.86 30.44 43.45
CA GLY D 102 37.19 29.19 43.77
C GLY D 102 37.57 28.06 42.81
N GLN D 103 36.57 27.30 42.37
CA GLN D 103 36.80 26.20 41.45
C GLN D 103 35.75 26.22 40.35
N LEU D 104 36.10 25.61 39.21
CA LEU D 104 35.23 25.51 38.05
C LEU D 104 35.08 24.04 37.68
N ILE D 105 33.83 23.58 37.57
CA ILE D 105 33.54 22.21 37.22
C ILE D 105 32.55 22.22 36.05
N LEU D 106 33.00 21.70 34.89
CA LEU D 106 32.14 21.61 33.71
C LEU D 106 31.63 20.18 33.63
N ILE D 107 30.33 20.03 33.34
CA ILE D 107 29.71 18.71 33.27
C ILE D 107 29.01 18.57 31.92
N THR D 108 29.60 17.76 31.03
CA THR D 108 29.04 17.50 29.71
C THR D 108 28.38 16.12 29.76
N ASP D 109 27.18 16.01 29.18
CA ASP D 109 26.43 14.76 29.20
C ASP D 109 26.77 13.94 27.95
N LEU D 110 27.40 12.77 28.16
CA LEU D 110 27.78 11.87 27.08
C LEU D 110 27.02 10.55 27.22
N THR D 111 25.78 10.61 27.69
CA THR D 111 24.96 9.41 27.85
C THR D 111 24.61 8.87 26.47
N GLU D 112 24.40 9.79 25.51
CA GLU D 112 24.04 9.44 24.14
C GLU D 112 25.22 8.74 23.45
N THR D 113 26.35 9.45 23.36
CA THR D 113 27.54 8.94 22.71
C THR D 113 27.84 7.51 23.19
N ARG D 114 27.90 7.34 24.51
CA ARG D 114 28.19 6.04 25.10
C ARG D 114 27.15 5.00 24.66
N LEU D 115 25.88 5.39 24.68
CA LEU D 115 24.79 4.50 24.31
C LEU D 115 25.04 3.95 22.91
N LEU D 116 25.47 4.81 21.99
CA LEU D 116 25.76 4.43 20.62
C LEU D 116 26.95 3.48 20.57
N GLN D 117 27.98 3.79 21.36
CA GLN D 117 29.19 2.97 21.41
C GLN D 117 28.84 1.55 21.85
N SER D 118 27.83 1.42 22.72
CA SER D 118 27.39 0.13 23.21
C SER D 118 26.73 -0.66 22.09
N ARG D 119 25.86 0.02 21.33
CA ARG D 119 25.15 -0.59 20.22
C ARG D 119 26.12 -1.12 19.17
N ILE D 120 27.27 -0.45 19.01
CA ILE D 120 28.27 -0.87 18.04
C ILE D 120 28.86 -2.21 18.45
N SER D 121 29.14 -2.39 19.76
CA SER D 121 29.71 -3.62 20.27
C SER D 121 28.66 -4.74 20.28
N ASP D 122 27.38 -4.36 20.36
CA ASP D 122 26.29 -5.33 20.37
C ASP D 122 26.03 -5.82 18.94
N LEU D 123 26.09 -4.89 17.97
CA LEU D 123 25.87 -5.23 16.58
C LEU D 123 27.14 -5.82 15.97
N GLN D 124 28.26 -5.71 16.69
CA GLN D 124 29.54 -6.22 16.22
C GLN D 124 29.50 -7.75 16.22
N ARG D 125 28.64 -8.33 17.07
CA ARG D 125 28.49 -9.77 17.20
C ARG D 125 27.74 -10.35 16.00
N LEU D 126 26.50 -9.90 15.80
CA LEU D 126 25.65 -10.39 14.71
C LEU D 126 26.24 -10.00 13.35
N SER D 127 27.01 -8.90 13.30
CA SER D 127 27.61 -8.46 12.05
C SER D 127 28.58 -9.51 11.53
N SER D 128 29.26 -10.20 12.45
CA SER D 128 30.22 -11.24 12.09
C SER D 128 29.61 -12.20 11.07
N LEU D 129 28.46 -12.78 11.44
CA LEU D 129 27.75 -13.71 10.58
C LEU D 129 27.54 -13.07 9.21
N GLY D 130 27.31 -11.75 9.20
CA GLY D 130 27.11 -11.01 7.96
C GLY D 130 28.41 -10.74 7.22
N ARG D 131 29.49 -10.51 7.98
CA ARG D 131 30.80 -10.23 7.41
C ARG D 131 31.36 -11.51 6.78
N MSE D 132 30.82 -12.67 7.22
CA MSE D 132 31.24 -13.95 6.68
C MSE D 132 30.59 -14.13 5.31
O MSE D 132 31.25 -14.53 4.35
CB MSE D 132 30.83 -15.09 7.62
CG MSE D 132 31.76 -15.28 8.81
SE MSE D 132 31.55 -17.07 9.59
CE MSE D 132 29.85 -16.82 10.51
N VAL D 133 29.29 -13.80 5.23
CA VAL D 133 28.50 -13.92 4.01
C VAL D 133 29.06 -12.96 2.96
N ALA D 134 29.59 -11.82 3.42
CA ALA D 134 30.15 -10.82 2.51
C ALA D 134 31.47 -11.33 1.93
N SER D 135 32.22 -12.08 2.73
CA SER D 135 33.51 -12.61 2.31
C SER D 135 33.31 -13.70 1.25
N LEU D 136 32.31 -14.56 1.45
CA LEU D 136 32.04 -15.63 0.50
C LEU D 136 31.59 -15.05 -0.84
N ALA D 137 30.78 -13.99 -0.78
CA ALA D 137 30.28 -13.33 -1.98
C ALA D 137 31.44 -12.98 -2.90
N HIS D 138 32.58 -12.58 -2.31
CA HIS D 138 33.77 -12.24 -3.07
C HIS D 138 34.39 -13.51 -3.65
N GLN D 139 34.31 -14.61 -2.89
CA GLN D 139 34.86 -15.89 -3.32
C GLN D 139 34.02 -16.46 -4.45
N VAL D 140 32.83 -15.89 -4.68
CA VAL D 140 31.95 -16.33 -5.75
C VAL D 140 32.23 -15.50 -6.99
N ARG D 141 32.48 -14.20 -6.79
CA ARG D 141 32.75 -13.26 -7.86
C ARG D 141 33.97 -13.68 -8.69
N THR D 142 34.96 -14.29 -8.04
CA THR D 142 36.18 -14.71 -8.73
C THR D 142 35.90 -15.90 -9.65
N PRO D 143 35.43 -17.07 -9.16
CA PRO D 143 35.15 -18.22 -10.03
C PRO D 143 33.95 -18.06 -10.96
N LEU D 144 32.97 -17.22 -10.56
CA LEU D 144 31.79 -17.00 -11.36
C LEU D 144 32.15 -16.15 -12.57
N SER D 145 33.02 -15.15 -12.37
CA SER D 145 33.46 -14.27 -13.44
C SER D 145 34.33 -15.06 -14.41
N SER D 146 35.03 -16.08 -13.88
CA SER D 146 35.90 -16.92 -14.68
C SER D 146 35.06 -17.90 -15.50
N ALA D 147 33.87 -18.23 -14.99
CA ALA D 147 32.96 -19.14 -15.67
C ALA D 147 32.30 -18.43 -16.85
N MSE D 148 32.26 -17.09 -16.80
CA MSE D 148 31.66 -16.29 -17.85
C MSE D 148 32.64 -16.16 -19.02
O MSE D 148 32.22 -16.01 -20.16
CB MSE D 148 31.28 -14.91 -17.32
CG MSE D 148 30.69 -13.98 -18.36
SE MSE D 148 29.47 -12.66 -17.56
CE MSE D 148 29.35 -11.41 -19.07
N LEU D 149 33.95 -16.23 -18.71
CA LEU D 149 34.98 -16.11 -19.73
C LEU D 149 34.85 -17.24 -20.75
N TYR D 150 34.42 -18.43 -20.30
CA TYR D 150 34.25 -19.56 -21.18
C TYR D 150 33.17 -19.24 -22.21
N ALA D 151 32.04 -18.72 -21.74
CA ALA D 151 30.92 -18.36 -22.60
C ALA D 151 30.94 -16.86 -22.88
N ALA D 152 32.14 -16.30 -23.12
CA ALA D 152 32.30 -14.88 -23.41
C ALA D 152 32.49 -14.66 -24.92
N ASN D 153 32.83 -15.73 -25.63
CA ASN D 153 33.05 -15.63 -27.07
C ASN D 153 32.90 -17.02 -27.70
N LEU D 154 31.65 -17.48 -27.82
CA LEU D 154 31.34 -18.77 -28.42
C LEU D 154 30.59 -18.54 -29.72
N ALA D 155 30.97 -17.49 -30.45
CA ALA D 155 30.35 -17.16 -31.72
C ALA D 155 30.96 -18.01 -32.82
N ALA D 156 30.22 -19.06 -33.23
CA ALA D 156 30.66 -19.96 -34.27
C ALA D 156 30.66 -19.25 -35.63
N PRO D 157 29.65 -18.40 -35.93
CA PRO D 157 29.60 -17.69 -37.21
C PRO D 157 30.78 -16.74 -37.47
N ASN D 158 31.46 -16.32 -36.40
CA ASN D 158 32.59 -15.42 -36.52
C ASN D 158 33.69 -16.10 -37.33
N LEU D 159 34.20 -17.22 -36.81
CA LEU D 159 35.24 -17.98 -37.47
C LEU D 159 35.11 -19.46 -37.09
N PRO D 160 35.71 -20.39 -37.86
CA PRO D 160 35.61 -21.82 -37.55
C PRO D 160 35.75 -22.15 -36.07
N PRO D 161 34.71 -22.72 -35.42
CA PRO D 161 34.77 -23.05 -33.99
C PRO D 161 35.49 -24.35 -33.66
N ALA D 162 36.38 -24.79 -34.55
CA ALA D 162 37.15 -26.01 -34.36
C ALA D 162 38.28 -25.75 -33.36
N THR D 163 38.63 -24.47 -33.19
CA THR D 163 39.69 -24.04 -32.29
C THR D 163 39.19 -24.03 -30.85
N ARG D 164 37.86 -24.09 -30.67
CA ARG D 164 37.27 -24.07 -29.34
C ARG D 164 37.38 -25.47 -28.73
N GLU D 165 37.10 -26.48 -29.56
CA GLU D 165 37.15 -27.89 -29.17
C GLU D 165 36.21 -28.07 -27.98
N ARG D 166 36.76 -28.13 -26.76
CA ARG D 166 35.95 -28.27 -25.56
C ARG D 166 36.73 -27.71 -24.37
N PHE D 167 35.98 -27.08 -23.45
CA PHE D 167 36.54 -26.47 -22.25
C PHE D 167 35.43 -26.27 -21.23
N GLN D 168 34.45 -27.19 -21.25
CA GLN D 168 33.31 -27.17 -20.35
C GLN D 168 33.59 -28.06 -19.15
N SER D 169 34.74 -28.75 -19.16
CA SER D 169 35.13 -29.62 -18.08
C SER D 169 35.47 -28.79 -16.85
N LYS D 170 36.21 -27.69 -17.07
CA LYS D 170 36.59 -26.79 -16.00
C LYS D 170 35.38 -25.97 -15.58
N LEU D 171 34.46 -25.74 -16.53
CA LEU D 171 33.25 -24.98 -16.25
C LEU D 171 32.48 -25.66 -15.12
N VAL D 172 32.07 -26.92 -15.35
CA VAL D 172 31.32 -27.68 -14.36
C VAL D 172 32.05 -27.65 -13.02
N ASP D 173 33.39 -27.75 -13.04
CA ASP D 173 34.16 -27.73 -11.81
C ASP D 173 33.91 -26.41 -11.08
N ARG D 174 33.84 -25.30 -11.83
CA ARG D 174 33.59 -24.00 -11.23
C ARG D 174 32.21 -24.00 -10.58
N LEU D 175 31.18 -24.41 -11.34
CA LEU D 175 29.84 -24.46 -10.78
C LEU D 175 29.84 -25.33 -9.52
N HIS D 176 30.75 -26.31 -9.46
CA HIS D 176 30.85 -27.17 -8.29
C HIS D 176 31.50 -26.38 -7.15
N ASP D 177 32.40 -25.45 -7.51
CA ASP D 177 33.06 -24.63 -6.51
C ASP D 177 32.02 -23.73 -5.86
N LEU D 178 31.19 -23.07 -6.68
CA LEU D 178 30.14 -22.21 -6.16
C LEU D 178 29.12 -23.05 -5.39
N GLU D 179 28.95 -24.32 -5.81
CA GLU D 179 28.03 -25.22 -5.15
C GLU D 179 28.47 -25.45 -3.71
N LYS D 180 29.80 -25.47 -3.48
CA LYS D 180 30.33 -25.68 -2.15
C LYS D 180 30.26 -24.37 -1.36
N GLN D 181 30.36 -23.25 -2.07
CA GLN D 181 30.31 -21.92 -1.46
C GLN D 181 28.88 -21.58 -1.03
N VAL D 182 27.89 -22.01 -1.83
CA VAL D 182 26.50 -21.74 -1.49
C VAL D 182 26.12 -22.62 -0.30
N ASN D 183 26.75 -23.80 -0.21
CA ASN D 183 26.48 -24.71 0.90
C ASN D 183 26.91 -24.02 2.18
N ASP D 184 28.22 -23.71 2.29
CA ASP D 184 28.76 -23.04 3.46
C ASP D 184 27.76 -22.01 3.96
N MSE D 185 27.19 -21.22 3.02
CA MSE D 185 26.23 -20.19 3.33
C MSE D 185 25.06 -20.77 4.14
O MSE D 185 24.62 -20.15 5.11
CB MSE D 185 25.72 -19.54 2.03
CG MSE D 185 26.65 -18.49 1.45
SE MSE D 185 25.82 -17.50 -0.05
CE MSE D 185 27.41 -17.28 -1.18
N LEU D 186 24.58 -21.95 3.76
CA LEU D 186 23.47 -22.61 4.43
C LEU D 186 23.92 -23.32 5.71
N LEU D 187 25.08 -23.97 5.67
CA LEU D 187 25.59 -24.72 6.81
C LEU D 187 25.96 -23.82 7.99
N PHE D 188 25.87 -22.49 7.83
CA PHE D 188 26.16 -21.60 8.96
C PHE D 188 25.07 -20.56 9.08
N ALA D 189 23.94 -20.81 8.39
CA ALA D 189 22.80 -19.91 8.42
C ALA D 189 22.06 -20.06 9.75
N HIS E 15 -31.02 -61.90 14.52
CA HIS E 15 -31.88 -60.94 13.79
C HIS E 15 -32.27 -59.78 14.70
N LEU E 16 -32.97 -60.09 15.81
CA LEU E 16 -33.40 -59.06 16.75
C LEU E 16 -32.18 -58.45 17.44
N ASP E 17 -31.18 -59.29 17.72
CA ASP E 17 -29.95 -58.86 18.38
C ASP E 17 -29.08 -58.11 17.38
N SER E 18 -29.18 -58.49 16.10
CA SER E 18 -28.39 -57.87 15.04
C SER E 18 -28.82 -56.42 14.85
N LEU E 19 -30.14 -56.18 14.84
CA LEU E 19 -30.68 -54.84 14.67
C LEU E 19 -30.16 -53.93 15.77
N GLU E 20 -30.29 -54.37 17.02
CA GLU E 20 -29.84 -53.62 18.18
C GLU E 20 -28.41 -53.14 17.95
N ASP E 21 -27.56 -54.05 17.46
CA ASP E 21 -26.16 -53.76 17.18
C ASP E 21 -26.02 -52.93 15.91
N GLN E 22 -27.00 -53.05 15.01
CA GLN E 22 -26.97 -52.34 13.74
C GLN E 22 -27.49 -50.90 13.91
N VAL E 23 -28.33 -50.66 14.92
CA VAL E 23 -28.88 -49.33 15.15
C VAL E 23 -27.79 -48.41 15.70
N GLU E 24 -27.12 -48.86 16.78
CA GLU E 24 -26.07 -48.08 17.41
C GLU E 24 -24.96 -47.78 16.42
N ARG E 25 -24.73 -48.72 15.49
CA ARG E 25 -23.69 -48.59 14.48
C ARG E 25 -23.92 -47.32 13.67
N TYR E 26 -25.11 -47.20 13.07
CA TYR E 26 -25.45 -46.05 12.26
C TYR E 26 -25.68 -44.81 13.12
N LYS E 27 -26.42 -44.96 14.23
CA LYS E 27 -26.70 -43.84 15.12
C LYS E 27 -25.45 -42.99 15.33
N GLN E 28 -24.30 -43.65 15.49
CA GLN E 28 -23.04 -42.96 15.70
C GLN E 28 -22.71 -42.10 14.48
N VAL E 29 -22.98 -42.62 13.29
CA VAL E 29 -22.72 -41.91 12.04
C VAL E 29 -23.45 -40.58 12.06
N LEU E 30 -24.78 -40.63 12.12
CA LEU E 30 -25.61 -39.44 12.12
C LEU E 30 -25.28 -38.51 13.29
N ASP E 31 -24.63 -39.04 14.34
CA ASP E 31 -24.31 -38.22 15.49
C ASP E 31 -23.00 -37.45 15.29
N VAL E 32 -22.01 -38.06 14.61
CA VAL E 32 -20.73 -37.39 14.44
C VAL E 32 -20.43 -37.07 12.96
N MSE E 33 -21.34 -37.42 12.04
CA MSE E 33 -21.09 -37.14 10.63
C MSE E 33 -21.00 -35.62 10.41
O MSE E 33 -21.76 -34.87 11.02
CB MSE E 33 -22.17 -37.76 9.74
CG MSE E 33 -23.58 -37.28 10.01
SE MSE E 33 -24.85 -38.28 8.91
CE MSE E 33 -24.81 -37.14 7.31
N PRO E 34 -20.09 -35.15 9.54
CA PRO E 34 -19.94 -33.71 9.28
C PRO E 34 -20.94 -33.15 8.26
N ALA E 35 -22.21 -33.48 8.44
CA ALA E 35 -23.25 -33.01 7.54
C ALA E 35 -24.59 -33.02 8.27
N GLY E 36 -25.36 -31.93 8.11
CA GLY E 36 -26.66 -31.80 8.74
C GLY E 36 -27.69 -32.74 8.11
N VAL E 37 -28.56 -33.31 8.95
CA VAL E 37 -29.59 -34.23 8.50
C VAL E 37 -30.90 -33.89 9.21
N ILE E 38 -31.90 -33.48 8.44
CA ILE E 38 -33.21 -33.12 8.96
C ILE E 38 -34.26 -34.00 8.29
N LEU E 39 -35.11 -34.64 9.12
CA LEU E 39 -36.17 -35.50 8.62
C LEU E 39 -37.50 -34.77 8.78
N LEU E 40 -38.27 -34.70 7.68
CA LEU E 40 -39.56 -34.04 7.67
C LEU E 40 -40.67 -35.05 7.38
N ASP E 41 -41.85 -34.81 7.96
CA ASP E 41 -43.01 -35.67 7.75
C ASP E 41 -43.72 -35.15 6.51
N THR E 42 -44.97 -35.59 6.31
CA THR E 42 -45.74 -35.18 5.15
C THR E 42 -46.24 -33.75 5.33
N GLN E 43 -46.55 -33.35 6.57
CA GLN E 43 -47.03 -32.01 6.86
C GLN E 43 -45.88 -31.00 6.90
N GLY E 44 -44.63 -31.51 6.97
CA GLY E 44 -43.47 -30.65 7.01
C GLY E 44 -43.12 -30.21 8.43
N ILE E 45 -42.89 -31.21 9.29
CA ILE E 45 -42.54 -30.99 10.68
C ILE E 45 -41.21 -31.69 10.95
N VAL E 46 -40.27 -30.97 11.57
CA VAL E 46 -38.97 -31.54 11.88
C VAL E 46 -39.19 -32.63 12.94
N ARG E 47 -38.48 -33.75 12.78
CA ARG E 47 -38.61 -34.86 13.72
C ARG E 47 -37.24 -35.26 14.21
N GLU E 48 -36.28 -35.40 13.27
CA GLU E 48 -34.92 -35.78 13.62
C GLU E 48 -33.98 -34.65 13.19
N ALA E 49 -32.90 -34.47 13.96
CA ALA E 49 -31.91 -33.43 13.68
C ALA E 49 -30.59 -33.77 14.37
N ASN E 50 -29.52 -33.86 13.58
CA ASN E 50 -28.19 -34.17 14.09
C ASN E 50 -27.50 -32.87 14.51
N PRO E 51 -26.39 -32.95 15.28
CA PRO E 51 -25.67 -31.76 15.75
C PRO E 51 -25.20 -30.77 14.68
N GLU E 52 -24.68 -31.30 13.56
CA GLU E 52 -24.19 -30.46 12.48
C GLU E 52 -25.27 -29.49 12.02
N ALA E 53 -26.50 -29.99 11.88
CA ALA E 53 -27.62 -29.16 11.46
C ALA E 53 -27.92 -28.13 12.55
N GLN E 54 -27.86 -28.58 13.80
CA GLN E 54 -28.13 -27.72 14.95
C GLN E 54 -27.00 -26.71 15.12
N ARG E 55 -25.86 -26.95 14.47
CA ARG E 55 -24.73 -26.03 14.59
C ARG E 55 -24.87 -24.93 13.55
N LEU E 56 -25.18 -25.32 12.30
CA LEU E 56 -25.34 -24.38 11.19
C LEU E 56 -26.58 -23.52 11.40
N LEU E 57 -27.75 -24.16 11.51
CA LEU E 57 -29.01 -23.45 11.70
C LEU E 57 -28.98 -22.71 13.04
N ASP E 58 -28.58 -23.43 14.09
CA ASP E 58 -28.46 -22.90 15.44
C ASP E 58 -29.77 -22.24 15.88
N VAL E 59 -30.86 -23.02 15.79
CA VAL E 59 -32.20 -22.58 16.19
C VAL E 59 -33.02 -23.82 16.51
N PRO E 60 -34.10 -23.72 17.32
CA PRO E 60 -34.92 -24.88 17.63
C PRO E 60 -35.34 -25.61 16.35
N LEU E 61 -35.03 -26.91 16.28
CA LEU E 61 -35.36 -27.72 15.11
C LEU E 61 -36.40 -28.79 15.46
N VAL E 62 -35.97 -29.79 16.26
CA VAL E 62 -36.84 -30.89 16.66
C VAL E 62 -38.17 -30.35 17.17
N GLY E 63 -39.25 -30.67 16.44
CA GLY E 63 -40.60 -30.26 16.80
C GLY E 63 -41.08 -29.04 16.01
N GLU E 64 -40.17 -28.08 15.80
CA GLU E 64 -40.51 -26.85 15.08
C GLU E 64 -40.94 -27.17 13.65
N LYS E 65 -41.81 -26.29 13.14
CA LYS E 65 -42.36 -26.40 11.80
C LYS E 65 -41.25 -25.99 10.84
N TRP E 66 -40.92 -26.88 9.89
CA TRP E 66 -39.84 -26.63 8.95
C TRP E 66 -39.96 -25.24 8.32
N TYR E 67 -41.12 -24.93 7.73
CA TYR E 67 -41.35 -23.64 7.10
C TYR E 67 -41.14 -22.49 8.10
N SER E 68 -41.34 -22.77 9.40
CA SER E 68 -41.16 -21.74 10.41
C SER E 68 -39.66 -21.49 10.65
N VAL E 69 -38.86 -22.56 10.56
CA VAL E 69 -37.43 -22.48 10.77
C VAL E 69 -36.75 -21.77 9.59
N ILE E 70 -37.16 -22.12 8.37
CA ILE E 70 -36.59 -21.53 7.16
C ILE E 70 -36.51 -20.01 7.26
N GLN E 71 -37.66 -19.36 7.47
CA GLN E 71 -37.75 -17.91 7.55
C GLN E 71 -36.76 -17.33 8.56
N ILE E 72 -36.43 -18.08 9.61
CA ILE E 72 -35.52 -17.59 10.65
C ILE E 72 -34.10 -18.10 10.38
N ALA E 73 -33.96 -19.42 10.27
CA ALA E 73 -32.67 -20.06 10.06
C ALA E 73 -32.02 -19.65 8.74
N PHE E 74 -32.83 -19.47 7.68
CA PHE E 74 -32.28 -19.10 6.39
C PHE E 74 -32.58 -17.63 6.06
N ALA E 75 -31.69 -17.03 5.27
CA ALA E 75 -31.79 -15.65 4.83
C ALA E 75 -31.37 -15.56 3.36
N PRO E 76 -32.21 -16.08 2.43
CA PRO E 76 -31.88 -16.06 1.00
C PRO E 76 -31.28 -14.77 0.43
N ARG E 77 -30.34 -14.96 -0.50
CA ARG E 77 -29.66 -13.86 -1.18
C ARG E 77 -29.93 -14.00 -2.67
N ASP E 78 -29.12 -13.33 -3.50
CA ASP E 78 -29.28 -13.36 -4.94
C ASP E 78 -28.27 -14.31 -5.57
N ASP E 79 -27.01 -14.18 -5.16
CA ASP E 79 -25.91 -14.98 -5.68
C ASP E 79 -25.74 -16.31 -4.93
N ASP E 80 -26.84 -16.87 -4.42
CA ASP E 80 -26.77 -18.13 -3.71
C ASP E 80 -26.66 -19.29 -4.69
N GLY E 81 -27.22 -19.11 -5.89
CA GLY E 81 -27.16 -20.15 -6.91
C GLY E 81 -27.58 -21.51 -6.38
N HIS E 82 -26.69 -22.51 -6.54
CA HIS E 82 -26.94 -23.87 -6.11
C HIS E 82 -26.88 -23.97 -4.59
N GLU E 83 -26.47 -22.88 -3.92
CA GLU E 83 -26.39 -22.86 -2.47
C GLU E 83 -27.50 -21.96 -1.93
N ILE E 84 -27.55 -21.81 -0.60
CA ILE E 84 -28.54 -20.98 0.07
C ILE E 84 -27.89 -20.42 1.34
N SER E 85 -28.08 -19.11 1.57
CA SER E 85 -27.49 -18.44 2.72
C SER E 85 -28.33 -18.63 3.98
N LEU E 86 -27.66 -18.47 5.14
CA LEU E 86 -28.29 -18.60 6.44
C LEU E 86 -28.30 -17.22 7.11
N ARG E 87 -28.86 -17.14 8.32
CA ARG E 87 -28.95 -15.88 9.05
C ARG E 87 -27.55 -15.47 9.53
N ASN E 88 -26.75 -16.45 9.94
CA ASN E 88 -25.40 -16.21 10.43
C ASN E 88 -24.53 -15.64 9.31
N GLY E 89 -24.73 -16.13 8.07
CA GLY E 89 -23.98 -15.65 6.93
C GLY E 89 -23.49 -16.78 6.01
N ARG E 90 -23.29 -17.97 6.58
CA ARG E 90 -22.81 -19.13 5.84
C ARG E 90 -23.70 -19.44 4.64
N LYS E 91 -23.07 -20.04 3.61
CA LYS E 91 -23.75 -20.48 2.40
C LYS E 91 -23.79 -22.00 2.49
N VAL E 92 -24.98 -22.57 2.29
CA VAL E 92 -25.18 -24.00 2.43
C VAL E 92 -25.80 -24.62 1.19
N ARG E 93 -25.61 -25.94 1.06
CA ARG E 93 -26.15 -26.75 -0.03
C ARG E 93 -27.20 -27.68 0.57
N LEU E 94 -28.42 -27.64 0.01
CA LEU E 94 -29.52 -28.47 0.49
C LEU E 94 -29.86 -29.53 -0.56
N ALA E 95 -29.62 -30.80 -0.19
CA ALA E 95 -29.92 -31.93 -1.06
C ALA E 95 -31.17 -32.61 -0.52
N ILE E 96 -32.33 -32.27 -1.12
CA ILE E 96 -33.61 -32.81 -0.70
C ILE E 96 -33.89 -34.09 -1.48
N SER E 97 -33.88 -35.22 -0.76
CA SER E 97 -34.15 -36.52 -1.35
C SER E 97 -35.53 -37.00 -0.96
N ALA E 98 -36.04 -38.00 -1.69
CA ALA E 98 -37.35 -38.56 -1.44
C ALA E 98 -37.33 -39.36 -0.13
N SER E 99 -38.50 -39.52 0.48
CA SER E 99 -38.64 -40.26 1.73
C SER E 99 -40.11 -40.59 1.97
N THR E 100 -40.37 -41.85 2.35
CA THR E 100 -41.72 -42.29 2.63
C THR E 100 -42.33 -41.42 3.73
N THR E 101 -41.45 -40.85 4.56
CA THR E 101 -41.86 -39.99 5.65
C THR E 101 -42.30 -38.64 5.08
N GLY E 102 -41.54 -38.14 4.10
CA GLY E 102 -41.81 -36.87 3.44
C GLY E 102 -40.63 -36.43 2.58
N GLN E 103 -39.58 -35.93 3.26
CA GLN E 103 -38.36 -35.49 2.60
C GLN E 103 -37.17 -35.65 3.55
N LEU E 104 -36.03 -36.04 2.98
CA LEU E 104 -34.78 -36.20 3.70
C LEU E 104 -33.89 -35.06 3.28
N ILE E 105 -33.37 -34.29 4.25
CA ILE E 105 -32.53 -33.14 3.94
C ILE E 105 -31.12 -33.33 4.48
N LEU E 106 -30.15 -33.26 3.56
CA LEU E 106 -28.74 -33.36 3.89
C LEU E 106 -28.15 -31.97 3.76
N ILE E 107 -27.43 -31.53 4.77
CA ILE E 107 -26.86 -30.20 4.79
C ILE E 107 -25.34 -30.26 4.97
N THR E 108 -24.64 -29.48 4.13
CA THR E 108 -23.19 -29.38 4.17
C THR E 108 -22.84 -27.91 3.99
N ASP E 109 -21.78 -27.46 4.67
CA ASP E 109 -21.35 -26.07 4.62
C ASP E 109 -20.31 -25.89 3.51
N LEU E 110 -20.60 -25.01 2.55
CA LEU E 110 -19.70 -24.71 1.45
C LEU E 110 -19.36 -23.22 1.47
N THR E 111 -19.16 -22.68 2.67
CA THR E 111 -18.82 -21.28 2.84
C THR E 111 -17.39 -21.03 2.34
N GLU E 112 -16.48 -21.91 2.77
CA GLU E 112 -15.08 -21.80 2.38
C GLU E 112 -14.98 -21.97 0.87
N THR E 113 -15.65 -23.02 0.33
CA THR E 113 -15.64 -23.28 -1.10
C THR E 113 -15.94 -21.97 -1.83
N ARG E 114 -17.03 -21.30 -1.42
CA ARG E 114 -17.42 -20.02 -1.98
C ARG E 114 -16.36 -18.96 -1.75
N LEU E 115 -15.95 -18.80 -0.50
CA LEU E 115 -14.95 -17.81 -0.12
C LEU E 115 -13.73 -17.94 -1.02
N LEU E 116 -13.33 -19.18 -1.36
CA LEU E 116 -12.18 -19.41 -2.21
C LEU E 116 -12.45 -18.90 -3.62
N GLN E 117 -13.46 -19.45 -4.29
CA GLN E 117 -13.79 -19.03 -5.65
C GLN E 117 -14.06 -17.52 -5.68
N SER E 118 -14.51 -16.97 -4.54
CA SER E 118 -14.79 -15.55 -4.45
C SER E 118 -13.48 -14.75 -4.53
N ARG E 119 -12.44 -15.23 -3.83
CA ARG E 119 -11.15 -14.55 -3.86
C ARG E 119 -10.52 -14.71 -5.24
N ILE E 120 -10.70 -15.89 -5.85
CA ILE E 120 -10.16 -16.14 -7.18
C ILE E 120 -10.67 -15.05 -8.13
N SER E 121 -11.99 -14.79 -8.08
CA SER E 121 -12.61 -13.79 -8.93
C SER E 121 -12.03 -12.39 -8.64
N ASP E 122 -11.72 -12.12 -7.37
CA ASP E 122 -11.15 -10.83 -7.00
C ASP E 122 -9.73 -10.72 -7.55
N LEU E 123 -8.95 -11.80 -7.45
CA LEU E 123 -7.59 -11.81 -7.96
C LEU E 123 -7.60 -11.60 -9.47
N GLN E 124 -8.56 -12.23 -10.16
CA GLN E 124 -8.67 -12.08 -11.60
C GLN E 124 -8.93 -10.61 -11.93
N ARG E 125 -9.88 -10.01 -11.22
CA ARG E 125 -10.21 -8.60 -11.40
C ARG E 125 -8.91 -7.78 -11.54
N LEU E 126 -8.04 -7.94 -10.55
CA LEU E 126 -6.76 -7.22 -10.50
C LEU E 126 -5.91 -7.56 -11.71
N SER E 127 -5.88 -8.83 -12.13
CA SER E 127 -5.10 -9.23 -13.28
C SER E 127 -5.61 -8.47 -14.52
N SER E 128 -6.94 -8.42 -14.65
CA SER E 128 -7.57 -7.74 -15.77
C SER E 128 -7.19 -6.27 -15.77
N LEU E 129 -7.22 -5.66 -14.57
CA LEU E 129 -6.88 -4.25 -14.43
C LEU E 129 -5.44 -4.02 -14.87
N GLY E 130 -4.55 -4.94 -14.47
CA GLY E 130 -3.13 -4.85 -14.80
C GLY E 130 -2.86 -4.89 -16.32
N ARG E 131 -3.72 -5.58 -17.07
CA ARG E 131 -3.56 -5.69 -18.51
C ARG E 131 -4.40 -4.64 -19.23
N MSE E 132 -4.93 -3.66 -18.47
CA MSE E 132 -5.75 -2.61 -19.04
C MSE E 132 -5.13 -1.24 -18.77
O MSE E 132 -5.57 -0.24 -19.32
CB MSE E 132 -7.16 -2.66 -18.45
CG MSE E 132 -8.12 -3.57 -19.19
SE MSE E 132 -9.62 -4.08 -18.04
CE MSE E 132 -9.88 -2.38 -17.09
N VAL E 133 -4.10 -1.21 -17.91
CA VAL E 133 -3.43 0.04 -17.55
C VAL E 133 -3.05 0.81 -18.81
N ALA E 134 -2.68 0.08 -19.87
CA ALA E 134 -2.28 0.68 -21.13
C ALA E 134 -3.42 1.52 -21.70
N SER E 135 -4.65 1.00 -21.59
CA SER E 135 -5.83 1.68 -22.10
C SER E 135 -6.32 2.73 -21.11
N LEU E 136 -6.10 2.46 -19.81
CA LEU E 136 -6.52 3.36 -18.74
C LEU E 136 -5.47 4.45 -18.52
N ALA E 137 -4.62 4.68 -19.52
CA ALA E 137 -3.56 5.68 -19.41
C ALA E 137 -4.06 7.06 -19.84
N HIS E 138 -4.45 7.19 -21.12
CA HIS E 138 -4.92 8.46 -21.65
C HIS E 138 -6.16 8.95 -20.90
N GLN E 139 -7.10 8.04 -20.63
CA GLN E 139 -8.33 8.39 -19.93
C GLN E 139 -8.04 9.12 -18.61
N VAL E 140 -6.89 8.84 -18.00
CA VAL E 140 -6.53 9.46 -16.74
C VAL E 140 -5.53 10.59 -16.96
N ARG E 141 -4.63 10.42 -17.93
CA ARG E 141 -3.60 11.41 -18.21
C ARG E 141 -4.15 12.63 -18.96
N THR E 142 -5.04 12.40 -19.94
CA THR E 142 -5.60 13.49 -20.73
C THR E 142 -6.26 14.56 -19.85
N PRO E 143 -7.18 14.22 -18.91
CA PRO E 143 -7.81 15.24 -18.08
C PRO E 143 -6.82 15.93 -17.13
N LEU E 144 -5.78 15.20 -16.71
CA LEU E 144 -4.78 15.75 -15.81
C LEU E 144 -3.92 16.78 -16.54
N SER E 145 -3.48 16.43 -17.76
CA SER E 145 -2.65 17.31 -18.55
C SER E 145 -3.38 18.62 -18.86
N SER E 146 -4.69 18.52 -19.12
CA SER E 146 -5.50 19.70 -19.41
C SER E 146 -5.62 20.57 -18.17
N ALA E 147 -5.94 19.94 -17.03
CA ALA E 147 -6.08 20.64 -15.77
C ALA E 147 -4.77 21.32 -15.40
N MSE E 148 -3.64 20.66 -15.69
CA MSE E 148 -2.33 21.20 -15.39
C MSE E 148 -2.06 22.41 -16.29
O MSE E 148 -1.39 23.35 -15.86
CB MSE E 148 -1.24 20.12 -15.61
CG MSE E 148 -1.06 19.20 -14.42
SE MSE E 148 0.34 17.86 -14.75
CE MSE E 148 1.87 19.08 -14.96
N LEU E 149 -2.59 22.39 -17.51
CA LEU E 149 -2.42 23.49 -18.44
C LEU E 149 -3.26 24.67 -17.98
N TYR E 150 -4.56 24.43 -17.72
CA TYR E 150 -5.46 25.47 -17.26
C TYR E 150 -4.93 26.08 -15.96
N ALA E 151 -4.36 25.24 -15.09
CA ALA E 151 -3.81 25.71 -13.83
C ALA E 151 -2.67 26.68 -14.11
N ALA E 152 -1.90 26.40 -15.16
CA ALA E 152 -0.76 27.23 -15.54
C ALA E 152 -1.25 28.53 -16.16
N ASN E 153 -2.41 28.49 -16.84
CA ASN E 153 -2.98 29.68 -17.46
C ASN E 153 -3.16 30.75 -16.41
N LEU E 154 -3.79 30.39 -15.28
CA LEU E 154 -3.99 31.35 -14.21
C LEU E 154 -2.64 31.59 -13.53
N ALA E 155 -1.89 32.56 -14.07
CA ALA E 155 -0.58 32.91 -13.55
C ALA E 155 -0.31 34.39 -13.78
N ALA E 156 -0.53 34.85 -15.01
CA ALA E 156 -0.33 36.24 -15.37
C ALA E 156 -1.12 37.14 -14.42
N PRO E 157 -0.47 38.18 -13.82
CA PRO E 157 -1.17 39.07 -12.90
C PRO E 157 -2.08 40.06 -13.63
N ASN E 158 -3.37 40.04 -13.28
CA ASN E 158 -4.37 40.91 -13.86
C ASN E 158 -4.54 40.55 -15.34
N LEU E 159 -5.36 39.52 -15.60
CA LEU E 159 -5.63 39.07 -16.96
C LEU E 159 -7.14 39.12 -17.20
N PRO E 160 -7.61 39.00 -18.47
CA PRO E 160 -9.05 39.06 -18.77
C PRO E 160 -9.93 38.31 -17.77
N PRO E 161 -10.78 39.02 -17.00
CA PRO E 161 -11.67 38.38 -16.01
C PRO E 161 -12.62 37.34 -16.57
N ALA E 162 -13.31 37.67 -17.68
CA ALA E 162 -14.25 36.77 -18.29
C ALA E 162 -13.56 35.46 -18.67
N THR E 163 -12.37 35.57 -19.26
CA THR E 163 -11.58 34.42 -19.66
C THR E 163 -11.02 33.71 -18.42
N ARG E 164 -10.80 34.48 -17.35
CA ARG E 164 -10.28 33.92 -16.11
C ARG E 164 -11.31 32.96 -15.52
N GLU E 165 -12.58 33.40 -15.51
CA GLU E 165 -13.67 32.60 -14.97
C GLU E 165 -13.87 31.33 -15.81
N ARG E 166 -13.51 31.40 -17.09
CA ARG E 166 -13.67 30.25 -17.98
C ARG E 166 -12.68 29.16 -17.59
N PHE E 167 -11.38 29.45 -17.71
CA PHE E 167 -10.34 28.48 -17.37
C PHE E 167 -10.49 27.99 -15.93
N GLN E 168 -10.95 28.89 -15.04
CA GLN E 168 -11.12 28.55 -13.63
C GLN E 168 -12.23 27.51 -13.49
N SER E 169 -13.28 27.64 -14.30
CA SER E 169 -14.40 26.72 -14.27
C SER E 169 -14.12 25.53 -15.18
N LYS E 170 -13.28 25.75 -16.19
CA LYS E 170 -12.91 24.72 -17.16
C LYS E 170 -11.96 23.74 -16.48
N LEU E 171 -11.29 24.20 -15.43
CA LEU E 171 -10.35 23.40 -14.67
C LEU E 171 -11.05 22.33 -13.85
N VAL E 172 -12.08 22.74 -13.09
CA VAL E 172 -12.84 21.84 -12.23
C VAL E 172 -13.51 20.74 -13.05
N ASP E 173 -13.73 20.97 -14.35
CA ASP E 173 -14.38 19.97 -15.19
C ASP E 173 -13.49 18.73 -15.30
N ARG E 174 -12.20 18.92 -15.58
CA ARG E 174 -11.26 17.83 -15.71
C ARG E 174 -11.01 17.14 -14.37
N LEU E 175 -10.90 17.91 -13.28
CA LEU E 175 -10.66 17.32 -11.98
C LEU E 175 -11.82 16.37 -11.64
N HIS E 176 -13.03 16.71 -12.10
CA HIS E 176 -14.19 15.87 -11.87
C HIS E 176 -14.08 14.65 -12.79
N ASP E 177 -13.67 14.90 -14.04
CA ASP E 177 -13.52 13.83 -15.03
C ASP E 177 -12.40 12.90 -14.60
N LEU E 178 -11.38 13.47 -13.93
CA LEU E 178 -10.25 12.71 -13.45
C LEU E 178 -10.62 11.90 -12.21
N GLU E 179 -11.43 12.51 -11.33
CA GLU E 179 -11.87 11.83 -10.11
C GLU E 179 -12.73 10.62 -10.44
N LYS E 180 -13.76 10.83 -11.26
CA LYS E 180 -14.67 9.77 -11.66
C LYS E 180 -13.93 8.69 -12.44
N GLN E 181 -12.85 9.08 -13.13
CA GLN E 181 -12.08 8.12 -13.92
C GLN E 181 -11.31 7.18 -13.00
N VAL E 182 -10.93 7.68 -11.82
CA VAL E 182 -10.19 6.89 -10.84
C VAL E 182 -11.16 5.99 -10.06
N ASN E 183 -12.28 6.56 -9.61
CA ASN E 183 -13.26 5.79 -8.86
C ASN E 183 -13.72 4.57 -9.67
N ASP E 184 -13.73 4.68 -11.00
CA ASP E 184 -14.12 3.59 -11.86
C ASP E 184 -13.11 2.44 -11.70
N MSE E 185 -11.82 2.80 -11.66
CA MSE E 185 -10.76 1.82 -11.52
C MSE E 185 -10.87 1.15 -10.15
O MSE E 185 -10.73 -0.06 -10.05
CB MSE E 185 -9.39 2.49 -11.69
CG MSE E 185 -9.11 2.96 -13.11
SE MSE E 185 -7.49 4.07 -13.21
CE MSE E 185 -6.15 2.65 -13.11
N LEU E 186 -11.12 1.96 -9.11
CA LEU E 186 -11.25 1.47 -7.75
C LEU E 186 -12.51 0.61 -7.62
N LEU E 187 -13.61 1.07 -8.22
CA LEU E 187 -14.87 0.34 -8.17
C LEU E 187 -14.69 -1.00 -8.88
N PHE E 188 -13.87 -1.01 -9.92
CA PHE E 188 -13.60 -2.21 -10.69
C PHE E 188 -12.71 -3.13 -9.84
N ALA E 189 -11.57 -2.59 -9.38
CA ALA E 189 -10.60 -3.32 -8.59
C ALA E 189 -11.21 -3.84 -7.29
N LYS E 190 -12.30 -3.20 -6.82
CA LYS E 190 -12.95 -3.62 -5.59
C LYS E 190 -13.29 -5.11 -5.68
N GLY E 191 -13.83 -5.52 -6.84
CA GLY E 191 -14.23 -6.90 -7.06
C GLY E 191 -15.56 -7.21 -6.37
N GLY E 192 -15.62 -8.38 -5.71
CA GLY E 192 -16.81 -8.81 -5.00
C GLY E 192 -18.00 -9.01 -5.92
N ASP E 193 -17.73 -9.43 -7.17
CA ASP E 193 -18.77 -9.67 -8.16
C ASP E 193 -18.96 -11.17 -8.32
N ASN E 194 -18.62 -11.92 -7.28
CA ASN E 194 -18.75 -13.37 -7.24
C ASN E 194 -18.65 -13.79 -5.78
N LYS E 195 -19.49 -13.19 -4.95
CA LYS E 195 -19.53 -13.44 -3.52
C LYS E 195 -20.23 -14.78 -3.26
N HIS F 15 -39.81 -50.80 18.60
CA HIS F 15 -39.06 -52.00 19.05
C HIS F 15 -39.63 -53.26 18.38
N LEU F 16 -40.96 -53.32 18.28
CA LEU F 16 -41.62 -54.47 17.66
C LEU F 16 -41.21 -54.57 16.19
N ASP F 17 -41.37 -53.47 15.44
CA ASP F 17 -41.01 -53.43 14.03
C ASP F 17 -40.58 -52.01 13.65
N SER F 18 -39.93 -51.32 14.59
CA SER F 18 -39.45 -49.96 14.37
C SER F 18 -37.98 -49.98 14.00
N LEU F 19 -37.20 -50.84 14.66
CA LEU F 19 -35.77 -50.96 14.42
C LEU F 19 -35.51 -51.39 12.97
N GLU F 20 -36.44 -52.17 12.39
CA GLU F 20 -36.31 -52.64 11.02
C GLU F 20 -36.42 -51.47 10.05
N ASP F 21 -37.36 -50.56 10.32
CA ASP F 21 -37.57 -49.39 9.47
C ASP F 21 -36.65 -48.25 9.90
N GLN F 22 -36.13 -48.32 11.13
CA GLN F 22 -35.25 -47.28 11.63
C GLN F 22 -33.89 -47.39 10.93
N VAL F 23 -33.42 -48.62 10.74
CA VAL F 23 -32.14 -48.85 10.08
C VAL F 23 -32.30 -48.53 8.59
N GLU F 24 -33.54 -48.69 8.08
CA GLU F 24 -33.81 -48.40 6.68
C GLU F 24 -33.61 -46.91 6.42
N ARG F 25 -34.08 -46.06 7.35
CA ARG F 25 -33.91 -44.63 7.20
C ARG F 25 -32.42 -44.29 7.34
N TYR F 26 -31.72 -45.07 8.18
CA TYR F 26 -30.29 -44.85 8.36
C TYR F 26 -29.55 -45.18 7.07
N LYS F 27 -29.68 -46.41 6.58
CA LYS F 27 -29.00 -46.79 5.35
C LYS F 27 -29.28 -45.76 4.26
N GLN F 28 -30.51 -45.23 4.24
CA GLN F 28 -30.93 -44.23 3.26
C GLN F 28 -30.00 -43.02 3.31
N VAL F 29 -29.69 -42.56 4.52
CA VAL F 29 -28.82 -41.41 4.70
C VAL F 29 -27.46 -41.69 4.07
N LEU F 30 -26.89 -42.86 4.38
CA LEU F 30 -25.58 -43.24 3.87
C LEU F 30 -25.58 -43.34 2.34
N ASP F 31 -26.73 -43.65 1.73
CA ASP F 31 -26.78 -43.78 0.28
C ASP F 31 -26.62 -42.42 -0.41
N VAL F 32 -27.35 -41.41 0.08
CA VAL F 32 -27.33 -40.10 -0.54
C VAL F 32 -26.48 -39.08 0.22
N MSE F 33 -25.75 -39.48 1.28
CA MSE F 33 -24.95 -38.51 1.99
C MSE F 33 -23.67 -38.20 1.20
O MSE F 33 -23.08 -39.09 0.60
CB MSE F 33 -24.66 -38.93 3.44
CG MSE F 33 -23.74 -40.09 3.62
SE MSE F 33 -23.78 -40.61 5.50
CE MSE F 33 -22.33 -39.47 6.17
N PRO F 34 -23.23 -36.92 1.19
CA PRO F 34 -22.04 -36.50 0.46
C PRO F 34 -20.71 -36.78 1.17
N ALA F 35 -20.77 -37.27 2.41
CA ALA F 35 -19.57 -37.58 3.16
C ALA F 35 -19.28 -39.07 3.03
N GLY F 36 -17.99 -39.42 2.94
CA GLY F 36 -17.59 -40.82 2.81
C GLY F 36 -17.62 -41.52 4.16
N VAL F 37 -18.09 -42.78 4.17
CA VAL F 37 -18.17 -43.55 5.40
C VAL F 37 -17.68 -44.97 5.15
N ILE F 38 -16.81 -45.45 6.05
CA ILE F 38 -16.24 -46.79 5.99
C ILE F 38 -16.43 -47.43 7.37
N LEU F 39 -17.18 -48.54 7.40
CA LEU F 39 -17.45 -49.27 8.64
C LEU F 39 -16.59 -50.53 8.66
N LEU F 40 -15.60 -50.55 9.55
CA LEU F 40 -14.70 -51.69 9.69
C LEU F 40 -15.25 -52.60 10.78
N ASP F 41 -14.64 -53.79 10.90
CA ASP F 41 -15.03 -54.76 11.90
C ASP F 41 -13.86 -54.89 12.88
N THR F 42 -13.88 -55.94 13.72
CA THR F 42 -12.83 -56.14 14.70
C THR F 42 -11.54 -56.55 13.99
N GLN F 43 -11.68 -57.26 12.86
CA GLN F 43 -10.54 -57.74 12.09
C GLN F 43 -9.97 -56.65 11.18
N GLY F 44 -10.64 -55.48 11.14
CA GLY F 44 -10.17 -54.39 10.31
C GLY F 44 -10.51 -54.59 8.84
N ILE F 45 -11.69 -55.19 8.58
CA ILE F 45 -12.16 -55.44 7.23
C ILE F 45 -13.36 -54.54 6.97
N VAL F 46 -13.41 -53.94 5.78
CA VAL F 46 -14.49 -53.05 5.40
C VAL F 46 -15.76 -53.89 5.26
N ARG F 47 -16.76 -53.59 6.10
CA ARG F 47 -18.02 -54.30 6.08
C ARG F 47 -19.06 -53.50 5.29
N GLU F 48 -18.76 -52.21 5.05
CA GLU F 48 -19.68 -51.36 4.31
C GLU F 48 -18.98 -50.07 3.88
N ALA F 49 -19.35 -49.59 2.68
CA ALA F 49 -18.81 -48.38 2.11
C ALA F 49 -19.93 -47.68 1.33
N ASN F 50 -20.35 -46.50 1.80
CA ASN F 50 -21.42 -45.76 1.16
C ASN F 50 -20.97 -45.28 -0.22
N PRO F 51 -21.93 -44.98 -1.14
CA PRO F 51 -21.61 -44.53 -2.49
C PRO F 51 -20.53 -43.46 -2.60
N GLU F 52 -20.47 -42.55 -1.62
CA GLU F 52 -19.48 -41.50 -1.62
C GLU F 52 -18.09 -42.10 -1.47
N ALA F 53 -17.90 -42.91 -0.41
CA ALA F 53 -16.63 -43.55 -0.15
C ALA F 53 -16.12 -44.28 -1.38
N GLN F 54 -16.98 -45.14 -1.95
CA GLN F 54 -16.64 -45.91 -3.14
C GLN F 54 -16.16 -44.97 -4.24
N ARG F 55 -16.83 -43.81 -4.34
CA ARG F 55 -16.51 -42.80 -5.34
C ARG F 55 -15.19 -42.12 -5.01
N LEU F 56 -14.89 -41.95 -3.72
CA LEU F 56 -13.66 -41.30 -3.28
C LEU F 56 -12.45 -42.22 -3.45
N LEU F 57 -12.51 -43.40 -2.83
CA LEU F 57 -11.42 -44.36 -2.89
C LEU F 57 -11.34 -44.95 -4.30
N ASP F 58 -12.50 -45.41 -4.80
CA ASP F 58 -12.63 -45.97 -6.14
C ASP F 58 -11.78 -47.24 -6.29
N VAL F 59 -11.99 -48.19 -5.37
CA VAL F 59 -11.29 -49.47 -5.36
C VAL F 59 -12.14 -50.46 -4.55
N PRO F 60 -11.98 -51.78 -4.73
CA PRO F 60 -12.76 -52.76 -3.95
C PRO F 60 -12.56 -52.48 -2.47
N LEU F 61 -13.67 -52.19 -1.77
CA LEU F 61 -13.62 -51.89 -0.34
C LEU F 61 -14.23 -53.03 0.47
N VAL F 62 -15.56 -53.15 0.40
CA VAL F 62 -16.29 -54.17 1.15
C VAL F 62 -15.61 -55.53 0.94
N GLY F 63 -15.05 -56.07 2.04
CA GLY F 63 -14.38 -57.36 2.03
C GLY F 63 -12.89 -57.25 1.77
N GLU F 64 -12.26 -56.21 2.33
CA GLU F 64 -10.83 -55.98 2.15
C GLU F 64 -10.25 -55.33 3.40
N LYS F 65 -9.03 -55.74 3.78
CA LYS F 65 -8.36 -55.16 4.93
C LYS F 65 -8.19 -53.66 4.69
N TRP F 66 -8.51 -52.85 5.71
CA TRP F 66 -8.38 -51.41 5.56
C TRP F 66 -6.94 -51.09 5.15
N TYR F 67 -5.97 -51.74 5.81
CA TYR F 67 -4.56 -51.52 5.50
C TYR F 67 -4.25 -51.96 4.07
N SER F 68 -5.01 -52.93 3.54
CA SER F 68 -4.77 -53.38 2.18
C SER F 68 -5.21 -52.27 1.21
N VAL F 69 -6.30 -51.57 1.57
CA VAL F 69 -6.82 -50.48 0.78
C VAL F 69 -5.89 -49.27 0.87
N ILE F 70 -5.17 -49.16 1.99
CA ILE F 70 -4.25 -48.06 2.21
C ILE F 70 -3.10 -48.13 1.19
N GLN F 71 -2.53 -49.31 1.00
CA GLN F 71 -1.41 -49.47 0.09
C GLN F 71 -1.80 -49.17 -1.36
N ILE F 72 -3.03 -49.54 -1.74
CA ILE F 72 -3.50 -49.34 -3.11
C ILE F 72 -4.01 -47.91 -3.32
N ALA F 73 -5.14 -47.58 -2.69
CA ALA F 73 -5.78 -46.29 -2.83
C ALA F 73 -4.91 -45.12 -2.39
N PHE F 74 -4.48 -45.14 -1.11
CA PHE F 74 -3.69 -44.05 -0.56
C PHE F 74 -2.34 -43.88 -1.24
N ALA F 75 -1.79 -42.67 -1.08
CA ALA F 75 -0.51 -42.26 -1.61
C ALA F 75 -0.11 -40.95 -0.94
N PRO F 76 0.29 -40.98 0.35
CA PRO F 76 0.67 -39.77 1.10
C PRO F 76 1.76 -38.93 0.45
N ARG F 77 1.78 -37.64 0.82
CA ARG F 77 2.75 -36.67 0.31
C ARG F 77 3.20 -35.78 1.45
N ASP F 78 4.28 -35.02 1.22
CA ASP F 78 4.84 -34.12 2.22
C ASP F 78 4.02 -32.82 2.27
N ASP F 79 3.33 -32.50 1.18
CA ASP F 79 2.52 -31.29 1.09
C ASP F 79 1.21 -31.47 1.84
N ASP F 80 0.94 -32.72 2.29
CA ASP F 80 -0.28 -33.03 3.02
C ASP F 80 -0.17 -32.51 4.45
N GLY F 81 -1.32 -32.48 5.14
CA GLY F 81 -1.41 -32.03 6.51
C GLY F 81 -2.53 -32.79 7.25
N HIS F 82 -3.69 -32.13 7.38
CA HIS F 82 -4.84 -32.73 8.04
C HIS F 82 -5.50 -33.73 7.09
N GLU F 83 -5.23 -33.58 5.79
CA GLU F 83 -5.79 -34.46 4.77
C GLU F 83 -4.71 -35.43 4.31
N ILE F 84 -5.11 -36.40 3.48
CA ILE F 84 -4.20 -37.40 2.94
C ILE F 84 -4.56 -37.64 1.48
N SER F 85 -3.53 -37.63 0.62
CA SER F 85 -3.70 -37.79 -0.82
C SER F 85 -3.95 -39.25 -1.21
N LEU F 86 -4.62 -39.41 -2.36
CA LEU F 86 -4.96 -40.70 -2.95
C LEU F 86 -4.18 -40.80 -4.26
N ARG F 87 -3.98 -42.02 -4.77
CA ARG F 87 -3.24 -42.18 -6.01
C ARG F 87 -4.06 -41.67 -7.19
N ASN F 88 -5.39 -41.56 -7.01
CA ASN F 88 -6.25 -41.08 -8.07
C ASN F 88 -6.06 -39.57 -8.26
N GLY F 89 -5.68 -38.87 -7.19
CA GLY F 89 -5.46 -37.43 -7.25
C GLY F 89 -6.28 -36.64 -6.23
N ARG F 90 -7.33 -37.26 -5.69
CA ARG F 90 -8.19 -36.58 -4.72
C ARG F 90 -7.47 -36.45 -3.38
N LYS F 91 -7.99 -35.54 -2.55
CA LYS F 91 -7.48 -35.24 -1.22
C LYS F 91 -8.63 -35.45 -0.24
N VAL F 92 -8.38 -36.15 0.88
CA VAL F 92 -9.44 -36.41 1.84
C VAL F 92 -8.92 -36.36 3.27
N ARG F 93 -9.84 -36.11 4.21
CA ARG F 93 -9.56 -36.06 5.63
C ARG F 93 -10.29 -37.24 6.28
N LEU F 94 -9.57 -38.00 7.11
CA LEU F 94 -10.15 -39.15 7.78
C LEU F 94 -10.36 -38.86 9.26
N ALA F 95 -11.61 -39.04 9.72
CA ALA F 95 -11.97 -38.82 11.11
C ALA F 95 -12.37 -40.16 11.72
N ILE F 96 -11.37 -40.90 12.20
CA ILE F 96 -11.61 -42.21 12.80
C ILE F 96 -12.22 -42.04 14.18
N SER F 97 -13.14 -42.96 14.53
CA SER F 97 -13.82 -42.94 15.81
C SER F 97 -13.77 -44.34 16.43
N ALA F 98 -14.33 -44.48 17.64
CA ALA F 98 -14.33 -45.74 18.36
C ALA F 98 -15.68 -46.45 18.21
N SER F 99 -15.62 -47.79 18.35
CA SER F 99 -16.79 -48.65 18.25
C SER F 99 -16.45 -50.01 18.86
N THR F 100 -17.49 -50.73 19.31
CA THR F 100 -17.32 -52.04 19.91
C THR F 100 -17.17 -53.10 18.82
N THR F 101 -18.07 -53.04 17.82
CA THR F 101 -18.07 -53.98 16.72
C THR F 101 -16.81 -53.81 15.87
N GLY F 102 -16.40 -52.55 15.66
CA GLY F 102 -15.23 -52.24 14.86
C GLY F 102 -14.81 -50.78 15.02
N GLN F 103 -14.88 -50.03 13.91
CA GLN F 103 -14.52 -48.62 13.91
C GLN F 103 -15.29 -47.87 12.82
N LEU F 104 -15.32 -46.53 12.97
CA LEU F 104 -15.98 -45.64 12.05
C LEU F 104 -14.93 -44.74 11.41
N ILE F 105 -14.97 -44.63 10.08
CA ILE F 105 -14.03 -43.79 9.35
C ILE F 105 -14.81 -42.83 8.46
N LEU F 106 -14.87 -41.57 8.88
CA LEU F 106 -15.55 -40.53 8.13
C LEU F 106 -14.57 -39.92 7.15
N ILE F 107 -14.89 -40.01 5.85
CA ILE F 107 -14.03 -39.49 4.81
C ILE F 107 -14.62 -38.20 4.26
N THR F 108 -13.86 -37.10 4.37
CA THR F 108 -14.27 -35.81 3.88
C THR F 108 -13.46 -35.52 2.62
N ASP F 109 -14.09 -34.96 1.59
CA ASP F 109 -13.40 -34.67 0.34
C ASP F 109 -13.03 -33.20 0.26
N LEU F 110 -11.73 -32.92 0.12
CA LEU F 110 -11.23 -31.56 0.02
C LEU F 110 -10.43 -31.38 -1.27
N THR F 111 -10.81 -32.13 -2.31
CA THR F 111 -10.14 -32.05 -3.59
C THR F 111 -10.36 -30.67 -4.19
N GLU F 112 -11.63 -30.29 -4.34
CA GLU F 112 -12.01 -29.01 -4.91
C GLU F 112 -11.47 -27.87 -4.03
N THR F 113 -11.46 -28.09 -2.70
CA THR F 113 -10.98 -27.08 -1.77
C THR F 113 -9.52 -26.76 -2.05
N ARG F 114 -8.62 -27.71 -1.82
CA ARG F 114 -7.19 -27.46 -2.05
C ARG F 114 -6.94 -27.07 -3.50
N LEU F 115 -7.80 -27.52 -4.43
CA LEU F 115 -7.60 -27.15 -5.82
C LEU F 115 -7.69 -25.63 -5.92
N LEU F 116 -8.68 -25.06 -5.21
CA LEU F 116 -8.89 -23.62 -5.20
C LEU F 116 -7.77 -22.94 -4.42
N GLN F 117 -7.38 -23.54 -3.28
CA GLN F 117 -6.31 -23.00 -2.44
C GLN F 117 -4.98 -23.05 -3.18
N SER F 118 -4.78 -24.09 -4.01
CA SER F 118 -3.54 -24.27 -4.76
C SER F 118 -3.49 -23.33 -5.96
N ARG F 119 -4.57 -22.58 -6.21
CA ARG F 119 -4.61 -21.65 -7.33
C ARG F 119 -4.38 -20.22 -6.86
N ILE F 120 -4.93 -19.87 -5.68
CA ILE F 120 -4.78 -18.52 -5.16
C ILE F 120 -3.30 -18.13 -5.16
N SER F 121 -2.41 -19.11 -4.90
CA SER F 121 -0.99 -18.87 -4.87
C SER F 121 -0.51 -18.35 -6.23
N ASP F 122 -0.85 -19.10 -7.29
CA ASP F 122 -0.45 -18.75 -8.64
C ASP F 122 -1.06 -17.41 -9.04
N LEU F 123 -2.36 -17.24 -8.75
CA LEU F 123 -3.08 -16.02 -9.10
C LEU F 123 -2.60 -14.84 -8.26
N GLN F 124 -2.28 -15.09 -6.99
CA GLN F 124 -1.84 -14.04 -6.07
C GLN F 124 -0.64 -13.31 -6.65
N ARG F 125 0.20 -14.06 -7.33
CA ARG F 125 1.43 -13.47 -7.91
C ARG F 125 1.09 -12.73 -9.20
N LEU F 126 0.30 -13.33 -10.07
CA LEU F 126 -0.10 -12.72 -11.33
C LEU F 126 -0.94 -11.46 -11.07
N SER F 127 -1.63 -11.44 -9.93
CA SER F 127 -2.48 -10.32 -9.56
C SER F 127 -1.74 -9.34 -8.65
N SER F 128 -0.44 -9.17 -8.87
CA SER F 128 0.38 -8.27 -8.08
C SER F 128 0.36 -6.87 -8.68
N LEU F 129 0.71 -6.80 -9.97
CA LEU F 129 0.75 -5.55 -10.70
C LEU F 129 -0.61 -4.87 -10.62
N GLY F 130 -1.68 -5.60 -10.97
CA GLY F 130 -3.02 -5.06 -10.92
C GLY F 130 -3.34 -4.46 -9.55
N ARG F 131 -2.94 -5.18 -8.49
CA ARG F 131 -3.17 -4.74 -7.12
C ARG F 131 -2.42 -3.44 -6.86
N MSE F 132 -1.15 -3.40 -7.29
CA MSE F 132 -0.32 -2.21 -7.12
C MSE F 132 -1.03 -0.98 -7.67
O MSE F 132 -1.09 0.05 -7.02
CB MSE F 132 1.04 -2.40 -7.80
CG MSE F 132 2.14 -2.92 -6.90
SE MSE F 132 2.64 -1.70 -5.44
CE MSE F 132 2.38 0.01 -6.36
N VAL F 133 -1.56 -1.11 -8.90
CA VAL F 133 -2.27 -0.03 -9.57
C VAL F 133 -3.42 0.45 -8.69
N ALA F 134 -4.12 -0.48 -8.05
CA ALA F 134 -5.24 -0.14 -7.18
C ALA F 134 -4.74 0.62 -5.95
N SER F 135 -3.53 0.26 -5.48
CA SER F 135 -2.95 0.90 -4.33
C SER F 135 -2.62 2.37 -4.63
N LEU F 136 -2.05 2.60 -5.83
CA LEU F 136 -1.70 3.95 -6.24
C LEU F 136 -2.96 4.78 -6.50
N ALA F 137 -3.98 4.13 -7.06
CA ALA F 137 -5.24 4.80 -7.36
C ALA F 137 -5.95 5.19 -6.05
N HIS F 138 -5.66 4.44 -4.98
CA HIS F 138 -6.25 4.69 -3.67
C HIS F 138 -5.56 5.86 -2.98
N GLN F 139 -4.31 6.14 -3.38
CA GLN F 139 -3.54 7.23 -2.81
C GLN F 139 -3.67 8.50 -3.66
N VAL F 140 -4.69 8.53 -4.53
CA VAL F 140 -4.95 9.67 -5.39
C VAL F 140 -5.93 10.61 -4.70
N ARG F 141 -6.81 10.03 -3.88
CA ARG F 141 -7.82 10.78 -3.15
C ARG F 141 -7.21 11.96 -2.40
N THR F 142 -6.07 11.73 -1.73
CA THR F 142 -5.40 12.77 -0.96
C THR F 142 -5.06 13.99 -1.84
N PRO F 143 -4.07 13.90 -2.77
CA PRO F 143 -3.70 15.05 -3.60
C PRO F 143 -4.80 15.56 -4.53
N LEU F 144 -5.68 14.66 -5.00
CA LEU F 144 -6.76 15.05 -5.88
C LEU F 144 -7.78 15.90 -5.13
N SER F 145 -8.32 15.36 -4.04
CA SER F 145 -9.31 16.07 -3.24
C SER F 145 -8.74 17.41 -2.78
N SER F 146 -7.45 17.40 -2.41
CA SER F 146 -6.77 18.61 -1.96
C SER F 146 -6.73 19.62 -3.10
N ALA F 147 -6.31 19.16 -4.29
CA ALA F 147 -6.22 20.00 -5.47
C ALA F 147 -7.59 20.56 -5.83
N MSE F 148 -8.65 19.80 -5.54
CA MSE F 148 -10.01 20.24 -5.85
C MSE F 148 -10.43 21.34 -4.89
O MSE F 148 -11.07 22.31 -5.30
CB MSE F 148 -10.96 19.05 -5.82
CG MSE F 148 -10.94 18.22 -7.08
SE MSE F 148 -11.90 16.52 -6.86
CE MSE F 148 -13.73 17.21 -6.95
N LEU F 149 -10.06 21.20 -3.61
CA LEU F 149 -10.40 22.21 -2.61
C LEU F 149 -9.64 23.50 -2.92
N TYR F 150 -8.36 23.38 -3.25
CA TYR F 150 -7.53 24.53 -3.57
C TYR F 150 -8.01 25.19 -4.86
N ALA F 151 -8.61 24.40 -5.76
CA ALA F 151 -9.10 24.91 -7.03
C ALA F 151 -10.33 25.79 -6.82
N ALA F 152 -10.99 25.64 -5.66
CA ALA F 152 -12.17 26.42 -5.34
C ALA F 152 -11.80 27.65 -4.52
N ASN F 153 -10.50 27.82 -4.25
CA ASN F 153 -10.01 28.95 -3.47
C ASN F 153 -9.67 30.12 -4.40
N LEU F 154 -9.41 29.83 -5.68
CA LEU F 154 -9.10 30.89 -6.63
C LEU F 154 -10.38 31.64 -6.97
N ALA F 155 -11.50 30.91 -7.01
CA ALA F 155 -12.80 31.49 -7.32
C ALA F 155 -13.33 32.28 -6.12
N ALA F 156 -12.89 31.92 -4.92
CA ALA F 156 -13.33 32.59 -3.70
C ALA F 156 -13.30 34.10 -3.91
N PRO F 157 -14.37 34.83 -3.55
CA PRO F 157 -14.44 36.27 -3.73
C PRO F 157 -13.74 37.11 -2.66
N ASN F 158 -13.50 38.38 -2.99
CA ASN F 158 -12.86 39.35 -2.10
C ASN F 158 -11.47 38.88 -1.71
N LEU F 159 -10.68 38.42 -2.71
CA LEU F 159 -9.32 37.97 -2.47
C LEU F 159 -8.38 38.72 -3.41
N PRO F 160 -7.27 39.30 -2.89
CA PRO F 160 -6.32 40.03 -3.73
C PRO F 160 -5.49 39.07 -4.60
N PRO F 161 -4.92 39.56 -5.73
CA PRO F 161 -4.12 38.72 -6.63
C PRO F 161 -3.07 37.84 -5.95
N ALA F 162 -2.28 38.46 -5.06
CA ALA F 162 -1.23 37.75 -4.34
C ALA F 162 -1.81 36.55 -3.57
N THR F 163 -3.03 36.71 -3.03
CA THR F 163 -3.68 35.65 -2.29
C THR F 163 -4.27 34.64 -3.26
N ARG F 164 -4.77 35.11 -4.42
CA ARG F 164 -5.35 34.23 -5.41
C ARG F 164 -4.26 33.37 -6.06
N GLU F 165 -3.03 33.88 -6.11
CA GLU F 165 -1.94 33.12 -6.72
C GLU F 165 -1.30 32.19 -5.70
N ARG F 166 -1.58 32.39 -4.40
CA ARG F 166 -1.01 31.52 -3.38
C ARG F 166 -1.65 30.14 -3.52
N PHE F 167 -2.99 30.13 -3.58
CA PHE F 167 -3.75 28.90 -3.72
C PHE F 167 -3.46 28.27 -5.09
N GLN F 168 -3.10 29.11 -6.05
CA GLN F 168 -2.78 28.66 -7.40
C GLN F 168 -1.40 27.99 -7.38
N SER F 169 -0.45 28.62 -6.68
CA SER F 169 0.90 28.09 -6.57
C SER F 169 0.92 26.84 -5.69
N LYS F 170 -0.05 26.75 -4.77
CA LYS F 170 -0.14 25.60 -3.87
C LYS F 170 -1.02 24.53 -4.51
N LEU F 171 -1.48 24.79 -5.74
CA LEU F 171 -2.31 23.86 -6.49
C LEU F 171 -1.40 22.99 -7.36
N VAL F 172 -0.47 23.65 -8.07
CA VAL F 172 0.46 22.95 -8.95
C VAL F 172 1.24 21.91 -8.14
N ASP F 173 1.44 22.20 -6.84
CA ASP F 173 2.15 21.28 -5.96
C ASP F 173 1.37 19.97 -5.88
N ARG F 174 0.05 20.09 -5.68
CA ARG F 174 -0.82 18.92 -5.59
C ARG F 174 -0.98 18.27 -6.96
N LEU F 175 -0.81 19.05 -8.03
CA LEU F 175 -0.93 18.51 -9.38
C LEU F 175 0.33 17.71 -9.72
N HIS F 176 1.50 18.22 -9.28
CA HIS F 176 2.76 17.54 -9.53
C HIS F 176 2.81 16.25 -8.70
N ASP F 177 2.42 16.34 -7.43
CA ASP F 177 2.39 15.19 -6.54
C ASP F 177 1.40 14.17 -7.10
N LEU F 178 0.37 14.68 -7.78
CA LEU F 178 -0.66 13.86 -8.39
C LEU F 178 -0.16 13.33 -9.73
N GLU F 179 0.82 14.02 -10.31
CA GLU F 179 1.39 13.64 -11.59
C GLU F 179 2.38 12.49 -11.41
N LYS F 180 3.16 12.51 -10.32
CA LYS F 180 4.12 11.46 -10.07
C LYS F 180 3.42 10.12 -9.82
N GLN F 181 2.18 10.18 -9.30
CA GLN F 181 1.42 8.99 -9.01
C GLN F 181 0.96 8.32 -10.30
N VAL F 182 0.37 9.10 -11.22
CA VAL F 182 -0.11 8.54 -12.47
C VAL F 182 1.07 7.98 -13.26
N ASN F 183 2.16 8.75 -13.34
CA ASN F 183 3.34 8.30 -14.06
C ASN F 183 3.76 6.92 -13.54
N ASP F 184 3.81 6.79 -12.21
CA ASP F 184 4.18 5.54 -11.56
C ASP F 184 3.14 4.48 -11.88
N MSE F 185 1.86 4.89 -11.89
CA MSE F 185 0.74 4.00 -12.18
C MSE F 185 0.75 3.58 -13.65
O MSE F 185 0.48 2.43 -13.96
CB MSE F 185 -0.58 4.69 -11.82
CG MSE F 185 -1.77 3.78 -11.75
SE MSE F 185 -3.44 4.82 -11.72
CE MSE F 185 -3.18 5.72 -9.99
N LEU F 186 1.04 4.53 -14.55
CA LEU F 186 1.04 4.27 -15.98
C LEU F 186 2.34 3.57 -16.40
N LEU F 187 3.30 3.48 -15.47
CA LEU F 187 4.58 2.84 -15.77
C LEU F 187 4.46 1.32 -15.70
N PHE F 188 3.25 0.84 -15.38
CA PHE F 188 2.98 -0.59 -15.31
C PHE F 188 2.43 -1.11 -16.64
N ALA F 189 2.57 -0.31 -17.70
CA ALA F 189 2.09 -0.69 -19.02
C ALA F 189 3.11 -1.59 -19.70
N LYS F 190 4.24 -1.02 -20.11
CA LYS F 190 5.29 -1.77 -20.78
C LYS F 190 6.22 -2.39 -19.73
N SER G 18 -58.93 18.91 31.16
CA SER G 18 -58.76 17.54 31.72
C SER G 18 -57.65 16.81 30.97
N LEU G 19 -57.36 15.57 31.43
CA LEU G 19 -56.32 14.75 30.83
C LEU G 19 -56.95 13.77 29.83
N GLU G 20 -58.17 13.33 30.12
CA GLU G 20 -58.89 12.39 29.28
C GLU G 20 -58.93 12.87 27.82
N ASP G 21 -59.30 14.14 27.63
CA ASP G 21 -59.39 14.71 26.29
C ASP G 21 -57.98 14.92 25.73
N GLN G 22 -57.00 15.12 26.63
CA GLN G 22 -55.61 15.33 26.23
C GLN G 22 -55.02 14.01 25.73
N VAL G 23 -55.48 12.89 26.31
CA VAL G 23 -55.01 11.57 25.94
C VAL G 23 -55.62 11.18 24.59
N GLU G 24 -56.82 11.69 24.30
CA GLU G 24 -57.50 11.36 23.05
C GLU G 24 -56.66 11.78 21.85
N ARG G 25 -56.19 13.03 21.83
CA ARG G 25 -55.39 13.51 20.72
C ARG G 25 -54.13 12.65 20.58
N TYR G 26 -53.33 12.59 21.65
CA TYR G 26 -52.10 11.80 21.65
C TYR G 26 -52.37 10.39 21.16
N LYS G 27 -53.31 9.69 21.82
CA LYS G 27 -53.65 8.33 21.47
C LYS G 27 -54.02 8.22 20.00
N GLN G 28 -54.61 9.30 19.45
CA GLN G 28 -55.02 9.32 18.05
C GLN G 28 -53.82 9.52 17.14
N VAL G 29 -52.78 10.20 17.64
CA VAL G 29 -51.58 10.46 16.87
C VAL G 29 -50.88 9.16 16.48
N LEU G 30 -50.81 8.22 17.43
CA LEU G 30 -50.15 6.94 17.19
C LEU G 30 -50.96 6.05 16.26
N ASP G 31 -52.29 6.26 16.19
CA ASP G 31 -53.13 5.43 15.34
C ASP G 31 -52.96 5.76 13.86
N VAL G 32 -52.36 6.90 13.52
CA VAL G 32 -52.21 7.25 12.12
C VAL G 32 -50.76 7.56 11.74
N MSE G 33 -49.85 7.63 12.73
CA MSE G 33 -48.47 7.94 12.41
C MSE G 33 -47.88 6.78 11.59
O MSE G 33 -48.19 5.62 11.85
CB MSE G 33 -47.66 8.24 13.67
CG MSE G 33 -47.55 7.11 14.67
SE MSE G 33 -46.87 7.78 16.39
CE MSE G 33 -44.95 7.52 16.08
N PRO G 34 -47.01 7.06 10.60
CA PRO G 34 -46.42 6.03 9.76
C PRO G 34 -45.28 5.24 10.40
N ALA G 35 -44.95 5.57 11.65
CA ALA G 35 -43.90 4.89 12.39
C ALA G 35 -44.51 4.03 13.49
N GLY G 36 -44.13 2.75 13.51
CA GLY G 36 -44.65 1.83 14.52
C GLY G 36 -44.16 2.21 15.92
N VAL G 37 -45.00 1.95 16.92
CA VAL G 37 -44.69 2.27 18.30
C VAL G 37 -44.99 1.06 19.17
N ILE G 38 -44.02 0.68 20.01
CA ILE G 38 -44.15 -0.43 20.93
C ILE G 38 -43.89 0.08 22.34
N LEU G 39 -44.85 -0.15 23.23
CA LEU G 39 -44.78 0.27 24.62
C LEU G 39 -44.71 -0.98 25.49
N LEU G 40 -43.56 -1.18 26.15
CA LEU G 40 -43.36 -2.33 27.02
C LEU G 40 -43.58 -1.92 28.48
N ASP G 41 -43.65 -2.92 29.36
CA ASP G 41 -43.84 -2.67 30.78
C ASP G 41 -42.51 -2.94 31.49
N THR G 42 -42.58 -3.08 32.83
CA THR G 42 -41.40 -3.33 33.63
C THR G 42 -40.82 -4.71 33.32
N GLN G 43 -41.70 -5.71 33.24
CA GLN G 43 -41.32 -7.09 32.95
C GLN G 43 -40.81 -7.23 31.52
N GLY G 44 -41.49 -6.56 30.58
CA GLY G 44 -41.14 -6.62 29.18
C GLY G 44 -42.29 -7.14 28.33
N ILE G 45 -43.52 -6.88 28.79
CA ILE G 45 -44.73 -7.30 28.11
C ILE G 45 -45.25 -6.11 27.30
N VAL G 46 -45.68 -6.39 26.07
CA VAL G 46 -46.20 -5.36 25.19
C VAL G 46 -47.51 -4.83 25.78
N ARG G 47 -47.55 -3.54 26.10
CA ARG G 47 -48.73 -2.91 26.67
C ARG G 47 -49.56 -2.25 25.57
N GLU G 48 -48.90 -1.71 24.54
CA GLU G 48 -49.62 -1.06 23.46
C GLU G 48 -48.77 -1.03 22.20
N ALA G 49 -49.42 -1.30 21.06
CA ALA G 49 -48.78 -1.31 19.76
C ALA G 49 -49.75 -0.76 18.73
N ASN G 50 -49.39 0.38 18.10
CA ASN G 50 -50.24 1.01 17.11
C ASN G 50 -50.30 0.13 15.86
N PRO G 51 -51.23 0.41 14.92
CA PRO G 51 -51.37 -0.39 13.70
C PRO G 51 -50.11 -0.55 12.84
N GLU G 52 -49.30 0.51 12.76
CA GLU G 52 -48.08 0.46 11.96
C GLU G 52 -47.18 -0.67 12.46
N ALA G 53 -46.86 -0.65 13.74
CA ALA G 53 -46.01 -1.66 14.34
C ALA G 53 -46.63 -3.05 14.12
N GLN G 54 -47.96 -3.11 14.33
CA GLN G 54 -48.72 -4.34 14.17
C GLN G 54 -48.69 -4.81 12.71
N ARG G 55 -48.51 -3.87 11.77
CA ARG G 55 -48.50 -4.22 10.35
C ARG G 55 -47.08 -4.59 9.90
N LEU G 56 -46.06 -3.97 10.50
CA LEU G 56 -44.68 -4.26 10.13
C LEU G 56 -44.25 -5.60 10.73
N LEU G 57 -44.60 -5.84 11.99
CA LEU G 57 -44.24 -7.10 12.65
C LEU G 57 -45.17 -8.20 12.13
N ASP G 58 -46.49 -7.92 12.20
CA ASP G 58 -47.53 -8.83 11.75
C ASP G 58 -47.50 -10.11 12.58
N VAL G 59 -47.59 -9.95 13.91
CA VAL G 59 -47.59 -11.06 14.84
C VAL G 59 -48.29 -10.60 16.12
N PRO G 60 -48.83 -11.51 16.96
CA PRO G 60 -49.50 -11.11 18.20
C PRO G 60 -48.54 -10.29 19.05
N LEU G 61 -48.91 -9.03 19.35
CA LEU G 61 -48.08 -8.13 20.12
C LEU G 61 -48.63 -7.95 21.54
N VAL G 62 -49.75 -7.23 21.66
CA VAL G 62 -50.35 -6.95 22.96
C VAL G 62 -50.63 -8.26 23.69
N GLY G 63 -50.15 -8.33 24.95
CA GLY G 63 -50.32 -9.49 25.80
C GLY G 63 -49.31 -10.60 25.50
N GLU G 64 -48.09 -10.20 25.12
CA GLU G 64 -47.03 -11.14 24.80
C GLU G 64 -45.69 -10.59 25.30
N LYS G 65 -44.74 -11.48 25.54
CA LYS G 65 -43.41 -11.09 25.98
C LYS G 65 -42.66 -10.54 24.76
N TRP G 66 -41.95 -9.42 24.95
CA TRP G 66 -41.23 -8.79 23.86
C TRP G 66 -40.19 -9.75 23.27
N TYR G 67 -39.41 -10.40 24.14
CA TYR G 67 -38.38 -11.33 23.70
C TYR G 67 -38.95 -12.42 22.81
N SER G 68 -40.21 -12.80 23.05
CA SER G 68 -40.86 -13.83 22.26
C SER G 68 -41.20 -13.29 20.86
N VAL G 69 -41.61 -12.01 20.81
CA VAL G 69 -41.96 -11.36 19.55
C VAL G 69 -40.70 -11.24 18.68
N ILE G 70 -39.53 -11.24 19.32
CA ILE G 70 -38.26 -11.12 18.60
C ILE G 70 -37.98 -12.44 17.89
N GLN G 71 -38.43 -13.56 18.47
CA GLN G 71 -38.21 -14.87 17.91
C GLN G 71 -39.30 -15.27 16.92
N ILE G 72 -40.22 -14.35 16.60
CA ILE G 72 -41.29 -14.68 15.67
C ILE G 72 -41.46 -13.61 14.60
N ALA G 73 -40.91 -12.40 14.84
CA ALA G 73 -41.08 -11.33 13.88
C ALA G 73 -39.76 -10.88 13.23
N PHE G 74 -38.63 -11.05 13.93
CA PHE G 74 -37.35 -10.63 13.36
C PHE G 74 -36.58 -11.79 12.75
N ALA G 75 -35.69 -11.42 11.82
CA ALA G 75 -34.83 -12.36 11.09
C ALA G 75 -33.55 -11.63 10.71
N PRO G 76 -32.63 -11.40 11.66
CA PRO G 76 -31.37 -10.71 11.40
C PRO G 76 -30.54 -11.32 10.28
N ARG G 77 -29.75 -10.48 9.60
CA ARG G 77 -28.89 -10.90 8.51
C ARG G 77 -27.52 -10.25 8.68
N ASP G 78 -26.56 -10.68 7.85
CA ASP G 78 -25.21 -10.15 7.87
C ASP G 78 -25.16 -8.94 6.94
N ASP G 79 -25.92 -9.01 5.84
CA ASP G 79 -25.99 -7.94 4.86
C ASP G 79 -26.56 -6.67 5.49
N ASP G 80 -27.32 -6.83 6.58
CA ASP G 80 -27.91 -5.70 7.28
C ASP G 80 -26.80 -4.77 7.78
N GLY G 81 -27.20 -3.53 8.09
CA GLY G 81 -26.29 -2.52 8.59
C GLY G 81 -26.84 -1.91 9.87
N HIS G 82 -27.39 -0.69 9.76
CA HIS G 82 -27.97 0.00 10.90
C HIS G 82 -29.41 -0.50 11.09
N GLU G 83 -30.03 -0.92 9.98
CA GLU G 83 -31.39 -1.43 9.99
C GLU G 83 -31.38 -2.93 10.29
N ILE G 84 -32.51 -3.43 10.80
CA ILE G 84 -32.66 -4.84 11.14
C ILE G 84 -33.78 -5.40 10.26
N SER G 85 -33.63 -6.67 9.85
CA SER G 85 -34.61 -7.32 8.99
C SER G 85 -35.60 -8.17 9.78
N LEU G 86 -36.79 -8.35 9.16
CA LEU G 86 -37.88 -9.14 9.72
C LEU G 86 -38.07 -10.36 8.85
N ARG G 87 -39.02 -11.23 9.22
CA ARG G 87 -39.26 -12.43 8.43
C ARG G 87 -39.94 -12.04 7.12
N ASN G 88 -40.73 -10.95 7.16
CA ASN G 88 -41.45 -10.45 6.00
C ASN G 88 -40.49 -9.82 4.99
N GLY G 89 -39.22 -9.66 5.36
CA GLY G 89 -38.24 -9.09 4.45
C GLY G 89 -37.99 -7.60 4.67
N ARG G 90 -38.96 -6.88 5.25
CA ARG G 90 -38.80 -5.45 5.48
C ARG G 90 -37.53 -5.19 6.28
N LYS G 91 -36.80 -4.15 5.84
CA LYS G 91 -35.57 -3.72 6.48
C LYS G 91 -35.91 -2.44 7.24
N VAL G 92 -36.20 -2.59 8.54
CA VAL G 92 -36.62 -1.50 9.40
C VAL G 92 -35.51 -1.11 10.38
N ARG G 93 -35.60 0.15 10.87
CA ARG G 93 -34.65 0.69 11.84
C ARG G 93 -35.38 0.84 13.17
N LEU G 94 -34.62 0.70 14.28
CA LEU G 94 -35.19 0.81 15.61
C LEU G 94 -34.59 1.99 16.37
N ALA G 95 -35.42 2.58 17.24
CA ALA G 95 -35.04 3.70 18.09
C ALA G 95 -35.44 3.35 19.51
N ILE G 96 -34.64 2.47 20.13
CA ILE G 96 -34.87 1.99 21.48
C ILE G 96 -34.64 3.10 22.50
N SER G 97 -35.67 3.38 23.29
CA SER G 97 -35.61 4.40 24.32
C SER G 97 -36.17 3.82 25.63
N ALA G 98 -35.44 4.04 26.73
CA ALA G 98 -35.84 3.54 28.03
C ALA G 98 -36.83 4.50 28.67
N SER G 99 -37.54 4.01 29.69
CA SER G 99 -38.53 4.80 30.42
C SER G 99 -38.70 4.24 31.82
N THR G 100 -39.52 4.93 32.63
CA THR G 100 -39.78 4.52 33.99
C THR G 100 -40.80 3.39 34.00
N THR G 101 -41.78 3.46 33.08
CA THR G 101 -42.82 2.45 32.97
C THR G 101 -42.26 1.22 32.22
N GLY G 102 -41.33 1.46 31.29
CA GLY G 102 -40.74 0.37 30.53
C GLY G 102 -39.77 0.89 29.46
N GLN G 103 -40.08 0.57 28.19
CA GLN G 103 -39.27 1.00 27.07
C GLN G 103 -40.16 1.52 25.94
N LEU G 104 -39.51 2.25 25.02
CA LEU G 104 -40.15 2.82 23.85
C LEU G 104 -39.33 2.42 22.63
N ILE G 105 -39.99 1.74 21.68
CA ILE G 105 -39.34 1.29 20.47
C ILE G 105 -40.11 1.84 19.27
N LEU G 106 -39.44 2.70 18.49
CA LEU G 106 -40.03 3.28 17.30
C LEU G 106 -39.57 2.47 16.09
N ILE G 107 -40.55 1.89 15.39
CA ILE G 107 -40.30 1.07 14.22
C ILE G 107 -40.47 1.91 12.96
N THR G 108 -39.32 2.34 12.39
CA THR G 108 -39.30 3.16 11.19
C THR G 108 -38.81 2.29 10.03
N ASP G 109 -39.63 2.17 8.98
CA ASP G 109 -39.32 1.35 7.82
C ASP G 109 -38.47 2.12 6.81
N LEU G 110 -37.36 1.48 6.37
CA LEU G 110 -36.44 2.04 5.39
C LEU G 110 -36.19 1.00 4.31
N THR G 111 -37.24 0.24 3.96
CA THR G 111 -37.14 -0.80 2.95
C THR G 111 -37.05 -0.16 1.56
N GLU G 112 -37.67 1.02 1.41
CA GLU G 112 -37.68 1.72 0.13
C GLU G 112 -36.52 2.70 0.04
N THR G 113 -35.90 3.04 1.19
CA THR G 113 -34.79 3.97 1.21
C THR G 113 -33.54 3.30 0.64
N ARG G 114 -33.17 2.14 1.20
CA ARG G 114 -31.99 1.41 0.75
C ARG G 114 -32.27 0.74 -0.60
N LEU G 115 -33.52 0.79 -1.06
CA LEU G 115 -33.87 0.22 -2.35
C LEU G 115 -33.28 1.14 -3.42
N LEU G 116 -33.38 2.46 -3.17
CA LEU G 116 -32.85 3.46 -4.08
C LEU G 116 -31.32 3.38 -4.08
N GLN G 117 -30.74 3.22 -2.89
CA GLN G 117 -29.30 3.11 -2.74
C GLN G 117 -28.78 1.91 -3.53
N SER G 118 -29.59 0.85 -3.54
CA SER G 118 -29.26 -0.37 -4.26
C SER G 118 -29.32 -0.14 -5.77
N ARG G 119 -30.21 0.77 -6.19
CA ARG G 119 -30.37 1.10 -7.60
C ARG G 119 -29.20 2.00 -8.03
N ILE G 120 -28.87 2.99 -7.19
CA ILE G 120 -27.77 3.91 -7.48
C ILE G 120 -26.49 3.11 -7.69
N SER G 121 -26.18 2.21 -6.75
CA SER G 121 -24.99 1.39 -6.82
C SER G 121 -24.87 0.70 -8.18
N ASP G 122 -25.98 0.18 -8.68
CA ASP G 122 -26.00 -0.52 -9.95
C ASP G 122 -25.85 0.45 -11.12
N LEU G 123 -26.43 1.66 -10.99
CA LEU G 123 -26.33 2.64 -12.07
C LEU G 123 -24.89 3.13 -12.19
N GLN G 124 -24.26 3.44 -11.04
CA GLN G 124 -22.88 3.90 -11.01
C GLN G 124 -21.96 2.80 -11.55
N ARG G 125 -22.37 1.55 -11.32
CA ARG G 125 -21.61 0.38 -11.74
C ARG G 125 -21.70 0.27 -13.26
N LEU G 126 -22.91 0.42 -13.82
CA LEU G 126 -23.13 0.36 -15.26
C LEU G 126 -22.53 1.61 -15.90
N SER G 127 -22.41 2.69 -15.10
CA SER G 127 -21.85 3.94 -15.58
C SER G 127 -20.34 3.79 -15.78
N SER G 128 -19.69 3.10 -14.83
CA SER G 128 -18.25 2.88 -14.89
C SER G 128 -17.91 1.98 -16.08
N LEU G 129 -18.75 0.95 -16.30
CA LEU G 129 -18.53 0.02 -17.40
C LEU G 129 -18.53 0.78 -18.73
N GLY G 130 -19.39 1.79 -18.84
CA GLY G 130 -19.50 2.59 -20.04
C GLY G 130 -18.24 3.42 -20.31
N ARG G 131 -17.60 3.88 -19.22
CA ARG G 131 -16.38 4.68 -19.32
C ARG G 131 -15.14 3.79 -19.28
N MSE G 132 -15.33 2.49 -19.55
CA MSE G 132 -14.21 1.55 -19.54
C MSE G 132 -14.37 0.53 -20.65
O MSE G 132 -13.60 -0.43 -20.72
CB MSE G 132 -14.13 0.86 -18.17
CG MSE G 132 -13.64 1.75 -17.04
SE MSE G 132 -13.51 0.77 -15.35
CE MSE G 132 -11.57 0.50 -15.31
N VAL G 133 -15.35 0.74 -21.54
CA VAL G 133 -15.60 -0.19 -22.64
C VAL G 133 -14.36 -0.24 -23.54
N ALA G 134 -13.80 0.94 -23.85
CA ALA G 134 -12.62 1.03 -24.70
C ALA G 134 -11.49 0.20 -24.11
N SER G 135 -11.34 0.26 -22.79
CA SER G 135 -10.30 -0.47 -22.08
C SER G 135 -10.60 -1.96 -22.05
N LEU G 136 -11.84 -2.30 -21.67
CA LEU G 136 -12.26 -3.70 -21.59
C LEU G 136 -12.23 -4.34 -22.98
N ALA G 137 -12.42 -3.53 -24.02
CA ALA G 137 -12.42 -4.02 -25.40
C ALA G 137 -10.99 -4.15 -25.92
N HIS G 138 -10.07 -3.34 -25.39
CA HIS G 138 -8.68 -3.40 -25.81
C HIS G 138 -8.02 -4.63 -25.20
N GLN G 139 -8.64 -5.18 -24.16
CA GLN G 139 -8.11 -6.37 -23.49
C GLN G 139 -8.56 -7.63 -24.22
N VAL G 140 -9.60 -7.52 -25.05
CA VAL G 140 -10.10 -8.68 -25.78
C VAL G 140 -9.49 -8.72 -27.19
N ARG G 141 -9.07 -7.57 -27.71
CA ARG G 141 -8.49 -7.53 -29.04
C ARG G 141 -7.16 -8.28 -29.07
N THR G 142 -6.38 -8.19 -27.98
CA THR G 142 -5.09 -8.86 -27.89
C THR G 142 -5.29 -10.38 -28.00
N PRO G 143 -6.10 -11.01 -27.11
CA PRO G 143 -6.32 -12.47 -27.19
C PRO G 143 -7.09 -12.91 -28.43
N LEU G 144 -7.92 -12.01 -28.97
CA LEU G 144 -8.71 -12.32 -30.16
C LEU G 144 -7.82 -12.27 -31.39
N SER G 145 -7.04 -11.20 -31.52
CA SER G 145 -6.14 -11.02 -32.65
C SER G 145 -5.08 -12.12 -32.65
N SER G 146 -4.62 -12.51 -31.47
CA SER G 146 -3.61 -13.55 -31.32
C SER G 146 -4.22 -14.91 -31.66
N ALA G 147 -5.54 -15.04 -31.43
CA ALA G 147 -6.24 -16.29 -31.70
C ALA G 147 -6.48 -16.42 -33.20
N MSE G 148 -6.50 -15.28 -33.91
CA MSE G 148 -6.72 -15.27 -35.35
C MSE G 148 -5.44 -15.67 -36.08
O MSE G 148 -5.48 -16.01 -37.25
CB MSE G 148 -7.20 -13.89 -35.80
CG MSE G 148 -8.66 -13.61 -35.50
SE MSE G 148 -9.40 -12.18 -36.63
CE MSE G 148 -9.02 -10.65 -35.46
N LEU G 149 -4.30 -15.62 -35.36
CA LEU G 149 -3.02 -16.00 -35.93
C LEU G 149 -2.91 -17.52 -35.96
N TYR G 150 -3.48 -18.17 -34.93
CA TYR G 150 -3.46 -19.61 -34.84
C TYR G 150 -4.45 -20.23 -35.84
N ALA G 151 -5.36 -19.38 -36.36
CA ALA G 151 -6.35 -19.84 -37.33
C ALA G 151 -5.65 -20.24 -38.63
N ALA G 152 -4.52 -19.58 -38.92
CA ALA G 152 -3.75 -19.85 -40.13
C ALA G 152 -3.00 -21.18 -39.97
N ASN G 153 -2.74 -21.56 -38.71
CA ASN G 153 -2.04 -22.81 -38.40
C ASN G 153 -3.05 -23.88 -38.02
N LEU G 154 -4.01 -24.13 -38.94
CA LEU G 154 -5.05 -25.13 -38.72
C LEU G 154 -5.74 -24.87 -37.37
N PRO G 160 4.79 -31.18 -38.08
CA PRO G 160 4.72 -32.53 -37.49
C PRO G 160 3.60 -32.64 -36.45
N PRO G 161 3.32 -33.86 -35.92
CA PRO G 161 2.27 -34.06 -34.92
C PRO G 161 2.50 -33.35 -33.58
N ALA G 162 3.74 -32.91 -33.34
CA ALA G 162 4.09 -32.23 -32.09
C ALA G 162 3.92 -30.72 -32.22
N THR G 163 4.02 -30.20 -33.44
CA THR G 163 3.89 -28.77 -33.68
C THR G 163 2.45 -28.39 -34.05
N ARG G 164 1.53 -29.36 -33.98
CA ARG G 164 0.13 -29.10 -34.30
C ARG G 164 -0.72 -29.26 -33.04
N GLU G 165 -0.28 -30.14 -32.14
CA GLU G 165 -0.99 -30.37 -30.89
C GLU G 165 -0.74 -29.23 -29.92
N ARG G 166 0.32 -28.44 -30.17
CA ARG G 166 0.67 -27.31 -29.33
C ARG G 166 -0.37 -26.20 -29.51
N PHE G 167 -0.76 -25.94 -30.76
CA PHE G 167 -1.73 -24.89 -31.07
C PHE G 167 -3.14 -25.33 -30.71
N GLN G 168 -3.34 -26.64 -30.54
CA GLN G 168 -4.65 -27.18 -30.20
C GLN G 168 -5.01 -26.78 -28.77
N SER G 169 -4.12 -27.12 -27.83
CA SER G 169 -4.33 -26.81 -26.42
C SER G 169 -4.04 -25.34 -26.12
N LYS G 170 -3.30 -24.67 -27.02
CA LYS G 170 -2.95 -23.27 -26.85
C LYS G 170 -4.11 -22.38 -27.27
N LEU G 171 -4.89 -22.83 -28.26
CA LEU G 171 -6.02 -22.05 -28.75
C LEU G 171 -7.16 -22.07 -27.75
N VAL G 172 -7.55 -23.27 -27.30
CA VAL G 172 -8.64 -23.42 -26.33
C VAL G 172 -8.40 -22.53 -25.12
N ASP G 173 -7.15 -22.51 -24.62
CA ASP G 173 -6.80 -21.70 -23.46
C ASP G 173 -6.86 -20.21 -23.83
N ARG G 174 -6.52 -19.89 -25.08
CA ARG G 174 -6.54 -18.51 -25.55
C ARG G 174 -7.98 -18.04 -25.69
N LEU G 175 -8.88 -18.96 -26.07
CA LEU G 175 -10.29 -18.65 -26.22
C LEU G 175 -10.97 -18.71 -24.85
N HIS G 176 -10.35 -19.46 -23.92
CA HIS G 176 -10.87 -19.60 -22.58
C HIS G 176 -10.63 -18.29 -21.82
N ASP G 177 -9.60 -17.55 -22.24
CA ASP G 177 -9.27 -16.27 -21.63
C ASP G 177 -10.45 -15.33 -21.84
N LEU G 178 -10.98 -15.30 -23.06
CA LEU G 178 -12.12 -14.47 -23.42
C LEU G 178 -13.32 -14.87 -22.56
N GLU G 179 -13.60 -16.17 -22.53
CA GLU G 179 -14.72 -16.74 -21.78
C GLU G 179 -14.82 -16.11 -20.38
N LYS G 180 -13.68 -15.84 -19.76
CA LYS G 180 -13.67 -15.26 -18.42
C LYS G 180 -13.91 -13.75 -18.48
N GLN G 181 -13.36 -13.06 -19.49
CA GLN G 181 -13.55 -11.63 -19.58
C GLN G 181 -15.02 -11.30 -19.88
N VAL G 182 -15.58 -11.95 -20.91
CA VAL G 182 -16.97 -11.72 -21.28
C VAL G 182 -17.85 -11.88 -20.05
N ASN G 183 -17.65 -12.98 -19.30
CA ASN G 183 -18.42 -13.23 -18.11
C ASN G 183 -18.08 -12.18 -17.05
N ASP G 184 -16.77 -11.95 -16.87
CA ASP G 184 -16.28 -10.98 -15.90
C ASP G 184 -16.97 -9.64 -16.11
N MSE G 185 -17.39 -9.39 -17.36
CA MSE G 185 -18.08 -8.14 -17.70
C MSE G 185 -19.54 -8.24 -17.27
O MSE G 185 -20.13 -7.25 -16.85
CB MSE G 185 -18.01 -7.88 -19.21
CG MSE G 185 -16.70 -7.29 -19.68
SE MSE G 185 -16.69 -7.12 -21.64
CE MSE G 185 -16.99 -5.18 -21.77
N LEU G 186 -20.11 -9.45 -17.39
CA LEU G 186 -21.50 -9.70 -17.04
C LEU G 186 -21.69 -9.57 -15.52
N LEU G 187 -20.92 -10.36 -14.75
CA LEU G 187 -21.03 -10.32 -13.30
C LEU G 187 -20.73 -8.92 -12.77
N PHE G 188 -19.97 -8.13 -13.54
CA PHE G 188 -19.65 -6.78 -13.12
C PHE G 188 -20.85 -5.87 -13.37
N ALA G 189 -21.77 -6.32 -14.23
CA ALA G 189 -22.95 -5.54 -14.57
C ALA G 189 -24.16 -5.95 -13.73
N LYS G 190 -24.11 -7.14 -13.11
CA LYS G 190 -25.22 -7.61 -12.28
C LYS G 190 -24.74 -7.82 -10.84
N GLY G 191 -23.62 -8.53 -10.68
CA GLY G 191 -23.06 -8.80 -9.35
C GLY G 191 -22.38 -7.57 -8.77
N SER H 18 -52.82 6.75 36.67
CA SER H 18 -53.04 5.91 35.46
C SER H 18 -52.98 6.79 34.21
N LEU H 19 -53.89 7.77 34.14
CA LEU H 19 -53.94 8.69 33.01
C LEU H 19 -52.71 9.61 33.02
N GLU H 20 -52.26 9.97 34.23
CA GLU H 20 -51.10 10.85 34.39
C GLU H 20 -49.87 10.17 33.79
N ASP H 21 -49.71 8.87 34.05
CA ASP H 21 -48.59 8.10 33.54
C ASP H 21 -48.81 7.79 32.06
N GLN H 22 -50.07 7.70 31.65
CA GLN H 22 -50.43 7.41 30.26
C GLN H 22 -50.04 8.59 29.38
N VAL H 23 -50.09 9.81 29.94
CA VAL H 23 -49.73 11.02 29.22
C VAL H 23 -48.21 11.10 29.14
N GLU H 24 -47.53 10.75 30.23
CA GLU H 24 -46.08 10.79 30.30
C GLU H 24 -45.49 9.98 29.15
N ARG H 25 -46.01 8.77 28.93
CA ARG H 25 -45.56 7.90 27.87
C ARG H 25 -45.85 8.51 26.50
N TYR H 26 -47.13 8.86 26.27
CA TYR H 26 -47.54 9.45 25.00
C TYR H 26 -46.77 10.74 24.73
N LYS H 27 -46.36 11.44 25.79
CA LYS H 27 -45.62 12.69 25.61
C LYS H 27 -44.21 12.36 25.11
N GLN H 28 -43.64 11.25 25.60
CA GLN H 28 -42.30 10.83 25.21
C GLN H 28 -42.30 10.36 23.75
N VAL H 29 -43.42 9.79 23.31
CA VAL H 29 -43.55 9.28 21.95
C VAL H 29 -43.31 10.40 20.94
N LEU H 30 -43.88 11.58 21.17
CA LEU H 30 -43.73 12.70 20.25
C LEU H 30 -42.38 13.40 20.41
N ASP H 31 -41.63 13.11 21.48
CA ASP H 31 -40.34 13.77 21.67
C ASP H 31 -39.22 13.05 20.94
N VAL H 32 -39.49 11.89 20.32
CA VAL H 32 -38.42 11.17 19.64
C VAL H 32 -38.87 10.58 18.30
N MSE H 33 -40.15 10.78 17.91
CA MSE H 33 -40.60 10.24 16.64
C MSE H 33 -40.06 11.08 15.50
O MSE H 33 -40.00 12.30 15.60
CB MSE H 33 -42.13 10.09 16.61
CG MSE H 33 -42.90 11.39 16.72
SE MSE H 33 -44.80 10.98 17.01
CE MSE H 33 -45.36 10.84 15.13
N PRO H 34 -39.64 10.46 14.37
CA PRO H 34 -39.09 11.19 13.23
C PRO H 34 -40.11 12.02 12.43
N ALA H 35 -41.41 11.76 12.66
CA ALA H 35 -42.45 12.49 11.98
C ALA H 35 -42.94 13.64 12.85
N GLY H 36 -43.04 14.84 12.27
CA GLY H 36 -43.51 16.01 12.99
C GLY H 36 -44.98 15.88 13.35
N VAL H 37 -45.40 16.60 14.40
CA VAL H 37 -46.78 16.57 14.85
C VAL H 37 -47.26 18.00 15.08
N ILE H 38 -48.47 18.30 14.61
CA ILE H 38 -49.08 19.62 14.76
C ILE H 38 -50.51 19.44 15.27
N LEU H 39 -50.75 19.94 16.49
CA LEU H 39 -52.07 19.85 17.11
C LEU H 39 -52.69 21.25 17.19
N LEU H 40 -53.77 21.45 16.44
CA LEU H 40 -54.46 22.74 16.42
C LEU H 40 -55.70 22.64 17.31
N ASP H 41 -56.25 23.81 17.67
CA ASP H 41 -57.44 23.84 18.51
C ASP H 41 -58.66 23.96 17.61
N THR H 42 -59.76 24.50 18.16
CA THR H 42 -61.00 24.64 17.41
C THR H 42 -60.87 25.71 16.32
N GLN H 43 -60.41 26.92 16.66
CA GLN H 43 -60.25 27.96 15.65
C GLN H 43 -58.87 27.87 15.00
N GLY H 44 -58.43 26.64 14.69
CA GLY H 44 -57.16 26.38 14.05
C GLY H 44 -56.00 27.21 14.59
N ILE H 45 -55.58 26.92 15.82
CA ILE H 45 -54.46 27.62 16.45
C ILE H 45 -53.53 26.56 17.01
N VAL H 46 -52.23 26.73 16.77
CA VAL H 46 -51.21 25.79 17.23
C VAL H 46 -51.05 25.90 18.74
N ARG H 47 -51.46 24.85 19.47
CA ARG H 47 -51.32 24.85 20.92
C ARG H 47 -50.30 23.81 21.35
N GLU H 48 -49.81 23.00 20.40
CA GLU H 48 -48.83 21.98 20.70
C GLU H 48 -48.17 21.47 19.43
N ALA H 49 -46.84 21.38 19.46
CA ALA H 49 -46.03 20.92 18.35
C ALA H 49 -44.78 20.23 18.91
N ASN H 50 -44.44 19.07 18.36
CA ASN H 50 -43.29 18.32 18.83
C ASN H 50 -41.99 18.94 18.30
N PRO H 51 -40.84 18.70 18.98
CA PRO H 51 -39.55 19.25 18.55
C PRO H 51 -39.15 18.99 17.10
N GLU H 52 -39.66 17.89 16.53
CA GLU H 52 -39.34 17.54 15.15
C GLU H 52 -39.90 18.60 14.20
N ALA H 53 -41.21 18.87 14.33
CA ALA H 53 -41.88 19.86 13.51
C ALA H 53 -41.23 21.23 13.68
N GLN H 54 -40.83 21.54 14.92
CA GLN H 54 -40.20 22.81 15.25
C GLN H 54 -38.95 23.02 14.40
N ARG H 55 -38.22 21.93 14.15
CA ARG H 55 -37.00 21.99 13.36
C ARG H 55 -37.32 22.08 11.87
N LEU H 56 -38.28 21.26 11.42
CA LEU H 56 -38.67 21.24 10.02
C LEU H 56 -39.20 22.60 9.58
N LEU H 57 -40.21 23.10 10.30
CA LEU H 57 -40.83 24.38 9.97
C LEU H 57 -39.85 25.54 10.25
N ASP H 58 -39.20 25.52 11.42
CA ASP H 58 -38.25 26.53 11.80
C ASP H 58 -38.95 27.90 11.80
N VAL H 59 -39.80 28.11 12.80
CA VAL H 59 -40.56 29.34 12.97
C VAL H 59 -41.46 29.18 14.20
N PRO H 60 -41.66 30.21 15.03
CA PRO H 60 -42.53 30.09 16.20
C PRO H 60 -43.88 29.53 15.77
N LEU H 61 -44.33 28.46 16.45
CA LEU H 61 -45.59 27.80 16.13
C LEU H 61 -46.63 28.05 17.23
N VAL H 62 -46.29 27.67 18.46
CA VAL H 62 -47.20 27.82 19.60
C VAL H 62 -47.77 29.24 19.63
N GLY H 63 -49.10 29.32 19.68
CA GLY H 63 -49.81 30.59 19.72
C GLY H 63 -49.75 31.35 18.41
N GLU H 64 -49.99 30.65 17.30
CA GLU H 64 -49.98 31.24 15.97
C GLU H 64 -51.03 30.59 15.08
N LYS H 65 -51.61 31.40 14.19
CA LYS H 65 -52.61 30.92 13.26
C LYS H 65 -51.89 30.07 12.21
N TRP H 66 -52.23 28.78 12.15
CA TRP H 66 -51.60 27.86 11.22
C TRP H 66 -51.48 28.47 9.83
N TYR H 67 -52.59 29.02 9.31
CA TYR H 67 -52.59 29.63 7.98
C TYR H 67 -51.61 30.79 7.92
N SER H 68 -51.36 31.45 9.05
CA SER H 68 -50.42 32.56 9.09
C SER H 68 -48.98 32.04 9.10
N VAL H 69 -48.79 30.84 9.66
CA VAL H 69 -47.48 30.21 9.73
C VAL H 69 -47.09 29.73 8.33
N ILE H 70 -48.08 29.16 7.61
CA ILE H 70 -47.87 28.66 6.26
C ILE H 70 -47.28 29.75 5.38
N GLN H 71 -47.60 31.01 5.69
CA GLN H 71 -47.10 32.15 4.92
C GLN H 71 -45.58 32.23 5.01
N ILE H 72 -45.05 31.99 6.22
CA ILE H 72 -43.63 32.10 6.51
C ILE H 72 -42.92 30.74 6.52
N ALA H 73 -43.64 29.67 6.87
CA ALA H 73 -43.05 28.34 6.97
C ALA H 73 -42.83 27.65 5.62
N PHE H 74 -43.86 27.63 4.76
CA PHE H 74 -43.74 26.95 3.48
C PHE H 74 -43.31 27.89 2.35
N ALA H 75 -42.64 27.30 1.36
CA ALA H 75 -42.14 27.98 0.18
C ALA H 75 -42.28 27.03 -1.02
N PRO H 76 -43.52 26.79 -1.50
CA PRO H 76 -43.76 25.86 -2.60
C PRO H 76 -42.92 26.02 -3.87
N ARG H 77 -42.73 24.89 -4.56
CA ARG H 77 -41.98 24.84 -5.80
C ARG H 77 -42.78 23.98 -6.77
N ASP H 78 -42.77 24.36 -8.06
CA ASP H 78 -43.51 23.65 -9.08
C ASP H 78 -43.06 22.18 -9.20
N ASP H 79 -41.90 21.84 -8.63
CA ASP H 79 -41.39 20.47 -8.72
C ASP H 79 -41.65 19.67 -7.45
N ASP H 80 -42.50 20.17 -6.54
CA ASP H 80 -42.81 19.45 -5.31
C ASP H 80 -43.59 18.19 -5.62
N GLY H 81 -44.80 18.36 -6.17
CA GLY H 81 -45.65 17.22 -6.51
C GLY H 81 -46.37 16.68 -5.28
N HIS H 82 -45.92 15.50 -4.80
CA HIS H 82 -46.51 14.88 -3.63
C HIS H 82 -46.08 15.63 -2.37
N GLU H 83 -44.79 15.95 -2.28
CA GLU H 83 -44.25 16.66 -1.13
C GLU H 83 -44.51 18.16 -1.29
N ILE H 84 -43.88 18.96 -0.41
CA ILE H 84 -43.99 20.41 -0.44
C ILE H 84 -42.74 20.98 0.23
N SER H 85 -42.14 22.00 -0.39
CA SER H 85 -40.92 22.62 0.11
C SER H 85 -41.19 23.56 1.29
N LEU H 86 -40.11 23.87 2.02
CA LEU H 86 -40.14 24.75 3.18
C LEU H 86 -39.09 25.85 2.99
N ARG H 87 -39.07 26.82 3.91
CA ARG H 87 -38.12 27.93 3.87
C ARG H 87 -36.72 27.41 3.50
N ASN H 88 -36.15 26.68 4.44
CA ASN H 88 -34.82 26.10 4.34
C ASN H 88 -34.64 25.33 3.03
N GLY H 89 -35.52 24.35 2.79
CA GLY H 89 -35.41 23.57 1.57
C GLY H 89 -35.91 22.13 1.74
N ARG H 90 -36.06 21.69 3.00
CA ARG H 90 -36.55 20.34 3.25
C ARG H 90 -37.83 20.08 2.46
N LYS H 91 -37.90 18.87 1.88
CA LYS H 91 -39.04 18.42 1.11
C LYS H 91 -39.81 17.46 2.02
N VAL H 92 -40.97 17.93 2.52
CA VAL H 92 -41.77 17.13 3.43
C VAL H 92 -43.12 16.79 2.79
N ARG H 93 -43.72 15.71 3.30
CA ARG H 93 -45.03 15.24 2.85
C ARG H 93 -45.97 15.36 4.03
N LEU H 94 -47.07 16.10 3.84
CA LEU H 94 -48.06 16.33 4.88
C LEU H 94 -49.01 15.15 5.01
N ALA H 95 -49.56 15.01 6.22
CA ALA H 95 -50.53 13.98 6.56
C ALA H 95 -51.63 14.67 7.35
N ILE H 96 -52.48 15.38 6.60
CA ILE H 96 -53.58 16.17 7.13
C ILE H 96 -54.74 15.28 7.60
N SER H 97 -55.50 15.82 8.57
CA SER H 97 -56.67 15.19 9.15
C SER H 97 -57.40 16.22 10.00
N ALA H 98 -58.55 15.84 10.58
CA ALA H 98 -59.31 16.76 11.41
C ALA H 98 -60.20 15.97 12.37
N SER H 99 -60.67 16.68 13.42
CA SER H 99 -61.52 16.08 14.43
C SER H 99 -62.28 17.19 15.18
N THR H 100 -63.15 16.78 16.10
CA THR H 100 -63.95 17.72 16.89
C THR H 100 -63.04 18.58 17.75
N THR H 101 -61.87 18.04 18.12
CA THR H 101 -60.91 18.76 18.95
C THR H 101 -60.18 19.80 18.10
N GLY H 102 -59.80 19.43 16.87
CA GLY H 102 -59.10 20.34 15.99
C GLY H 102 -58.54 19.67 14.74
N GLN H 103 -57.27 19.98 14.43
CA GLN H 103 -56.60 19.42 13.26
C GLN H 103 -55.30 18.73 13.66
N LEU H 104 -54.99 17.66 12.94
CA LEU H 104 -53.78 16.87 13.15
C LEU H 104 -53.00 16.88 11.83
N ILE H 105 -51.74 17.32 11.89
CA ILE H 105 -50.89 17.40 10.71
C ILE H 105 -49.54 16.77 11.01
N LEU H 106 -49.31 15.57 10.44
CA LEU H 106 -48.05 14.87 10.61
C LEU H 106 -47.15 15.23 9.43
N ILE H 107 -45.96 15.75 9.75
CA ILE H 107 -44.99 16.17 8.74
C ILE H 107 -43.83 15.19 8.69
N THR H 108 -43.66 14.52 7.55
CA THR H 108 -42.59 13.56 7.34
C THR H 108 -41.60 14.17 6.34
N ASP H 109 -40.31 14.04 6.63
CA ASP H 109 -39.26 14.59 5.79
C ASP H 109 -38.78 13.55 4.77
N LEU H 110 -38.86 13.91 3.49
CA LEU H 110 -38.43 13.04 2.41
C LEU H 110 -37.34 13.73 1.58
N THR H 111 -36.58 14.63 2.22
CA THR H 111 -35.52 15.35 1.54
C THR H 111 -34.46 14.37 1.06
N GLU H 112 -34.09 13.41 1.92
CA GLU H 112 -33.09 12.42 1.60
C GLU H 112 -33.59 11.49 0.50
N THR H 113 -34.89 11.18 0.51
CA THR H 113 -35.49 10.30 -0.48
C THR H 113 -35.47 11.00 -1.84
N ARG H 114 -35.87 12.28 -1.86
CA ARG H 114 -35.90 13.09 -3.07
C ARG H 114 -34.51 13.20 -3.67
N LEU H 115 -33.48 13.20 -2.82
CA LEU H 115 -32.11 13.32 -3.29
C LEU H 115 -31.73 12.07 -4.08
N LEU H 116 -32.01 10.89 -3.50
CA LEU H 116 -31.71 9.62 -4.13
C LEU H 116 -32.38 9.54 -5.50
N GLN H 117 -33.69 9.80 -5.53
CA GLN H 117 -34.45 9.73 -6.77
C GLN H 117 -33.91 10.73 -7.79
N SER H 118 -33.32 11.84 -7.31
CA SER H 118 -32.75 12.84 -8.20
C SER H 118 -31.49 12.30 -8.86
N ARG H 119 -30.65 11.63 -8.06
CA ARG H 119 -29.40 11.05 -8.54
C ARG H 119 -29.70 9.94 -9.55
N ILE H 120 -30.69 9.10 -9.24
CA ILE H 120 -31.07 8.01 -10.10
C ILE H 120 -31.51 8.55 -11.47
N SER H 121 -32.23 9.67 -11.48
CA SER H 121 -32.70 10.26 -12.74
C SER H 121 -31.52 10.81 -13.55
N ASP H 122 -30.40 11.13 -12.87
CA ASP H 122 -29.23 11.65 -13.54
C ASP H 122 -28.37 10.50 -14.08
N LEU H 123 -28.05 9.55 -13.20
CA LEU H 123 -27.25 8.39 -13.56
C LEU H 123 -27.91 7.58 -14.67
N GLN H 124 -29.25 7.60 -14.69
CA GLN H 124 -30.02 6.86 -15.67
C GLN H 124 -29.63 7.31 -17.09
N ARG H 125 -29.22 8.58 -17.22
CA ARG H 125 -28.84 9.16 -18.50
C ARG H 125 -27.53 8.58 -19.01
N LEU H 126 -26.67 8.09 -18.11
CA LEU H 126 -25.37 7.53 -18.51
C LEU H 126 -25.27 6.04 -18.17
N SER H 127 -26.42 5.39 -17.94
CA SER H 127 -26.42 3.97 -17.60
C SER H 127 -26.71 3.10 -18.83
N SER H 128 -27.22 3.72 -19.89
CA SER H 128 -27.55 3.01 -21.12
C SER H 128 -26.31 2.35 -21.72
N LEU H 129 -25.17 3.07 -21.69
CA LEU H 129 -23.92 2.57 -22.23
C LEU H 129 -23.55 1.24 -21.56
N GLY H 130 -23.77 1.14 -20.24
CA GLY H 130 -23.46 -0.07 -19.51
C GLY H 130 -24.30 -1.26 -19.94
N ARG H 131 -25.59 -1.00 -20.20
CA ARG H 131 -26.53 -2.03 -20.62
C ARG H 131 -26.13 -2.52 -22.02
N MSE H 132 -25.69 -1.58 -22.86
CA MSE H 132 -25.27 -1.90 -24.21
C MSE H 132 -24.05 -2.80 -24.16
O MSE H 132 -24.08 -3.92 -24.67
CB MSE H 132 -24.97 -0.61 -24.99
CG MSE H 132 -24.94 -0.79 -26.50
SE MSE H 132 -26.72 -1.19 -27.21
CE MSE H 132 -26.35 -2.98 -27.91
N VAL H 133 -22.98 -2.32 -23.50
CA VAL H 133 -21.74 -3.07 -23.36
C VAL H 133 -22.04 -4.46 -22.82
N ALA H 134 -23.00 -4.54 -21.88
CA ALA H 134 -23.38 -5.81 -21.28
C ALA H 134 -24.12 -6.67 -22.29
N SER H 135 -25.03 -6.06 -23.04
CA SER H 135 -25.82 -6.77 -24.05
C SER H 135 -24.90 -7.29 -25.16
N LEU H 136 -23.89 -6.50 -25.52
CA LEU H 136 -22.94 -6.90 -26.55
C LEU H 136 -22.08 -8.07 -26.07
N ALA H 137 -21.96 -8.23 -24.75
CA ALA H 137 -21.19 -9.32 -24.18
C ALA H 137 -21.89 -10.65 -24.46
N HIS H 138 -23.23 -10.63 -24.44
CA HIS H 138 -24.01 -11.83 -24.70
C HIS H 138 -23.92 -12.19 -26.19
N GLN H 139 -23.82 -11.15 -27.04
CA GLN H 139 -23.71 -11.35 -28.47
C GLN H 139 -22.35 -11.98 -28.80
N VAL H 140 -21.42 -11.89 -27.85
CA VAL H 140 -20.08 -12.45 -28.02
C VAL H 140 -20.04 -13.80 -27.30
N ARG H 141 -20.79 -13.92 -26.21
CA ARG H 141 -20.84 -15.13 -25.41
C ARG H 141 -21.46 -16.30 -26.18
N THR H 142 -22.56 -16.04 -26.88
CA THR H 142 -23.27 -17.08 -27.63
C THR H 142 -22.40 -17.70 -28.73
N PRO H 143 -21.80 -16.91 -29.65
CA PRO H 143 -20.97 -17.49 -30.72
C PRO H 143 -19.58 -17.98 -30.33
N LEU H 144 -18.94 -17.28 -29.39
CA LEU H 144 -17.60 -17.62 -28.95
C LEU H 144 -17.61 -18.94 -28.16
N SER H 145 -18.57 -19.08 -27.24
CA SER H 145 -18.68 -20.27 -26.41
C SER H 145 -18.92 -21.51 -27.26
N SER H 146 -19.54 -21.33 -28.43
CA SER H 146 -19.84 -22.45 -29.32
C SER H 146 -18.56 -23.00 -29.95
N ALA H 147 -17.55 -22.14 -30.12
CA ALA H 147 -16.29 -22.54 -30.72
C ALA H 147 -15.52 -23.50 -29.82
N MSE H 148 -15.60 -23.27 -28.50
CA MSE H 148 -14.90 -24.10 -27.53
C MSE H 148 -15.22 -25.59 -27.73
O MSE H 148 -14.33 -26.43 -27.61
CB MSE H 148 -15.27 -23.65 -26.11
CG MSE H 148 -14.60 -22.38 -25.67
SE MSE H 148 -15.57 -21.53 -24.18
CE MSE H 148 -15.81 -23.10 -23.04
N LEU H 149 -16.49 -25.90 -28.03
CA LEU H 149 -16.89 -27.29 -28.23
C LEU H 149 -16.33 -27.83 -29.54
N TYR H 150 -16.47 -27.06 -30.62
CA TYR H 150 -15.98 -27.47 -31.93
C TYR H 150 -14.46 -27.39 -32.00
N ALA H 151 -13.85 -26.57 -31.11
CA ALA H 151 -12.41 -26.42 -31.07
C ALA H 151 -11.82 -27.22 -29.92
N ALA H 152 -12.56 -28.23 -29.45
CA ALA H 152 -12.12 -29.06 -28.34
C ALA H 152 -11.10 -30.09 -28.86
N PRO H 160 -9.47 -38.94 -39.19
CA PRO H 160 -10.32 -38.09 -40.04
C PRO H 160 -9.67 -36.72 -40.29
N PRO H 161 -8.64 -36.64 -41.17
CA PRO H 161 -7.96 -35.37 -41.46
C PRO H 161 -8.47 -34.58 -42.65
N ALA H 162 -9.71 -34.83 -43.09
CA ALA H 162 -10.29 -34.12 -44.22
C ALA H 162 -10.62 -32.69 -43.78
N THR H 163 -11.59 -32.58 -42.87
CA THR H 163 -12.05 -31.32 -42.30
C THR H 163 -12.36 -31.58 -40.83
N ARG H 164 -13.00 -32.73 -40.58
CA ARG H 164 -13.38 -33.20 -39.25
C ARG H 164 -14.42 -32.23 -38.65
N GLU H 165 -14.08 -31.66 -37.49
CA GLU H 165 -14.98 -30.73 -36.82
C GLU H 165 -14.51 -29.31 -37.11
N ARG H 166 -14.50 -28.93 -38.39
CA ARG H 166 -14.09 -27.60 -38.77
C ARG H 166 -15.33 -26.70 -38.72
N PHE H 167 -16.18 -26.96 -37.72
CA PHE H 167 -17.38 -26.18 -37.52
C PHE H 167 -16.95 -24.85 -36.88
N GLN H 168 -15.63 -24.70 -36.81
CA GLN H 168 -14.96 -23.52 -36.27
C GLN H 168 -14.95 -22.46 -37.37
N SER H 169 -14.85 -22.92 -38.62
CA SER H 169 -14.80 -22.08 -39.80
C SER H 169 -15.93 -21.06 -39.78
N LYS H 170 -17.17 -21.53 -39.60
CA LYS H 170 -18.32 -20.64 -39.55
C LYS H 170 -18.12 -19.64 -38.42
N LEU H 171 -17.32 -20.05 -37.41
CA LEU H 171 -17.03 -19.20 -36.27
C LEU H 171 -15.75 -18.41 -36.55
N VAL H 172 -14.96 -18.83 -37.55
CA VAL H 172 -13.76 -18.12 -37.92
C VAL H 172 -14.21 -16.80 -38.54
N ASP H 173 -15.33 -16.85 -39.26
CA ASP H 173 -15.92 -15.66 -39.87
C ASP H 173 -16.45 -14.80 -38.72
N ARG H 174 -16.84 -15.47 -37.63
CA ARG H 174 -17.35 -14.78 -36.45
C ARG H 174 -16.18 -14.03 -35.81
N LEU H 175 -14.99 -14.65 -35.79
CA LEU H 175 -13.84 -13.98 -35.20
C LEU H 175 -13.85 -12.53 -35.67
N HIS H 176 -14.19 -12.34 -36.96
CA HIS H 176 -14.26 -11.00 -37.53
C HIS H 176 -15.50 -10.31 -36.97
N ASP H 177 -16.60 -11.06 -36.83
CA ASP H 177 -17.83 -10.50 -36.28
C ASP H 177 -17.57 -10.04 -34.84
N LEU H 178 -16.91 -10.89 -34.03
CA LEU H 178 -16.60 -10.49 -32.67
C LEU H 178 -15.67 -9.27 -32.74
N GLU H 179 -14.89 -9.19 -33.83
CA GLU H 179 -13.98 -8.09 -34.04
C GLU H 179 -14.81 -6.87 -34.44
N LYS H 180 -15.92 -7.11 -35.16
CA LYS H 180 -16.81 -6.03 -35.58
C LYS H 180 -17.47 -5.42 -34.34
N GLN H 181 -17.82 -6.28 -33.38
CA GLN H 181 -18.48 -5.84 -32.16
C GLN H 181 -17.54 -4.99 -31.31
N VAL H 182 -16.24 -5.31 -31.29
CA VAL H 182 -15.30 -4.53 -30.51
C VAL H 182 -15.09 -3.18 -31.18
N ASN H 183 -15.18 -3.13 -32.51
CA ASN H 183 -15.01 -1.87 -33.22
C ASN H 183 -16.01 -0.87 -32.66
N ASP H 184 -17.27 -1.33 -32.52
CA ASP H 184 -18.34 -0.51 -31.99
C ASP H 184 -18.02 -0.17 -30.54
N MSE H 185 -17.57 -1.18 -29.77
CA MSE H 185 -17.24 -0.99 -28.37
C MSE H 185 -16.24 0.17 -28.23
O MSE H 185 -16.41 1.04 -27.38
CB MSE H 185 -16.65 -2.28 -27.78
CG MSE H 185 -17.70 -3.30 -27.35
SE MSE H 185 -16.89 -4.93 -26.62
CE MSE H 185 -18.51 -5.82 -25.95
N LEU H 186 -15.20 0.16 -29.08
CA LEU H 186 -14.18 1.19 -29.09
C LEU H 186 -14.75 2.49 -29.66
N LEU H 187 -15.60 2.34 -30.68
CA LEU H 187 -16.21 3.48 -31.37
C LEU H 187 -17.20 4.21 -30.46
N PHE H 188 -17.81 3.50 -29.49
CA PHE H 188 -18.74 4.15 -28.57
C PHE H 188 -18.06 5.31 -27.87
N ALA H 189 -16.83 5.06 -27.38
CA ALA H 189 -16.04 6.08 -26.68
C ALA H 189 -16.86 6.68 -25.53
S SO4 I . 21.95 9.93 2.13
O1 SO4 I . 22.44 10.24 0.82
O2 SO4 I . 20.57 10.31 2.23
O3 SO4 I . 22.07 8.51 2.35
O4 SO4 I . 22.71 10.64 3.12
S SO4 J . 16.64 6.39 4.37
O1 SO4 J . 16.69 6.16 2.96
O2 SO4 J . 15.43 5.82 4.92
O3 SO4 J . 17.78 5.78 5.01
O4 SO4 J . 16.66 7.80 4.63
S SO4 K . 11.36 -15.80 -11.08
O1 SO4 K . 11.68 -14.40 -11.05
O2 SO4 K . 10.04 -15.98 -11.64
O3 SO4 K . 12.32 -16.50 -11.89
O4 SO4 K . 11.38 -16.33 -9.74
S SO4 L . 29.03 35.38 -10.73
O1 SO4 L . 29.32 34.07 -11.25
O2 SO4 L . 29.87 36.34 -11.39
O3 SO4 L . 27.65 35.71 -11.00
O4 SO4 L . 29.27 35.41 -9.32
S SO4 M . 23.08 13.55 -1.80
O1 SO4 M . 23.37 13.68 -3.20
O2 SO4 M . 21.85 14.23 -1.51
O3 SO4 M . 22.94 12.16 -1.47
O4 SO4 M . 24.14 14.13 -1.03
S SO4 N . 18.20 20.31 -15.22
O1 SO4 N . 17.92 21.63 -15.70
O2 SO4 N . 17.43 19.35 -15.96
O3 SO4 N . 19.61 20.02 -15.40
O4 SO4 N . 17.88 20.22 -13.82
S SO4 O . 4.24 1.85 -2.36
O1 SO4 O . 3.56 2.46 -3.47
O2 SO4 O . 3.28 1.38 -1.39
O3 SO4 O . 5.02 0.74 -2.83
O4 SO4 O . 5.11 2.82 -1.74
S SO4 P . 27.53 6.24 -25.94
O1 SO4 P . 27.57 7.61 -26.33
O2 SO4 P . 26.22 5.70 -26.17
O3 SO4 P . 28.50 5.50 -26.70
O4 SO4 P . 27.85 6.13 -24.53
S SO4 Q . 32.76 6.85 -31.67
O1 SO4 Q . 33.45 5.60 -31.84
O2 SO4 Q . 33.61 7.93 -32.11
O3 SO4 Q . 31.55 6.84 -32.45
O4 SO4 Q . 32.44 7.03 -30.28
S SO4 R . 33.53 15.46 -41.96
O1 SO4 R . 34.74 15.96 -42.57
O2 SO4 R . 32.40 15.93 -42.70
O3 SO4 R . 33.54 14.02 -41.96
O4 SO4 R . 33.45 15.94 -40.61
S SO4 S . 17.34 -5.38 -16.86
O1 SO4 S . 18.22 -5.98 -17.83
O2 SO4 S . 17.97 -4.19 -16.34
O3 SO4 S . 16.10 -5.03 -17.49
O4 SO4 S . 17.10 -6.31 -15.79
S SO4 T . 21.79 -5.23 -15.89
O1 SO4 T . 22.21 -5.00 -17.23
O2 SO4 T . 20.55 -5.95 -15.87
O3 SO4 T . 22.79 -5.99 -15.19
O4 SO4 T . 21.61 -3.97 -15.22
S SO4 U . 4.11 1.63 12.41
O1 SO4 U . 3.80 0.79 11.28
O2 SO4 U . 3.23 1.32 13.50
O3 SO4 U . 5.47 1.41 12.81
O4 SO4 U . 3.94 3.01 12.03
CL CL V . 20.58 2.90 6.52
S SO4 W . 39.86 36.17 15.87
O1 SO4 W . 40.01 37.55 15.50
O2 SO4 W . 38.47 35.90 16.15
O3 SO4 W . 40.30 35.34 14.78
O4 SO4 W . 40.65 35.90 17.03
S SO4 X . 35.01 0.07 12.45
O1 SO4 X . 35.27 1.49 12.51
O2 SO4 X . 33.60 -0.17 12.60
O3 SO4 X . 35.45 -0.44 11.18
O4 SO4 X . 35.72 -0.58 13.51
S SO4 Y . 20.04 24.83 42.99
O1 SO4 Y . 18.73 25.39 42.76
O2 SO4 Y . 20.25 24.66 44.40
O3 SO4 Y . 21.04 25.71 42.46
O4 SO4 Y . 20.12 23.55 42.34
S SO4 Z . 20.04 -1.72 16.87
O1 SO4 Z . 18.89 -0.93 17.25
O2 SO4 Z . 19.78 -3.10 17.17
O3 SO4 Z . 20.30 -1.57 15.46
O4 SO4 Z . 21.19 -1.28 17.62
S SO4 AA . 18.48 3.51 15.22
O1 SO4 AA . 17.97 4.30 14.13
O2 SO4 AA . 17.75 3.82 16.41
O3 SO4 AA . 18.33 2.13 14.91
O4 SO4 AA . 19.87 3.82 15.42
S SO4 BA . 42.96 32.99 39.13
O1 SO4 BA . 43.48 32.91 37.78
O2 SO4 BA . 41.58 33.37 39.09
O3 SO4 BA . 43.10 31.70 39.76
O4 SO4 BA . 43.72 33.97 39.87
S SO4 CA . 37.67 13.34 24.10
O1 SO4 CA . 38.13 14.26 23.09
O2 SO4 CA . 36.24 13.46 24.24
O3 SO4 CA . 38.01 12.01 23.72
O4 SO4 CA . 38.30 13.66 25.36
S SO4 DA . 21.36 35.43 39.60
O1 SO4 DA . 20.53 35.71 38.47
O2 SO4 DA . 20.53 35.06 40.72
O3 SO4 DA . 22.26 34.34 39.30
O4 SO4 DA . 22.13 36.60 39.94
CL CL EA . -10.44 9.22 -26.77
CL CL FA . -9.67 20.51 -23.21
S SO4 GA . -33.23 -28.50 18.65
O1 SO4 GA . -34.57 -28.76 18.21
O2 SO4 GA . -32.75 -29.62 19.40
O3 SO4 GA . -32.39 -28.28 17.51
O4 SO4 GA . -33.22 -27.32 19.49
S SO4 HA . -22.29 -8.39 -0.43
O1 SO4 HA . -22.41 -8.58 -1.85
O2 SO4 HA . -23.57 -8.03 0.11
O3 SO4 HA . -21.83 -9.61 0.17
O4 SO4 HA . -21.34 -7.34 -0.16
S SO4 IA . -2.81 -3.38 -0.59
O1 SO4 IA . -3.65 -3.99 -1.58
O2 SO4 IA . -3.56 -2.42 0.17
O3 SO4 IA . -2.32 -4.41 0.30
O4 SO4 IA . -1.69 -2.73 -1.22
S SO4 JA . -12.29 -20.79 -13.48
O1 SO4 JA . -13.25 -20.95 -14.54
O2 SO4 JA . -12.70 -21.54 -12.33
O3 SO4 JA . -11.00 -21.24 -13.94
O4 SO4 JA . -12.19 -19.39 -13.13
S SO4 KA . -17.41 -52.28 -3.03
O1 SO4 KA . -16.84 -51.05 -3.55
O2 SO4 KA . -18.06 -53.01 -4.09
O3 SO4 KA . -16.36 -53.09 -2.47
O4 SO4 KA . -18.37 -51.97 -2.01
S SO4 LA . -15.24 -34.98 -9.34
S SO4 LA . -17.10 -38.04 -10.92
O1 SO4 LA . -15.30 -34.18 -10.54
O1 SO4 LA . -16.08 -37.04 -11.14
O2 SO4 LA . -15.85 -34.26 -8.26
O2 SO4 LA . -18.40 -37.41 -10.96
O3 SO4 LA . -15.93 -36.22 -9.56
O3 SO4 LA . -17.02 -39.04 -11.95
O4 SO4 LA . -13.86 -35.25 -9.02
O4 SO4 LA . -16.89 -38.65 -9.64
S SO4 MA . 4.35 20.42 -0.06
O1 SO4 MA . 3.50 20.23 -1.20
O2 SO4 MA . 3.57 20.32 1.14
O3 SO4 MA . 5.38 19.43 -0.06
O4 SO4 MA . 4.95 21.73 -0.13
S SO4 NA . -3.55 5.41 1.86
O1 SO4 NA . -4.38 5.57 0.70
O2 SO4 NA . -4.25 4.65 2.86
O3 SO4 NA . -2.34 4.72 1.50
O4 SO4 NA . -3.22 6.71 2.39
S SO4 OA . -52.47 -8.15 18.97
O1 SO4 OA . -53.86 -7.80 18.89
O2 SO4 OA . -52.30 -9.17 19.98
O3 SO4 OA . -52.02 -8.64 17.70
O4 SO4 OA . -51.71 -6.98 19.35
S SO4 PA . -7.01 -19.09 -14.46
O1 SO4 PA . -7.06 -20.53 -14.42
O2 SO4 PA . -8.06 -18.55 -13.65
O3 SO4 PA . -5.74 -18.64 -13.97
O4 SO4 PA . -7.18 -18.65 -15.83
S SO4 QA . -33.44 1.30 -12.68
O1 SO4 QA . -34.07 2.54 -13.02
O2 SO4 QA . -34.40 0.23 -12.77
O3 SO4 QA . -32.37 1.04 -13.59
O4 SO4 QA . -32.93 1.37 -11.34
S SO4 RA . -29.45 -4.68 0.58
O1 SO4 RA . -30.45 -5.55 1.14
O2 SO4 RA . -29.81 -4.36 -0.78
O3 SO4 RA . -29.39 -3.47 1.36
O4 SO4 RA . -28.17 -5.33 0.61
S SO4 SA . -21.41 -3.87 -2.03
O1 SO4 SA . -22.62 -3.98 -1.24
O2 SO4 SA . -20.47 -4.87 -1.62
O3 SO4 SA . -21.73 -4.04 -3.42
O4 SO4 SA . -20.84 -2.56 -1.83
S SO4 TA . -42.38 26.98 19.56
O1 SO4 TA . -42.13 28.36 19.90
O2 SO4 TA . -43.41 26.93 18.54
O3 SO4 TA . -41.18 26.38 19.06
O4 SO4 TA . -42.82 26.26 20.73
S SO4 UA . -23.14 10.61 -8.22
O1 SO4 UA . -22.35 9.88 -9.19
O2 SO4 UA . -24.38 9.94 -8.02
O3 SO4 UA . -22.42 10.67 -6.98
O4 SO4 UA . -23.39 11.94 -8.71
S SO4 VA . -22.44 7.25 -2.77
O1 SO4 VA . -21.64 7.00 -3.95
O2 SO4 VA . -23.79 6.84 -3.01
O3 SO4 VA . -21.89 6.50 -1.66
O4 SO4 VA . -22.40 8.65 -2.47
S SO4 WA . -62.75 13.05 17.87
O1 SO4 WA . -63.81 13.30 16.94
O2 SO4 WA . -63.22 12.17 18.91
O3 SO4 WA . -61.64 12.43 17.19
O4 SO4 WA . -62.32 14.28 18.46
S SO4 XA . -31.59 15.08 7.44
O1 SO4 XA . -32.27 15.16 6.17
O2 SO4 XA . -31.89 16.25 8.22
O3 SO4 XA . -32.04 13.91 8.15
O4 SO4 XA . -30.18 14.98 7.22
S SO4 YA . -33.36 22.04 -7.88
O1 SO4 YA . -33.61 21.48 -9.19
O2 SO4 YA . -34.23 21.41 -6.92
O3 SO4 YA . -31.98 21.80 -7.52
O4 SO4 YA . -33.62 23.44 -7.90
S SO4 ZA . -35.58 17.59 -7.47
O1 SO4 ZA . -34.56 17.91 -8.43
O2 SO4 ZA . -36.54 16.71 -8.07
O3 SO4 ZA . -34.98 16.94 -6.33
O4 SO4 ZA . -36.23 18.79 -7.04
S SO4 AB . -7.21 -35.77 -34.38
O1 SO4 AB . -7.75 -35.57 -35.71
O2 SO4 AB . -8.21 -36.36 -33.55
O3 SO4 AB . -6.07 -36.63 -34.46
O4 SO4 AB . -6.81 -34.50 -33.84
#